data_3KHT
# 
_entry.id   3KHT 
# 
_audit_conform.dict_name       mmcif_pdbx.dic 
_audit_conform.dict_version    5.399 
_audit_conform.dict_location   http://mmcif.pdb.org/dictionaries/ascii/mmcif_pdbx.dic 
# 
loop_
_database_2.database_id 
_database_2.database_code 
_database_2.pdbx_database_accession 
_database_2.pdbx_DOI 
PDB   3KHT         pdb_00003kht 10.2210/pdb3kht/pdb 
RCSB  RCSB056010   ?            ?                   
WWPDB D_1000056010 ?            ?                   
# 
loop_
_pdbx_audit_revision_history.ordinal 
_pdbx_audit_revision_history.data_content_type 
_pdbx_audit_revision_history.major_revision 
_pdbx_audit_revision_history.minor_revision 
_pdbx_audit_revision_history.revision_date 
1 'Structure model' 1 0 2009-11-10 
2 'Structure model' 1 1 2011-07-13 
3 'Structure model' 1 2 2021-02-10 
4 'Structure model' 1 3 2024-11-20 
# 
_pdbx_audit_revision_details.ordinal             1 
_pdbx_audit_revision_details.revision_ordinal    1 
_pdbx_audit_revision_details.data_content_type   'Structure model' 
_pdbx_audit_revision_details.provider            repository 
_pdbx_audit_revision_details.type                'Initial release' 
_pdbx_audit_revision_details.description         ? 
_pdbx_audit_revision_details.details             ? 
# 
loop_
_pdbx_audit_revision_group.ordinal 
_pdbx_audit_revision_group.revision_ordinal 
_pdbx_audit_revision_group.data_content_type 
_pdbx_audit_revision_group.group 
1 2 'Structure model' 'Source and taxonomy'       
2 2 'Structure model' 'Version format compliance' 
3 3 'Structure model' 'Database references'       
4 3 'Structure model' 'Derived calculations'      
5 3 'Structure model' 'Structure summary'         
6 4 'Structure model' 'Data collection'           
7 4 'Structure model' 'Database references'       
8 4 'Structure model' 'Structure summary'         
# 
loop_
_pdbx_audit_revision_category.ordinal 
_pdbx_audit_revision_category.revision_ordinal 
_pdbx_audit_revision_category.data_content_type 
_pdbx_audit_revision_category.category 
1 3 'Structure model' audit_author              
2 3 'Structure model' citation_author           
3 3 'Structure model' struct_conn               
4 3 'Structure model' struct_ref_seq_dif        
5 4 'Structure model' chem_comp_atom            
6 4 'Structure model' chem_comp_bond            
7 4 'Structure model' database_2                
8 4 'Structure model' pdbx_entry_details        
9 4 'Structure model' pdbx_modification_feature 
# 
loop_
_pdbx_audit_revision_item.ordinal 
_pdbx_audit_revision_item.revision_ordinal 
_pdbx_audit_revision_item.data_content_type 
_pdbx_audit_revision_item.item 
1 3 'Structure model' '_audit_author.identifier_ORCID'      
2 3 'Structure model' '_citation_author.identifier_ORCID'   
3 3 'Structure model' '_struct_conn.pdbx_leaving_atom_flag' 
4 3 'Structure model' '_struct_ref_seq_dif.details'         
5 4 'Structure model' '_database_2.pdbx_DOI'                
6 4 'Structure model' '_database_2.pdbx_database_accession' 
# 
_pdbx_database_status.status_code                     REL 
_pdbx_database_status.entry_id                        3KHT 
_pdbx_database_status.recvd_initial_deposition_date   2009-10-30 
_pdbx_database_status.deposit_site                    RCSB 
_pdbx_database_status.process_site                    RCSB 
_pdbx_database_status.status_code_sf                  REL 
_pdbx_database_status.status_code_mr                  ? 
_pdbx_database_status.SG_entry                        Y 
_pdbx_database_status.pdb_format_compatible           Y 
_pdbx_database_status.status_code_cs                  ? 
_pdbx_database_status.status_code_nmr_data            ? 
_pdbx_database_status.methods_development_category    ? 
# 
_pdbx_database_related.db_name        TargetDB 
_pdbx_database_related.db_id          NYSGXRC-11023k 
_pdbx_database_related.details        . 
_pdbx_database_related.content_type   unspecified 
# 
loop_
_audit_author.name 
_audit_author.pdbx_ordinal 
_audit_author.identifier_ORCID 
'Bagaria, A.'                                                    1 ?                   
'Burley, S.K.'                                                   2 0000-0002-2487-9713 
'Swaminathan, S.'                                                3 ?                   
'New York SGX Research Center for Structural Genomics (NYSGXRC)' 4 ?                   
# 
_citation.id                        primary 
_citation.title                     'Crystal structure of response regulator from Hahella chejuensis' 
_citation.journal_abbrev            'To be Published' 
_citation.journal_volume            ? 
_citation.page_first                ? 
_citation.page_last                 ? 
_citation.year                      ? 
_citation.journal_id_ASTM           ? 
_citation.country                   ? 
_citation.journal_id_ISSN           ? 
_citation.journal_id_CSD            0353 
_citation.book_publisher            ? 
_citation.pdbx_database_id_PubMed   ? 
_citation.pdbx_database_id_DOI      ? 
# 
loop_
_citation_author.citation_id 
_citation_author.name 
_citation_author.ordinal 
_citation_author.identifier_ORCID 
primary 'Bagaria, A.'     1 ?                   
primary 'Burley, S.K.'    2 0000-0002-2487-9713 
primary 'Swaminathan, S.' 3 ?                   
# 
loop_
_entity.id 
_entity.type 
_entity.src_method 
_entity.pdbx_description 
_entity.formula_weight 
_entity.pdbx_number_of_molecules 
_entity.pdbx_ec 
_entity.pdbx_mutation 
_entity.pdbx_fragment 
_entity.details 
1 polymer man 'Response regulator' 16386.117 1  ? ? 'sequence database residues 13-145' ? 
2 water   nat water                18.015    74 ? ? ?                                   ? 
# 
_entity_poly.entity_id                      1 
_entity_poly.type                           'polypeptide(L)' 
_entity_poly.nstd_linkage                   no 
_entity_poly.nstd_monomer                   yes 
_entity_poly.pdbx_seq_one_letter_code       
;(MSE)SLRSKRVLVVEDNPDDIALIRRVLDRKDIHCQLEFVDNGAKALYQVQQAKYDLIILDIGLPIANGFEV(MSE)SA
VRKPGANQHTPIVILTDNVSDDRAKQC(MSE)AAGASSVVDKSSNNVTDFYGRIYAIFSYWLTVNHCQEGHHHHHH
;
_entity_poly.pdbx_seq_one_letter_code_can   
;MSLRSKRVLVVEDNPDDIALIRRVLDRKDIHCQLEFVDNGAKALYQVQQAKYDLIILDIGLPIANGFEVMSAVRKPGANQ
HTPIVILTDNVSDDRAKQCMAAGASSVVDKSSNNVTDFYGRIYAIFSYWLTVNHCQEGHHHHHH
;
_entity_poly.pdbx_strand_id                 A 
_entity_poly.pdbx_target_identifier         NYSGXRC-11023k 
# 
_pdbx_entity_nonpoly.entity_id   2 
_pdbx_entity_nonpoly.name        water 
_pdbx_entity_nonpoly.comp_id     HOH 
# 
loop_
_entity_poly_seq.entity_id 
_entity_poly_seq.num 
_entity_poly_seq.mon_id 
_entity_poly_seq.hetero 
1 1   MSE n 
1 2   SER n 
1 3   LEU n 
1 4   ARG n 
1 5   SER n 
1 6   LYS n 
1 7   ARG n 
1 8   VAL n 
1 9   LEU n 
1 10  VAL n 
1 11  VAL n 
1 12  GLU n 
1 13  ASP n 
1 14  ASN n 
1 15  PRO n 
1 16  ASP n 
1 17  ASP n 
1 18  ILE n 
1 19  ALA n 
1 20  LEU n 
1 21  ILE n 
1 22  ARG n 
1 23  ARG n 
1 24  VAL n 
1 25  LEU n 
1 26  ASP n 
1 27  ARG n 
1 28  LYS n 
1 29  ASP n 
1 30  ILE n 
1 31  HIS n 
1 32  CYS n 
1 33  GLN n 
1 34  LEU n 
1 35  GLU n 
1 36  PHE n 
1 37  VAL n 
1 38  ASP n 
1 39  ASN n 
1 40  GLY n 
1 41  ALA n 
1 42  LYS n 
1 43  ALA n 
1 44  LEU n 
1 45  TYR n 
1 46  GLN n 
1 47  VAL n 
1 48  GLN n 
1 49  GLN n 
1 50  ALA n 
1 51  LYS n 
1 52  TYR n 
1 53  ASP n 
1 54  LEU n 
1 55  ILE n 
1 56  ILE n 
1 57  LEU n 
1 58  ASP n 
1 59  ILE n 
1 60  GLY n 
1 61  LEU n 
1 62  PRO n 
1 63  ILE n 
1 64  ALA n 
1 65  ASN n 
1 66  GLY n 
1 67  PHE n 
1 68  GLU n 
1 69  VAL n 
1 70  MSE n 
1 71  SER n 
1 72  ALA n 
1 73  VAL n 
1 74  ARG n 
1 75  LYS n 
1 76  PRO n 
1 77  GLY n 
1 78  ALA n 
1 79  ASN n 
1 80  GLN n 
1 81  HIS n 
1 82  THR n 
1 83  PRO n 
1 84  ILE n 
1 85  VAL n 
1 86  ILE n 
1 87  LEU n 
1 88  THR n 
1 89  ASP n 
1 90  ASN n 
1 91  VAL n 
1 92  SER n 
1 93  ASP n 
1 94  ASP n 
1 95  ARG n 
1 96  ALA n 
1 97  LYS n 
1 98  GLN n 
1 99  CYS n 
1 100 MSE n 
1 101 ALA n 
1 102 ALA n 
1 103 GLY n 
1 104 ALA n 
1 105 SER n 
1 106 SER n 
1 107 VAL n 
1 108 VAL n 
1 109 ASP n 
1 110 LYS n 
1 111 SER n 
1 112 SER n 
1 113 ASN n 
1 114 ASN n 
1 115 VAL n 
1 116 THR n 
1 117 ASP n 
1 118 PHE n 
1 119 TYR n 
1 120 GLY n 
1 121 ARG n 
1 122 ILE n 
1 123 TYR n 
1 124 ALA n 
1 125 ILE n 
1 126 PHE n 
1 127 SER n 
1 128 TYR n 
1 129 TRP n 
1 130 LEU n 
1 131 THR n 
1 132 VAL n 
1 133 ASN n 
1 134 HIS n 
1 135 CYS n 
1 136 GLN n 
1 137 GLU n 
1 138 GLY n 
1 139 HIS n 
1 140 HIS n 
1 141 HIS n 
1 142 HIS n 
1 143 HIS n 
1 144 HIS n 
# 
_entity_src_gen.entity_id                          1 
_entity_src_gen.pdbx_src_id                        1 
_entity_src_gen.pdbx_alt_source_flag               sample 
_entity_src_gen.pdbx_seq_type                      ? 
_entity_src_gen.pdbx_beg_seq_num                   ? 
_entity_src_gen.pdbx_end_seq_num                   ? 
_entity_src_gen.gene_src_common_name               ? 
_entity_src_gen.gene_src_genus                     ? 
_entity_src_gen.pdbx_gene_src_gene                 HCH_02875 
_entity_src_gen.gene_src_species                   ? 
_entity_src_gen.gene_src_strain                    'KCTC 2396' 
_entity_src_gen.gene_src_tissue                    ? 
_entity_src_gen.gene_src_tissue_fraction           ? 
_entity_src_gen.gene_src_details                   ? 
_entity_src_gen.pdbx_gene_src_fragment             ? 
_entity_src_gen.pdbx_gene_src_scientific_name      'Hahella chejuensis' 
_entity_src_gen.pdbx_gene_src_ncbi_taxonomy_id     349521 
_entity_src_gen.pdbx_gene_src_variant              ? 
_entity_src_gen.pdbx_gene_src_cell_line            ? 
_entity_src_gen.pdbx_gene_src_atcc                 ? 
_entity_src_gen.pdbx_gene_src_organ                ? 
_entity_src_gen.pdbx_gene_src_organelle            ? 
_entity_src_gen.pdbx_gene_src_cell                 ? 
_entity_src_gen.pdbx_gene_src_cellular_location    ? 
_entity_src_gen.host_org_common_name               ? 
_entity_src_gen.pdbx_host_org_scientific_name      'Escherichia coli' 
_entity_src_gen.pdbx_host_org_ncbi_taxonomy_id     562 
_entity_src_gen.host_org_genus                     ? 
_entity_src_gen.pdbx_host_org_gene                 ? 
_entity_src_gen.pdbx_host_org_organ                ? 
_entity_src_gen.host_org_species                   ? 
_entity_src_gen.pdbx_host_org_tissue               ? 
_entity_src_gen.pdbx_host_org_tissue_fraction      ? 
_entity_src_gen.pdbx_host_org_strain               ? 
_entity_src_gen.pdbx_host_org_variant              ? 
_entity_src_gen.pdbx_host_org_cell_line            ? 
_entity_src_gen.pdbx_host_org_atcc                 ? 
_entity_src_gen.pdbx_host_org_culture_collection   ? 
_entity_src_gen.pdbx_host_org_cell                 ? 
_entity_src_gen.pdbx_host_org_organelle            ? 
_entity_src_gen.pdbx_host_org_cellular_location    ? 
_entity_src_gen.pdbx_host_org_vector_type          Plasmid 
_entity_src_gen.pdbx_host_org_vector               ? 
_entity_src_gen.host_org_details                   ? 
_entity_src_gen.expression_system_id               ? 
_entity_src_gen.plasmid_name                       'pSGX3(BC)' 
_entity_src_gen.plasmid_details                    ? 
_entity_src_gen.pdbx_description                   ? 
# 
loop_
_chem_comp.id 
_chem_comp.type 
_chem_comp.mon_nstd_flag 
_chem_comp.name 
_chem_comp.pdbx_synonyms 
_chem_comp.formula 
_chem_comp.formula_weight 
ALA 'L-peptide linking' y ALANINE          ? 'C3 H7 N O2'     89.093  
ARG 'L-peptide linking' y ARGININE         ? 'C6 H15 N4 O2 1' 175.209 
ASN 'L-peptide linking' y ASPARAGINE       ? 'C4 H8 N2 O3'    132.118 
ASP 'L-peptide linking' y 'ASPARTIC ACID'  ? 'C4 H7 N O4'     133.103 
CYS 'L-peptide linking' y CYSTEINE         ? 'C3 H7 N O2 S'   121.158 
GLN 'L-peptide linking' y GLUTAMINE        ? 'C5 H10 N2 O3'   146.144 
GLU 'L-peptide linking' y 'GLUTAMIC ACID'  ? 'C5 H9 N O4'     147.129 
GLY 'peptide linking'   y GLYCINE          ? 'C2 H5 N O2'     75.067  
HIS 'L-peptide linking' y HISTIDINE        ? 'C6 H10 N3 O2 1' 156.162 
HOH non-polymer         . WATER            ? 'H2 O'           18.015  
ILE 'L-peptide linking' y ISOLEUCINE       ? 'C6 H13 N O2'    131.173 
LEU 'L-peptide linking' y LEUCINE          ? 'C6 H13 N O2'    131.173 
LYS 'L-peptide linking' y LYSINE           ? 'C6 H15 N2 O2 1' 147.195 
MSE 'L-peptide linking' n SELENOMETHIONINE ? 'C5 H11 N O2 Se' 196.106 
PHE 'L-peptide linking' y PHENYLALANINE    ? 'C9 H11 N O2'    165.189 
PRO 'L-peptide linking' y PROLINE          ? 'C5 H9 N O2'     115.130 
SER 'L-peptide linking' y SERINE           ? 'C3 H7 N O3'     105.093 
THR 'L-peptide linking' y THREONINE        ? 'C4 H9 N O3'     119.119 
TRP 'L-peptide linking' y TRYPTOPHAN       ? 'C11 H12 N2 O2'  204.225 
TYR 'L-peptide linking' y TYROSINE         ? 'C9 H11 N O3'    181.189 
VAL 'L-peptide linking' y VALINE           ? 'C5 H11 N O2'    117.146 
# 
loop_
_pdbx_poly_seq_scheme.asym_id 
_pdbx_poly_seq_scheme.entity_id 
_pdbx_poly_seq_scheme.seq_id 
_pdbx_poly_seq_scheme.mon_id 
_pdbx_poly_seq_scheme.ndb_seq_num 
_pdbx_poly_seq_scheme.pdb_seq_num 
_pdbx_poly_seq_scheme.auth_seq_num 
_pdbx_poly_seq_scheme.pdb_mon_id 
_pdbx_poly_seq_scheme.auth_mon_id 
_pdbx_poly_seq_scheme.pdb_strand_id 
_pdbx_poly_seq_scheme.pdb_ins_code 
_pdbx_poly_seq_scheme.hetero 
A 1 1   MSE 1   10  ?   ?   ?   A . n 
A 1 2   SER 2   11  ?   ?   ?   A . n 
A 1 3   LEU 3   12  ?   ?   ?   A . n 
A 1 4   ARG 4   13  ?   ?   ?   A . n 
A 1 5   SER 5   14  14  SER SER A . n 
A 1 6   LYS 6   15  15  LYS LYS A . n 
A 1 7   ARG 7   16  16  ARG ARG A . n 
A 1 8   VAL 8   17  17  VAL VAL A . n 
A 1 9   LEU 9   18  18  LEU LEU A . n 
A 1 10  VAL 10  19  19  VAL VAL A . n 
A 1 11  VAL 11  20  20  VAL VAL A . n 
A 1 12  GLU 12  21  21  GLU GLU A . n 
A 1 13  ASP 13  22  22  ASP ASP A . n 
A 1 14  ASN 14  23  23  ASN ASN A . n 
A 1 15  PRO 15  24  24  PRO PRO A . n 
A 1 16  ASP 16  25  25  ASP ASP A . n 
A 1 17  ASP 17  26  26  ASP ASP A . n 
A 1 18  ILE 18  27  27  ILE ILE A . n 
A 1 19  ALA 19  28  28  ALA ALA A . n 
A 1 20  LEU 20  29  29  LEU LEU A . n 
A 1 21  ILE 21  30  30  ILE ILE A . n 
A 1 22  ARG 22  31  31  ARG ARG A . n 
A 1 23  ARG 23  32  32  ARG ARG A . n 
A 1 24  VAL 24  33  33  VAL VAL A . n 
A 1 25  LEU 25  34  34  LEU LEU A . n 
A 1 26  ASP 26  35  35  ASP ASP A . n 
A 1 27  ARG 27  36  36  ARG ARG A . n 
A 1 28  LYS 28  37  37  LYS LYS A . n 
A 1 29  ASP 29  38  38  ASP ASP A . n 
A 1 30  ILE 30  39  39  ILE ILE A . n 
A 1 31  HIS 31  40  40  HIS HIS A . n 
A 1 32  CYS 32  41  41  CYS CYS A . n 
A 1 33  GLN 33  42  42  GLN GLN A . n 
A 1 34  LEU 34  43  43  LEU LEU A . n 
A 1 35  GLU 35  44  44  GLU GLU A . n 
A 1 36  PHE 36  45  45  PHE PHE A . n 
A 1 37  VAL 37  46  46  VAL VAL A . n 
A 1 38  ASP 38  47  47  ASP ASP A . n 
A 1 39  ASN 39  48  48  ASN ASN A . n 
A 1 40  GLY 40  49  49  GLY GLY A . n 
A 1 41  ALA 41  50  50  ALA ALA A . n 
A 1 42  LYS 42  51  51  LYS LYS A . n 
A 1 43  ALA 43  52  52  ALA ALA A . n 
A 1 44  LEU 44  53  53  LEU LEU A . n 
A 1 45  TYR 45  54  54  TYR TYR A . n 
A 1 46  GLN 46  55  55  GLN GLN A . n 
A 1 47  VAL 47  56  56  VAL VAL A . n 
A 1 48  GLN 48  57  57  GLN GLN A . n 
A 1 49  GLN 49  58  58  GLN GLN A . n 
A 1 50  ALA 50  59  59  ALA ALA A . n 
A 1 51  LYS 51  60  60  LYS LYS A . n 
A 1 52  TYR 52  61  61  TYR TYR A . n 
A 1 53  ASP 53  62  62  ASP ASP A . n 
A 1 54  LEU 54  63  63  LEU LEU A . n 
A 1 55  ILE 55  64  64  ILE ILE A . n 
A 1 56  ILE 56  65  65  ILE ILE A . n 
A 1 57  LEU 57  66  66  LEU LEU A . n 
A 1 58  ASP 58  67  67  ASP ASP A . n 
A 1 59  ILE 59  68  68  ILE ILE A . n 
A 1 60  GLY 60  69  69  GLY GLY A . n 
A 1 61  LEU 61  70  70  LEU LEU A . n 
A 1 62  PRO 62  71  71  PRO PRO A . n 
A 1 63  ILE 63  72  72  ILE ILE A . n 
A 1 64  ALA 64  73  73  ALA ALA A . n 
A 1 65  ASN 65  74  74  ASN ASN A . n 
A 1 66  GLY 66  75  75  GLY GLY A . n 
A 1 67  PHE 67  76  76  PHE PHE A . n 
A 1 68  GLU 68  77  77  GLU GLU A . n 
A 1 69  VAL 69  78  78  VAL VAL A . n 
A 1 70  MSE 70  79  79  MSE MSE A . n 
A 1 71  SER 71  80  80  SER SER A . n 
A 1 72  ALA 72  81  81  ALA ALA A . n 
A 1 73  VAL 73  82  82  VAL VAL A . n 
A 1 74  ARG 74  83  83  ARG ARG A . n 
A 1 75  LYS 75  84  84  LYS LYS A . n 
A 1 76  PRO 76  85  85  PRO PRO A . n 
A 1 77  GLY 77  86  86  GLY GLY A . n 
A 1 78  ALA 78  87  87  ALA ALA A . n 
A 1 79  ASN 79  88  88  ASN ASN A . n 
A 1 80  GLN 80  89  89  GLN GLN A . n 
A 1 81  HIS 81  90  90  HIS HIS A . n 
A 1 82  THR 82  91  91  THR THR A . n 
A 1 83  PRO 83  92  92  PRO PRO A . n 
A 1 84  ILE 84  93  93  ILE ILE A . n 
A 1 85  VAL 85  94  94  VAL VAL A . n 
A 1 86  ILE 86  95  95  ILE ILE A . n 
A 1 87  LEU 87  96  96  LEU LEU A . n 
A 1 88  THR 88  97  97  THR THR A . n 
A 1 89  ASP 89  98  98  ASP ASP A . n 
A 1 90  ASN 90  99  99  ASN ASN A . n 
A 1 91  VAL 91  100 100 VAL VAL A . n 
A 1 92  SER 92  101 101 SER SER A . n 
A 1 93  ASP 93  102 102 ASP ASP A . n 
A 1 94  ASP 94  103 103 ASP ASP A . n 
A 1 95  ARG 95  104 104 ARG ARG A . n 
A 1 96  ALA 96  105 105 ALA ALA A . n 
A 1 97  LYS 97  106 106 LYS LYS A . n 
A 1 98  GLN 98  107 107 GLN GLN A . n 
A 1 99  CYS 99  108 108 CYS CYS A . n 
A 1 100 MSE 100 109 109 MSE MSE A . n 
A 1 101 ALA 101 110 110 ALA ALA A . n 
A 1 102 ALA 102 111 111 ALA ALA A . n 
A 1 103 GLY 103 112 112 GLY GLY A . n 
A 1 104 ALA 104 113 113 ALA ALA A . n 
A 1 105 SER 105 114 114 SER SER A . n 
A 1 106 SER 106 115 115 SER SER A . n 
A 1 107 VAL 107 116 116 VAL VAL A . n 
A 1 108 VAL 108 117 117 VAL VAL A . n 
A 1 109 ASP 109 118 118 ASP ASP A . n 
A 1 110 LYS 110 119 119 LYS LYS A . n 
A 1 111 SER 111 120 120 SER SER A . n 
A 1 112 SER 112 121 121 SER SER A . n 
A 1 113 ASN 113 122 122 ASN ASN A . n 
A 1 114 ASN 114 123 123 ASN ASN A . n 
A 1 115 VAL 115 124 124 VAL VAL A . n 
A 1 116 THR 116 125 125 THR THR A . n 
A 1 117 ASP 117 126 126 ASP ASP A . n 
A 1 118 PHE 118 127 127 PHE PHE A . n 
A 1 119 TYR 119 128 128 TYR TYR A . n 
A 1 120 GLY 120 129 129 GLY GLY A . n 
A 1 121 ARG 121 130 130 ARG ARG A . n 
A 1 122 ILE 122 131 131 ILE ILE A . n 
A 1 123 TYR 123 132 132 TYR TYR A . n 
A 1 124 ALA 124 133 133 ALA ALA A . n 
A 1 125 ILE 125 134 134 ILE ILE A . n 
A 1 126 PHE 126 135 135 PHE PHE A . n 
A 1 127 SER 127 136 136 SER SER A . n 
A 1 128 TYR 128 137 137 TYR TYR A . n 
A 1 129 TRP 129 138 138 TRP TRP A . n 
A 1 130 LEU 130 139 139 LEU LEU A . n 
A 1 131 THR 131 140 140 THR THR A . n 
A 1 132 VAL 132 141 141 VAL VAL A . n 
A 1 133 ASN 133 142 142 ASN ASN A . n 
A 1 134 HIS 134 143 143 HIS HIS A . n 
A 1 135 CYS 135 144 144 CYS CYS A . n 
A 1 136 GLN 136 145 145 GLN GLN A . n 
A 1 137 GLU 137 146 ?   ?   ?   A . n 
A 1 138 GLY 138 147 ?   ?   ?   A . n 
A 1 139 HIS 139 148 ?   ?   ?   A . n 
A 1 140 HIS 140 149 ?   ?   ?   A . n 
A 1 141 HIS 141 150 ?   ?   ?   A . n 
A 1 142 HIS 142 151 ?   ?   ?   A . n 
A 1 143 HIS 143 152 ?   ?   ?   A . n 
A 1 144 HIS 144 153 ?   ?   ?   A . n 
# 
loop_
_pdbx_nonpoly_scheme.asym_id 
_pdbx_nonpoly_scheme.entity_id 
_pdbx_nonpoly_scheme.mon_id 
_pdbx_nonpoly_scheme.ndb_seq_num 
_pdbx_nonpoly_scheme.pdb_seq_num 
_pdbx_nonpoly_scheme.auth_seq_num 
_pdbx_nonpoly_scheme.pdb_mon_id 
_pdbx_nonpoly_scheme.auth_mon_id 
_pdbx_nonpoly_scheme.pdb_strand_id 
_pdbx_nonpoly_scheme.pdb_ins_code 
B 2 HOH 1  1   1   HOH HOH A . 
B 2 HOH 2  2   2   HOH HOH A . 
B 2 HOH 3  4   4   HOH HOH A . 
B 2 HOH 4  5   5   HOH HOH A . 
B 2 HOH 5  6   6   HOH HOH A . 
B 2 HOH 6  7   7   HOH HOH A . 
B 2 HOH 7  8   8   HOH HOH A . 
B 2 HOH 8  9   9   HOH HOH A . 
B 2 HOH 9  154 154 HOH HOH A . 
B 2 HOH 10 155 155 HOH HOH A . 
B 2 HOH 11 156 156 HOH HOH A . 
B 2 HOH 12 157 157 HOH HOH A . 
B 2 HOH 13 159 159 HOH HOH A . 
B 2 HOH 14 160 160 HOH HOH A . 
B 2 HOH 15 161 161 HOH HOH A . 
B 2 HOH 16 162 162 HOH HOH A . 
B 2 HOH 17 163 163 HOH HOH A . 
B 2 HOH 18 164 164 HOH HOH A . 
B 2 HOH 19 165 165 HOH HOH A . 
B 2 HOH 20 166 166 HOH HOH A . 
B 2 HOH 21 167 167 HOH HOH A . 
B 2 HOH 22 168 168 HOH HOH A . 
B 2 HOH 23 169 169 HOH HOH A . 
B 2 HOH 24 170 170 HOH HOH A . 
B 2 HOH 25 171 171 HOH HOH A . 
B 2 HOH 26 172 172 HOH HOH A . 
B 2 HOH 27 173 173 HOH HOH A . 
B 2 HOH 28 174 174 HOH HOH A . 
B 2 HOH 29 175 175 HOH HOH A . 
B 2 HOH 30 176 176 HOH HOH A . 
B 2 HOH 31 177 177 HOH HOH A . 
B 2 HOH 32 178 178 HOH HOH A . 
B 2 HOH 33 179 179 HOH HOH A . 
B 2 HOH 34 180 180 HOH HOH A . 
B 2 HOH 35 181 181 HOH HOH A . 
B 2 HOH 36 182 182 HOH HOH A . 
B 2 HOH 37 183 183 HOH HOH A . 
B 2 HOH 38 184 184 HOH HOH A . 
B 2 HOH 39 185 185 HOH HOH A . 
B 2 HOH 40 186 186 HOH HOH A . 
B 2 HOH 41 187 187 HOH HOH A . 
B 2 HOH 42 188 188 HOH HOH A . 
B 2 HOH 43 190 190 HOH HOH A . 
B 2 HOH 44 191 191 HOH HOH A . 
B 2 HOH 45 192 192 HOH HOH A . 
B 2 HOH 46 193 193 HOH HOH A . 
B 2 HOH 47 194 194 HOH HOH A . 
B 2 HOH 48 195 195 HOH HOH A . 
B 2 HOH 49 196 196 HOH HOH A . 
B 2 HOH 50 197 197 HOH HOH A . 
B 2 HOH 51 198 198 HOH HOH A . 
B 2 HOH 52 199 199 HOH HOH A . 
B 2 HOH 53 200 200 HOH HOH A . 
B 2 HOH 54 201 201 HOH HOH A . 
B 2 HOH 55 202 202 HOH HOH A . 
B 2 HOH 56 203 203 HOH HOH A . 
B 2 HOH 57 204 204 HOH HOH A . 
B 2 HOH 58 205 205 HOH HOH A . 
B 2 HOH 59 206 206 HOH HOH A . 
B 2 HOH 60 207 207 HOH HOH A . 
B 2 HOH 61 208 208 HOH HOH A . 
B 2 HOH 62 209 209 HOH HOH A . 
B 2 HOH 63 210 210 HOH HOH A . 
B 2 HOH 64 211 211 HOH HOH A . 
B 2 HOH 65 212 212 HOH HOH A . 
B 2 HOH 66 213 213 HOH HOH A . 
B 2 HOH 67 214 214 HOH HOH A . 
B 2 HOH 68 215 215 HOH HOH A . 
B 2 HOH 69 216 216 HOH HOH A . 
B 2 HOH 70 217 217 HOH HOH A . 
B 2 HOH 71 218 218 HOH HOH A . 
B 2 HOH 72 219 219 HOH HOH A . 
B 2 HOH 73 220 220 HOH HOH A . 
B 2 HOH 74 221 221 HOH HOH A . 
# 
loop_
_software.name 
_software.classification 
_software.version 
_software.citation_id 
_software.pdbx_ordinal 
CBASS    'data collection' .        ? 1 
SHARP    phasing           .        ? 2 
REFMAC   refinement        5.2.0019 ? 3 
HKL-2000 'data reduction'  .        ? 4 
HKL-2000 'data scaling'    .        ? 5 
# 
_cell.entry_id           3KHT 
_cell.length_a           57.090 
_cell.length_b           57.090 
_cell.length_c           200.456 
_cell.angle_alpha        90.00 
_cell.angle_beta         90.00 
_cell.angle_gamma        120.00 
_cell.Z_PDB              12 
_cell.pdbx_unique_axis   ? 
_cell.length_a_esd       ? 
_cell.length_b_esd       ? 
_cell.length_c_esd       ? 
_cell.angle_alpha_esd    ? 
_cell.angle_beta_esd     ? 
_cell.angle_gamma_esd    ? 
# 
_symmetry.entry_id                         3KHT 
_symmetry.space_group_name_H-M             'P 65 2 2' 
_symmetry.pdbx_full_space_group_name_H-M   ? 
_symmetry.cell_setting                     ? 
_symmetry.Int_Tables_number                179 
_symmetry.space_group_name_Hall            ? 
# 
_exptl.entry_id          3KHT 
_exptl.method            'X-RAY DIFFRACTION' 
_exptl.crystals_number   1 
# 
_exptl_crystal.id                    1 
_exptl_crystal.density_meas          ? 
_exptl_crystal.density_Matthews      2.88 
_exptl_crystal.density_percent_sol   57.25 
_exptl_crystal.description           ? 
_exptl_crystal.F_000                 ? 
_exptl_crystal.preparation           ? 
# 
_exptl_crystal_grow.crystal_id      1 
_exptl_crystal_grow.method          ? 
_exptl_crystal_grow.temp            298 
_exptl_crystal_grow.temp_details    ? 
_exptl_crystal_grow.pH              7.5 
_exptl_crystal_grow.pdbx_pH_range   ? 
_exptl_crystal_grow.pdbx_details    
'0.1M NaCl, 0.1M HEPES pH 7.5, 1.6M Ammonium Sulphate, VAPOR DIFFUSION, SITTING DROP, temperature 298K' 
# 
_diffrn.id                     1 
_diffrn.ambient_temp           100 
_diffrn.ambient_temp_details   ? 
_diffrn.crystal_id             1 
# 
_diffrn_detector.diffrn_id              1 
_diffrn_detector.detector               CCD 
_diffrn_detector.type                   'ADSC QUANTUM 315' 
_diffrn_detector.pdbx_collection_date   2009-10-22 
_diffrn_detector.details                MIRRORS 
# 
_diffrn_radiation.diffrn_id                        1 
_diffrn_radiation.wavelength_id                    1 
_diffrn_radiation.pdbx_monochromatic_or_laue_m_l   M 
_diffrn_radiation.monochromator                    'SI(111)CHANNEL' 
_diffrn_radiation.pdbx_diffrn_protocol             'SINGLE WAVELENGTH' 
_diffrn_radiation.pdbx_scattering_type             x-ray 
# 
_diffrn_radiation_wavelength.id           1 
_diffrn_radiation_wavelength.wavelength   0.979 
_diffrn_radiation_wavelength.wt           1.0 
# 
_diffrn_source.diffrn_id                   1 
_diffrn_source.source                      SYNCHROTRON 
_diffrn_source.type                        'NSLS BEAMLINE X25' 
_diffrn_source.pdbx_synchrotron_site       NSLS 
_diffrn_source.pdbx_synchrotron_beamline   X25 
_diffrn_source.pdbx_wavelength             0.979 
_diffrn_source.pdbx_wavelength_list        ? 
# 
_reflns.entry_id                     3KHT 
_reflns.observed_criterion_sigma_I   0.000 
_reflns.observed_criterion_sigma_F   ? 
_reflns.d_resolution_low             39.750 
_reflns.d_resolution_high            2.100 
_reflns.number_obs                   11490 
_reflns.number_all                   ? 
_reflns.percent_possible_obs         100.0 
_reflns.pdbx_Rmerge_I_obs            0.07400 
_reflns.pdbx_Rsym_value              ? 
_reflns.pdbx_netI_over_sigmaI        11.3000 
_reflns.B_iso_Wilson_estimate        41.90 
_reflns.pdbx_redundancy              40.000 
_reflns.R_free_details               ? 
_reflns.limit_h_max                  ? 
_reflns.limit_h_min                  ? 
_reflns.limit_k_max                  ? 
_reflns.limit_k_min                  ? 
_reflns.limit_l_max                  ? 
_reflns.limit_l_min                  ? 
_reflns.observed_criterion_F_max     ? 
_reflns.observed_criterion_F_min     ? 
_reflns.pdbx_chi_squared             ? 
_reflns.pdbx_scaling_rejects         ? 
_reflns.pdbx_ordinal                 1 
_reflns.pdbx_diffrn_id               1 
# 
_reflns_shell.d_res_high             2.10 
_reflns_shell.d_res_low              2.18 
_reflns_shell.percent_possible_all   100.0 
_reflns_shell.Rmerge_I_obs           0.40300 
_reflns_shell.pdbx_Rsym_value        ? 
_reflns_shell.meanI_over_sigI_obs    11.500 
_reflns_shell.pdbx_redundancy        41.30 
_reflns_shell.percent_possible_obs   ? 
_reflns_shell.number_unique_all      ? 
_reflns_shell.number_measured_all    ? 
_reflns_shell.number_measured_obs    ? 
_reflns_shell.number_unique_obs      ? 
_reflns_shell.pdbx_chi_squared       ? 
_reflns_shell.pdbx_ordinal           1 
_reflns_shell.pdbx_diffrn_id         1 
# 
_refine.pdbx_refine_id                           'X-RAY DIFFRACTION' 
_refine.entry_id                                 3KHT 
_refine.ls_number_reflns_obs                     11490 
_refine.ls_number_reflns_all                     12140 
_refine.pdbx_ls_sigma_I                          ? 
_refine.pdbx_ls_sigma_F                          ? 
_refine.pdbx_data_cutoff_high_absF               ? 
_refine.pdbx_data_cutoff_low_absF                ? 
_refine.pdbx_data_cutoff_high_rms_absF           ? 
_refine.ls_d_res_low                             39.75 
_refine.ls_d_res_high                            2.10 
_refine.ls_percent_reflns_obs                    99.7 
_refine.ls_R_factor_obs                          0.227 
_refine.ls_R_factor_all                          ? 
_refine.ls_R_factor_R_work                       0.224 
_refine.ls_R_factor_R_free                       0.288 
_refine.ls_R_factor_R_free_error                 ? 
_refine.ls_R_factor_R_free_error_details         ? 
_refine.ls_percent_reflns_R_free                 4.800 
_refine.ls_number_reflns_R_free                  578 
_refine.ls_number_parameters                     ? 
_refine.ls_number_restraints                     ? 
_refine.occupancy_min                            ? 
_refine.occupancy_max                            ? 
_refine.correlation_coeff_Fo_to_Fc               0.944 
_refine.correlation_coeff_Fo_to_Fc_free          0.909 
_refine.B_iso_mean                               37.22 
_refine.aniso_B[1][1]                            0.00000 
_refine.aniso_B[2][2]                            0.00000 
_refine.aniso_B[3][3]                            0.00000 
_refine.aniso_B[1][2]                            0.00000 
_refine.aniso_B[1][3]                            0.00000 
_refine.aniso_B[2][3]                            0.00000 
_refine.solvent_model_details                    MASK 
_refine.solvent_model_param_ksol                 ? 
_refine.solvent_model_param_bsol                 ? 
_refine.pdbx_solvent_vdw_probe_radii             1.20 
_refine.pdbx_solvent_ion_probe_radii             0.80 
_refine.pdbx_solvent_shrinkage_radii             0.80 
_refine.pdbx_ls_cross_valid_method               THROUGHOUT 
_refine.details                                  'HYDROGENS HAVE BEEN ADDED IN THE RIDING POSITIONS' 
_refine.pdbx_starting_model                      ? 
_refine.pdbx_method_to_determine_struct          SAD 
_refine.pdbx_isotropic_thermal_model             ? 
_refine.pdbx_stereochemistry_target_values       'MAXIMUM LIKELIHOOD' 
_refine.pdbx_stereochem_target_val_spec_case     ? 
_refine.pdbx_R_Free_selection_details            RANDOM 
_refine.pdbx_overall_ESU_R                       0.191 
_refine.pdbx_overall_ESU_R_Free                  0.192 
_refine.overall_SU_ML                            0.143 
_refine.pdbx_overall_phase_error                 ? 
_refine.overall_SU_B                             5.387 
_refine.ls_redundancy_reflns_obs                 ? 
_refine.B_iso_min                                ? 
_refine.B_iso_max                                ? 
_refine.overall_SU_R_Cruickshank_DPI             ? 
_refine.overall_SU_R_free                        ? 
_refine.ls_wR_factor_R_free                      ? 
_refine.ls_wR_factor_R_work                      ? 
_refine.overall_FOM_free_R_set                   ? 
_refine.overall_FOM_work_R_set                   ? 
_refine.pdbx_diffrn_id                           1 
_refine.pdbx_TLS_residual_ADP_flag               ? 
_refine.pdbx_overall_SU_R_free_Cruickshank_DPI   ? 
_refine.pdbx_overall_SU_R_Blow_DPI               ? 
_refine.pdbx_overall_SU_R_free_Blow_DPI          ? 
# 
_refine_hist.pdbx_refine_id                   'X-RAY DIFFRACTION' 
_refine_hist.cycle_id                         LAST 
_refine_hist.pdbx_number_atoms_protein        1034 
_refine_hist.pdbx_number_atoms_nucleic_acid   0 
_refine_hist.pdbx_number_atoms_ligand         0 
_refine_hist.number_atoms_solvent             74 
_refine_hist.number_atoms_total               1108 
_refine_hist.d_res_high                       2.10 
_refine_hist.d_res_low                        39.75 
# 
loop_
_refine_ls_restr.type 
_refine_ls_restr.dev_ideal 
_refine_ls_restr.dev_ideal_target 
_refine_ls_restr.weight 
_refine_ls_restr.number 
_refine_ls_restr.pdbx_refine_id 
_refine_ls_restr.pdbx_restraint_function 
r_bond_refined_d             0.025  0.022  ? 1053 'X-RAY DIFFRACTION' ? 
r_bond_other_d               ?      ?      ? ?    'X-RAY DIFFRACTION' ? 
r_angle_refined_deg          1.965  1.944  ? 1429 'X-RAY DIFFRACTION' ? 
r_angle_other_deg            ?      ?      ? ?    'X-RAY DIFFRACTION' ? 
r_dihedral_angle_1_deg       6.040  5.000  ? 131  'X-RAY DIFFRACTION' ? 
r_dihedral_angle_2_deg       39.828 24.423 ? 52   'X-RAY DIFFRACTION' ? 
r_dihedral_angle_3_deg       17.198 15.000 ? 179  'X-RAY DIFFRACTION' ? 
r_dihedral_angle_4_deg       22.914 15.000 ? 8    'X-RAY DIFFRACTION' ? 
r_chiral_restr               0.139  0.200  ? 165  'X-RAY DIFFRACTION' ? 
r_gen_planes_refined         0.009  0.020  ? 800  'X-RAY DIFFRACTION' ? 
r_gen_planes_other           ?      ?      ? ?    'X-RAY DIFFRACTION' ? 
r_nbd_refined                0.271  0.200  ? 521  'X-RAY DIFFRACTION' ? 
r_nbd_other                  ?      ?      ? ?    'X-RAY DIFFRACTION' ? 
r_nbtor_refined              0.317  0.200  ? 741  'X-RAY DIFFRACTION' ? 
r_nbtor_other                ?      ?      ? ?    'X-RAY DIFFRACTION' ? 
r_xyhbond_nbd_refined        0.234  0.200  ? 72   'X-RAY DIFFRACTION' ? 
r_xyhbond_nbd_other          ?      ?      ? ?    'X-RAY DIFFRACTION' ? 
r_metal_ion_refined          ?      ?      ? ?    'X-RAY DIFFRACTION' ? 
r_metal_ion_other            ?      ?      ? ?    'X-RAY DIFFRACTION' ? 
r_symmetry_vdw_refined       0.390  0.200  ? 45   'X-RAY DIFFRACTION' ? 
r_symmetry_vdw_other         ?      ?      ? ?    'X-RAY DIFFRACTION' ? 
r_symmetry_hbond_refined     0.634  0.200  ? 15   'X-RAY DIFFRACTION' ? 
r_symmetry_hbond_other       ?      ?      ? ?    'X-RAY DIFFRACTION' ? 
r_symmetry_metal_ion_refined ?      ?      ? ?    'X-RAY DIFFRACTION' ? 
r_symmetry_metal_ion_other   ?      ?      ? ?    'X-RAY DIFFRACTION' ? 
r_mcbond_it                  1.583  1.500  ? 676  'X-RAY DIFFRACTION' ? 
r_mcbond_other               ?      ?      ? ?    'X-RAY DIFFRACTION' ? 
r_mcangle_it                 2.549  2.000  ? 1064 'X-RAY DIFFRACTION' ? 
r_scbond_it                  3.658  3.000  ? 425  'X-RAY DIFFRACTION' ? 
r_scangle_it                 5.509  4.500  ? 365  'X-RAY DIFFRACTION' ? 
r_rigid_bond_restr           ?      ?      ? ?    'X-RAY DIFFRACTION' ? 
r_sphericity_free            ?      ?      ? ?    'X-RAY DIFFRACTION' ? 
r_sphericity_bonded          ?      ?      ? ?    'X-RAY DIFFRACTION' ? 
# 
_refine_ls_shell.pdbx_refine_id                   'X-RAY DIFFRACTION' 
_refine_ls_shell.pdbx_total_number_of_bins_used   20 
_refine_ls_shell.d_res_high                       2.10 
_refine_ls_shell.d_res_low                        2.15 
_refine_ls_shell.number_reflns_R_work             793 
_refine_ls_shell.R_factor_R_work                  0.2770 
_refine_ls_shell.percent_reflns_obs               96.50 
_refine_ls_shell.R_factor_R_free                  0.4230 
_refine_ls_shell.R_factor_R_free_error            ? 
_refine_ls_shell.percent_reflns_R_free            ? 
_refine_ls_shell.number_reflns_R_free             35 
_refine_ls_shell.number_reflns_all                ? 
_refine_ls_shell.R_factor_all                     ? 
_refine_ls_shell.redundancy_reflns_obs            ? 
_refine_ls_shell.number_reflns_obs                ? 
# 
_struct.entry_id                  3KHT 
_struct.title                     'Crystal structure of response regulator from Hahella chejuensis' 
_struct.pdbx_model_details        ? 
_struct.pdbx_CASP_flag            ? 
_struct.pdbx_model_type_details   ? 
# 
_struct_keywords.entry_id        3KHT 
_struct_keywords.pdbx_keywords   'SIGNALING PROTEIN' 
_struct_keywords.text            
;Response regulator, PSI-II, 11023k, Structural Genomics, Protein Structure Initiative, New York SGX Research Center for Structural Genomics, NYSGXRC, DNA-binding, SIGNALING PROTEIN
;
# 
loop_
_struct_asym.id 
_struct_asym.pdbx_blank_PDB_chainid_flag 
_struct_asym.pdbx_modified 
_struct_asym.entity_id 
_struct_asym.details 
A N N 1 ? 
B N N 2 ? 
# 
_struct_ref.id                         1 
_struct_ref.db_name                    UNP 
_struct_ref.db_code                    Q2SI73_HAHCH 
_struct_ref.pdbx_db_accession          Q2SI73 
_struct_ref.entity_id                  1 
_struct_ref.pdbx_seq_one_letter_code   
;RSKRVLVVEDNPDDIALIRRVLDRKDIHCQLEFVDNGAKALYQVQQAKYDLIILDIGLPIANGFEVMSAVRKPGANQHTP
IVILTDNVSDDRAKQCMAAGASSVVDKSSNNVTDFYGRIYAIFSYWLTVNHCQ
;
_struct_ref.pdbx_align_begin           13 
_struct_ref.pdbx_db_isoform            ? 
# 
_struct_ref_seq.align_id                      1 
_struct_ref_seq.ref_id                        1 
_struct_ref_seq.pdbx_PDB_id_code              3KHT 
_struct_ref_seq.pdbx_strand_id                A 
_struct_ref_seq.seq_align_beg                 4 
_struct_ref_seq.pdbx_seq_align_beg_ins_code   ? 
_struct_ref_seq.seq_align_end                 136 
_struct_ref_seq.pdbx_seq_align_end_ins_code   ? 
_struct_ref_seq.pdbx_db_accession             Q2SI73 
_struct_ref_seq.db_align_beg                  13 
_struct_ref_seq.pdbx_db_align_beg_ins_code    ? 
_struct_ref_seq.db_align_end                  145 
_struct_ref_seq.pdbx_db_align_end_ins_code    ? 
_struct_ref_seq.pdbx_auth_seq_align_beg       13 
_struct_ref_seq.pdbx_auth_seq_align_end       145 
# 
loop_
_struct_ref_seq_dif.align_id 
_struct_ref_seq_dif.pdbx_pdb_id_code 
_struct_ref_seq_dif.mon_id 
_struct_ref_seq_dif.pdbx_pdb_strand_id 
_struct_ref_seq_dif.seq_num 
_struct_ref_seq_dif.pdbx_pdb_ins_code 
_struct_ref_seq_dif.pdbx_seq_db_name 
_struct_ref_seq_dif.pdbx_seq_db_accession_code 
_struct_ref_seq_dif.db_mon_id 
_struct_ref_seq_dif.pdbx_seq_db_seq_num 
_struct_ref_seq_dif.details 
_struct_ref_seq_dif.pdbx_auth_seq_num 
_struct_ref_seq_dif.pdbx_ordinal 
1 3KHT MSE A 1   ? UNP Q2SI73 ? ? 'expression tag' 10  1  
1 3KHT SER A 2   ? UNP Q2SI73 ? ? 'expression tag' 11  2  
1 3KHT LEU A 3   ? UNP Q2SI73 ? ? 'expression tag' 12  3  
1 3KHT GLU A 137 ? UNP Q2SI73 ? ? 'expression tag' 146 4  
1 3KHT GLY A 138 ? UNP Q2SI73 ? ? 'expression tag' 147 5  
1 3KHT HIS A 139 ? UNP Q2SI73 ? ? 'expression tag' 148 6  
1 3KHT HIS A 140 ? UNP Q2SI73 ? ? 'expression tag' 149 7  
1 3KHT HIS A 141 ? UNP Q2SI73 ? ? 'expression tag' 150 8  
1 3KHT HIS A 142 ? UNP Q2SI73 ? ? 'expression tag' 151 9  
1 3KHT HIS A 143 ? UNP Q2SI73 ? ? 'expression tag' 152 10 
1 3KHT HIS A 144 ? UNP Q2SI73 ? ? 'expression tag' 153 11 
# 
loop_
_pdbx_struct_assembly.id 
_pdbx_struct_assembly.details 
_pdbx_struct_assembly.method_details 
_pdbx_struct_assembly.oligomeric_details 
_pdbx_struct_assembly.oligomeric_count 
1 author_defined_assembly   ?    monomeric 1 
2 software_defined_assembly PISA dimeric   2 
# 
loop_
_pdbx_struct_assembly_prop.biol_id 
_pdbx_struct_assembly_prop.type 
_pdbx_struct_assembly_prop.value 
_pdbx_struct_assembly_prop.details 
2 'ABSA (A^2)' 1840  ? 
2 MORE         -10   ? 
2 'SSA (A^2)'  12200 ? 
# 
loop_
_pdbx_struct_assembly_gen.assembly_id 
_pdbx_struct_assembly_gen.oper_expression 
_pdbx_struct_assembly_gen.asym_id_list 
1 1   A,B 
2 1,2 A,B 
# 
loop_
_pdbx_struct_oper_list.id 
_pdbx_struct_oper_list.type 
_pdbx_struct_oper_list.name 
_pdbx_struct_oper_list.symmetry_operation 
_pdbx_struct_oper_list.matrix[1][1] 
_pdbx_struct_oper_list.matrix[1][2] 
_pdbx_struct_oper_list.matrix[1][3] 
_pdbx_struct_oper_list.vector[1] 
_pdbx_struct_oper_list.matrix[2][1] 
_pdbx_struct_oper_list.matrix[2][2] 
_pdbx_struct_oper_list.matrix[2][3] 
_pdbx_struct_oper_list.vector[2] 
_pdbx_struct_oper_list.matrix[3][1] 
_pdbx_struct_oper_list.matrix[3][2] 
_pdbx_struct_oper_list.matrix[3][3] 
_pdbx_struct_oper_list.vector[3] 
1 'identity operation'         1_555  x,y,z            1.0000000000 0.0000000000 0.0000000000  0.0000000000  0.0000000000 1.0000000000  0.0000000000  0.0000000000 0.0000000000  0.0000000000  1.0000000000  0.0000000000   
2 'crystal symmetry operation' 10_775 -y+2,-x+2,-z+1/6 0.7002519828 0.7079703935 -0.0917882480 -2.7675508709 0.7079703935 -0.7052071792 -0.0382198420 3.7607052911 -0.0917882480 -0.0382198420 -0.9950448036 -22.2584687635 
# 
_struct_biol.id        1 
_struct_biol.details   ? 
# 
loop_
_struct_conf.conf_type_id 
_struct_conf.id 
_struct_conf.pdbx_PDB_helix_id 
_struct_conf.beg_label_comp_id 
_struct_conf.beg_label_asym_id 
_struct_conf.beg_label_seq_id 
_struct_conf.pdbx_beg_PDB_ins_code 
_struct_conf.end_label_comp_id 
_struct_conf.end_label_asym_id 
_struct_conf.end_label_seq_id 
_struct_conf.pdbx_end_PDB_ins_code 
_struct_conf.beg_auth_comp_id 
_struct_conf.beg_auth_asym_id 
_struct_conf.beg_auth_seq_id 
_struct_conf.end_auth_comp_id 
_struct_conf.end_auth_asym_id 
_struct_conf.end_auth_seq_id 
_struct_conf.pdbx_PDB_helix_class 
_struct_conf.details 
_struct_conf.pdbx_PDB_helix_length 
HELX_P HELX_P1 1 ASN A 14  ? LYS A 28  ? ASN A 23  LYS A 37  1 ? 15 
HELX_P HELX_P2 2 ASN A 39  ? GLN A 48  ? ASN A 48  GLN A 57  1 ? 10 
HELX_P HELX_P3 3 LEU A 61  ? ALA A 64  ? LEU A 70  ALA A 73  5 ? 4  
HELX_P HELX_P4 4 ASN A 65  ? LYS A 75  ? ASN A 74  LYS A 84  1 ? 11 
HELX_P HELX_P5 5 SER A 92  ? ALA A 102 ? SER A 101 ALA A 111 1 ? 11 
HELX_P HELX_P6 6 ASN A 114 ? VAL A 132 ? ASN A 123 VAL A 141 1 ? 19 
# 
_struct_conf_type.id          HELX_P 
_struct_conf_type.criteria    ? 
_struct_conf_type.reference   ? 
# 
loop_
_struct_conn.id 
_struct_conn.conn_type_id 
_struct_conn.pdbx_leaving_atom_flag 
_struct_conn.pdbx_PDB_id 
_struct_conn.ptnr1_label_asym_id 
_struct_conn.ptnr1_label_comp_id 
_struct_conn.ptnr1_label_seq_id 
_struct_conn.ptnr1_label_atom_id 
_struct_conn.pdbx_ptnr1_label_alt_id 
_struct_conn.pdbx_ptnr1_PDB_ins_code 
_struct_conn.pdbx_ptnr1_standard_comp_id 
_struct_conn.ptnr1_symmetry 
_struct_conn.ptnr2_label_asym_id 
_struct_conn.ptnr2_label_comp_id 
_struct_conn.ptnr2_label_seq_id 
_struct_conn.ptnr2_label_atom_id 
_struct_conn.pdbx_ptnr2_label_alt_id 
_struct_conn.pdbx_ptnr2_PDB_ins_code 
_struct_conn.ptnr1_auth_asym_id 
_struct_conn.ptnr1_auth_comp_id 
_struct_conn.ptnr1_auth_seq_id 
_struct_conn.ptnr2_auth_asym_id 
_struct_conn.ptnr2_auth_comp_id 
_struct_conn.ptnr2_auth_seq_id 
_struct_conn.ptnr2_symmetry 
_struct_conn.pdbx_ptnr3_label_atom_id 
_struct_conn.pdbx_ptnr3_label_seq_id 
_struct_conn.pdbx_ptnr3_label_comp_id 
_struct_conn.pdbx_ptnr3_label_asym_id 
_struct_conn.pdbx_ptnr3_label_alt_id 
_struct_conn.pdbx_ptnr3_PDB_ins_code 
_struct_conn.details 
_struct_conn.pdbx_dist_value 
_struct_conn.pdbx_value_order 
_struct_conn.pdbx_role 
covale1 covale both ? A VAL 69  C ? ? ? 1_555 A MSE 70  N ? ? A VAL 78  A MSE 79  1_555 ? ? ? ? ? ? ? 1.319 ? ? 
covale2 covale both ? A MSE 70  C ? ? ? 1_555 A SER 71  N ? ? A MSE 79  A SER 80  1_555 ? ? ? ? ? ? ? 1.346 ? ? 
covale3 covale both ? A CYS 99  C ? ? ? 1_555 A MSE 100 N ? ? A CYS 108 A MSE 109 1_555 ? ? ? ? ? ? ? 1.325 ? ? 
covale4 covale both ? A MSE 100 C ? ? ? 1_555 A ALA 101 N ? ? A MSE 109 A ALA 110 1_555 ? ? ? ? ? ? ? 1.337 ? ? 
# 
_struct_conn_type.id          covale 
_struct_conn_type.criteria    ? 
_struct_conn_type.reference   ? 
# 
loop_
_pdbx_modification_feature.ordinal 
_pdbx_modification_feature.label_comp_id 
_pdbx_modification_feature.label_asym_id 
_pdbx_modification_feature.label_seq_id 
_pdbx_modification_feature.label_alt_id 
_pdbx_modification_feature.modified_residue_label_comp_id 
_pdbx_modification_feature.modified_residue_label_asym_id 
_pdbx_modification_feature.modified_residue_label_seq_id 
_pdbx_modification_feature.modified_residue_label_alt_id 
_pdbx_modification_feature.auth_comp_id 
_pdbx_modification_feature.auth_asym_id 
_pdbx_modification_feature.auth_seq_id 
_pdbx_modification_feature.PDB_ins_code 
_pdbx_modification_feature.symmetry 
_pdbx_modification_feature.modified_residue_auth_comp_id 
_pdbx_modification_feature.modified_residue_auth_asym_id 
_pdbx_modification_feature.modified_residue_auth_seq_id 
_pdbx_modification_feature.modified_residue_PDB_ins_code 
_pdbx_modification_feature.modified_residue_symmetry 
_pdbx_modification_feature.comp_id_linking_atom 
_pdbx_modification_feature.modified_residue_id_linking_atom 
_pdbx_modification_feature.modified_residue_id 
_pdbx_modification_feature.ref_pcm_id 
_pdbx_modification_feature.ref_comp_id 
_pdbx_modification_feature.type 
_pdbx_modification_feature.category 
1 MSE A 70  ? . . . . MSE A 79  ? 1_555 . . . . . . . MET 1 MSE Selenomethionine 'Named protein modification' 
2 MSE A 100 ? . . . . MSE A 109 ? 1_555 . . . . . . . MET 1 MSE Selenomethionine 'Named protein modification' 
# 
_struct_sheet.id               A 
_struct_sheet.type             ? 
_struct_sheet.number_strands   5 
_struct_sheet.details          ? 
# 
loop_
_struct_sheet_order.sheet_id 
_struct_sheet_order.range_id_1 
_struct_sheet_order.range_id_2 
_struct_sheet_order.offset 
_struct_sheet_order.sense 
A 1 2 ? parallel 
A 2 3 ? parallel 
A 3 4 ? parallel 
A 4 5 ? parallel 
# 
loop_
_struct_sheet_range.sheet_id 
_struct_sheet_range.id 
_struct_sheet_range.beg_label_comp_id 
_struct_sheet_range.beg_label_asym_id 
_struct_sheet_range.beg_label_seq_id 
_struct_sheet_range.pdbx_beg_PDB_ins_code 
_struct_sheet_range.end_label_comp_id 
_struct_sheet_range.end_label_asym_id 
_struct_sheet_range.end_label_seq_id 
_struct_sheet_range.pdbx_end_PDB_ins_code 
_struct_sheet_range.beg_auth_comp_id 
_struct_sheet_range.beg_auth_asym_id 
_struct_sheet_range.beg_auth_seq_id 
_struct_sheet_range.end_auth_comp_id 
_struct_sheet_range.end_auth_asym_id 
_struct_sheet_range.end_auth_seq_id 
A 1 CYS A 32  ? VAL A 37  ? CYS A 41  VAL A 46  
A 2 LYS A 6   ? VAL A 11  ? LYS A 15  VAL A 20  
A 3 LEU A 54  ? LEU A 57  ? LEU A 63  LEU A 66  
A 4 ILE A 84  ? THR A 88  ? ILE A 93  THR A 97  
A 5 SER A 106 ? ASP A 109 ? SER A 115 ASP A 118 
# 
loop_
_pdbx_struct_sheet_hbond.sheet_id 
_pdbx_struct_sheet_hbond.range_id_1 
_pdbx_struct_sheet_hbond.range_id_2 
_pdbx_struct_sheet_hbond.range_1_label_atom_id 
_pdbx_struct_sheet_hbond.range_1_label_comp_id 
_pdbx_struct_sheet_hbond.range_1_label_asym_id 
_pdbx_struct_sheet_hbond.range_1_label_seq_id 
_pdbx_struct_sheet_hbond.range_1_PDB_ins_code 
_pdbx_struct_sheet_hbond.range_1_auth_atom_id 
_pdbx_struct_sheet_hbond.range_1_auth_comp_id 
_pdbx_struct_sheet_hbond.range_1_auth_asym_id 
_pdbx_struct_sheet_hbond.range_1_auth_seq_id 
_pdbx_struct_sheet_hbond.range_2_label_atom_id 
_pdbx_struct_sheet_hbond.range_2_label_comp_id 
_pdbx_struct_sheet_hbond.range_2_label_asym_id 
_pdbx_struct_sheet_hbond.range_2_label_seq_id 
_pdbx_struct_sheet_hbond.range_2_PDB_ins_code 
_pdbx_struct_sheet_hbond.range_2_auth_atom_id 
_pdbx_struct_sheet_hbond.range_2_auth_comp_id 
_pdbx_struct_sheet_hbond.range_2_auth_asym_id 
_pdbx_struct_sheet_hbond.range_2_auth_seq_id 
A 1 2 O GLN A 33 ? O GLN A 42 N LYS A 6   ? N LYS A 15  
A 2 3 N VAL A 11 ? N VAL A 20 O ILE A 56  ? O ILE A 65  
A 3 4 N ILE A 55 ? N ILE A 64 O VAL A 85  ? O VAL A 94  
A 4 5 N ILE A 86 ? N ILE A 95 O VAL A 108 ? O VAL A 117 
# 
_pdbx_entry_details.entry_id                   3KHT 
_pdbx_entry_details.compound_details           ? 
_pdbx_entry_details.source_details             ? 
_pdbx_entry_details.nonpolymer_details         ? 
_pdbx_entry_details.sequence_details           ? 
_pdbx_entry_details.has_ligand_of_interest     ? 
_pdbx_entry_details.has_protein_modification   Y 
# 
loop_
_pdbx_validate_rmsd_bond.id 
_pdbx_validate_rmsd_bond.PDB_model_num 
_pdbx_validate_rmsd_bond.auth_atom_id_1 
_pdbx_validate_rmsd_bond.auth_asym_id_1 
_pdbx_validate_rmsd_bond.auth_comp_id_1 
_pdbx_validate_rmsd_bond.auth_seq_id_1 
_pdbx_validate_rmsd_bond.PDB_ins_code_1 
_pdbx_validate_rmsd_bond.label_alt_id_1 
_pdbx_validate_rmsd_bond.auth_atom_id_2 
_pdbx_validate_rmsd_bond.auth_asym_id_2 
_pdbx_validate_rmsd_bond.auth_comp_id_2 
_pdbx_validate_rmsd_bond.auth_seq_id_2 
_pdbx_validate_rmsd_bond.PDB_ins_code_2 
_pdbx_validate_rmsd_bond.label_alt_id_2 
_pdbx_validate_rmsd_bond.bond_value 
_pdbx_validate_rmsd_bond.bond_target_value 
_pdbx_validate_rmsd_bond.bond_deviation 
_pdbx_validate_rmsd_bond.bond_standard_deviation 
_pdbx_validate_rmsd_bond.linker_flag 
1 1 CG A GLU 77  ? ? CD A GLU 77  ? ? 1.607 1.515 0.092  0.015 N 
2 1 CB A SER 136 ? ? OG A SER 136 ? ? 1.331 1.418 -0.087 0.013 N 
# 
_pdbx_SG_project.id                    1 
_pdbx_SG_project.project_name          'PSI, Protein Structure Initiative' 
_pdbx_SG_project.full_name_of_center   'New York SGX Research Center for Structural Genomics' 
_pdbx_SG_project.initial_of_center     NYSGXRC 
# 
loop_
_pdbx_struct_mod_residue.id 
_pdbx_struct_mod_residue.label_asym_id 
_pdbx_struct_mod_residue.label_comp_id 
_pdbx_struct_mod_residue.label_seq_id 
_pdbx_struct_mod_residue.auth_asym_id 
_pdbx_struct_mod_residue.auth_comp_id 
_pdbx_struct_mod_residue.auth_seq_id 
_pdbx_struct_mod_residue.PDB_ins_code 
_pdbx_struct_mod_residue.parent_comp_id 
_pdbx_struct_mod_residue.details 
1 A MSE 70  A MSE 79  ? MET SELENOMETHIONINE 
2 A MSE 100 A MSE 109 ? MET SELENOMETHIONINE 
# 
_pdbx_struct_special_symmetry.id              1 
_pdbx_struct_special_symmetry.PDB_model_num   1 
_pdbx_struct_special_symmetry.auth_asym_id    A 
_pdbx_struct_special_symmetry.auth_comp_id    HOH 
_pdbx_struct_special_symmetry.auth_seq_id     208 
_pdbx_struct_special_symmetry.PDB_ins_code    ? 
_pdbx_struct_special_symmetry.label_asym_id   B 
_pdbx_struct_special_symmetry.label_comp_id   HOH 
_pdbx_struct_special_symmetry.label_seq_id    . 
# 
loop_
_pdbx_unobs_or_zero_occ_residues.id 
_pdbx_unobs_or_zero_occ_residues.PDB_model_num 
_pdbx_unobs_or_zero_occ_residues.polymer_flag 
_pdbx_unobs_or_zero_occ_residues.occupancy_flag 
_pdbx_unobs_or_zero_occ_residues.auth_asym_id 
_pdbx_unobs_or_zero_occ_residues.auth_comp_id 
_pdbx_unobs_or_zero_occ_residues.auth_seq_id 
_pdbx_unobs_or_zero_occ_residues.PDB_ins_code 
_pdbx_unobs_or_zero_occ_residues.label_asym_id 
_pdbx_unobs_or_zero_occ_residues.label_comp_id 
_pdbx_unobs_or_zero_occ_residues.label_seq_id 
1  1 Y 1 A MSE 10  ? A MSE 1   
2  1 Y 1 A SER 11  ? A SER 2   
3  1 Y 1 A LEU 12  ? A LEU 3   
4  1 Y 1 A ARG 13  ? A ARG 4   
5  1 Y 1 A GLU 146 ? A GLU 137 
6  1 Y 1 A GLY 147 ? A GLY 138 
7  1 Y 1 A HIS 148 ? A HIS 139 
8  1 Y 1 A HIS 149 ? A HIS 140 
9  1 Y 1 A HIS 150 ? A HIS 141 
10 1 Y 1 A HIS 151 ? A HIS 142 
11 1 Y 1 A HIS 152 ? A HIS 143 
12 1 Y 1 A HIS 153 ? A HIS 144 
# 
loop_
_chem_comp_atom.comp_id 
_chem_comp_atom.atom_id 
_chem_comp_atom.type_symbol 
_chem_comp_atom.pdbx_aromatic_flag 
_chem_comp_atom.pdbx_stereo_config 
_chem_comp_atom.pdbx_ordinal 
ALA N    N  N N 1   
ALA CA   C  N S 2   
ALA C    C  N N 3   
ALA O    O  N N 4   
ALA CB   C  N N 5   
ALA OXT  O  N N 6   
ALA H    H  N N 7   
ALA H2   H  N N 8   
ALA HA   H  N N 9   
ALA HB1  H  N N 10  
ALA HB2  H  N N 11  
ALA HB3  H  N N 12  
ALA HXT  H  N N 13  
ARG N    N  N N 14  
ARG CA   C  N S 15  
ARG C    C  N N 16  
ARG O    O  N N 17  
ARG CB   C  N N 18  
ARG CG   C  N N 19  
ARG CD   C  N N 20  
ARG NE   N  N N 21  
ARG CZ   C  N N 22  
ARG NH1  N  N N 23  
ARG NH2  N  N N 24  
ARG OXT  O  N N 25  
ARG H    H  N N 26  
ARG H2   H  N N 27  
ARG HA   H  N N 28  
ARG HB2  H  N N 29  
ARG HB3  H  N N 30  
ARG HG2  H  N N 31  
ARG HG3  H  N N 32  
ARG HD2  H  N N 33  
ARG HD3  H  N N 34  
ARG HE   H  N N 35  
ARG HH11 H  N N 36  
ARG HH12 H  N N 37  
ARG HH21 H  N N 38  
ARG HH22 H  N N 39  
ARG HXT  H  N N 40  
ASN N    N  N N 41  
ASN CA   C  N S 42  
ASN C    C  N N 43  
ASN O    O  N N 44  
ASN CB   C  N N 45  
ASN CG   C  N N 46  
ASN OD1  O  N N 47  
ASN ND2  N  N N 48  
ASN OXT  O  N N 49  
ASN H    H  N N 50  
ASN H2   H  N N 51  
ASN HA   H  N N 52  
ASN HB2  H  N N 53  
ASN HB3  H  N N 54  
ASN HD21 H  N N 55  
ASN HD22 H  N N 56  
ASN HXT  H  N N 57  
ASP N    N  N N 58  
ASP CA   C  N S 59  
ASP C    C  N N 60  
ASP O    O  N N 61  
ASP CB   C  N N 62  
ASP CG   C  N N 63  
ASP OD1  O  N N 64  
ASP OD2  O  N N 65  
ASP OXT  O  N N 66  
ASP H    H  N N 67  
ASP H2   H  N N 68  
ASP HA   H  N N 69  
ASP HB2  H  N N 70  
ASP HB3  H  N N 71  
ASP HD2  H  N N 72  
ASP HXT  H  N N 73  
CYS N    N  N N 74  
CYS CA   C  N R 75  
CYS C    C  N N 76  
CYS O    O  N N 77  
CYS CB   C  N N 78  
CYS SG   S  N N 79  
CYS OXT  O  N N 80  
CYS H    H  N N 81  
CYS H2   H  N N 82  
CYS HA   H  N N 83  
CYS HB2  H  N N 84  
CYS HB3  H  N N 85  
CYS HG   H  N N 86  
CYS HXT  H  N N 87  
GLN N    N  N N 88  
GLN CA   C  N S 89  
GLN C    C  N N 90  
GLN O    O  N N 91  
GLN CB   C  N N 92  
GLN CG   C  N N 93  
GLN CD   C  N N 94  
GLN OE1  O  N N 95  
GLN NE2  N  N N 96  
GLN OXT  O  N N 97  
GLN H    H  N N 98  
GLN H2   H  N N 99  
GLN HA   H  N N 100 
GLN HB2  H  N N 101 
GLN HB3  H  N N 102 
GLN HG2  H  N N 103 
GLN HG3  H  N N 104 
GLN HE21 H  N N 105 
GLN HE22 H  N N 106 
GLN HXT  H  N N 107 
GLU N    N  N N 108 
GLU CA   C  N S 109 
GLU C    C  N N 110 
GLU O    O  N N 111 
GLU CB   C  N N 112 
GLU CG   C  N N 113 
GLU CD   C  N N 114 
GLU OE1  O  N N 115 
GLU OE2  O  N N 116 
GLU OXT  O  N N 117 
GLU H    H  N N 118 
GLU H2   H  N N 119 
GLU HA   H  N N 120 
GLU HB2  H  N N 121 
GLU HB3  H  N N 122 
GLU HG2  H  N N 123 
GLU HG3  H  N N 124 
GLU HE2  H  N N 125 
GLU HXT  H  N N 126 
GLY N    N  N N 127 
GLY CA   C  N N 128 
GLY C    C  N N 129 
GLY O    O  N N 130 
GLY OXT  O  N N 131 
GLY H    H  N N 132 
GLY H2   H  N N 133 
GLY HA2  H  N N 134 
GLY HA3  H  N N 135 
GLY HXT  H  N N 136 
HIS N    N  N N 137 
HIS CA   C  N S 138 
HIS C    C  N N 139 
HIS O    O  N N 140 
HIS CB   C  N N 141 
HIS CG   C  Y N 142 
HIS ND1  N  Y N 143 
HIS CD2  C  Y N 144 
HIS CE1  C  Y N 145 
HIS NE2  N  Y N 146 
HIS OXT  O  N N 147 
HIS H    H  N N 148 
HIS H2   H  N N 149 
HIS HA   H  N N 150 
HIS HB2  H  N N 151 
HIS HB3  H  N N 152 
HIS HD1  H  N N 153 
HIS HD2  H  N N 154 
HIS HE1  H  N N 155 
HIS HE2  H  N N 156 
HIS HXT  H  N N 157 
HOH O    O  N N 158 
HOH H1   H  N N 159 
HOH H2   H  N N 160 
ILE N    N  N N 161 
ILE CA   C  N S 162 
ILE C    C  N N 163 
ILE O    O  N N 164 
ILE CB   C  N S 165 
ILE CG1  C  N N 166 
ILE CG2  C  N N 167 
ILE CD1  C  N N 168 
ILE OXT  O  N N 169 
ILE H    H  N N 170 
ILE H2   H  N N 171 
ILE HA   H  N N 172 
ILE HB   H  N N 173 
ILE HG12 H  N N 174 
ILE HG13 H  N N 175 
ILE HG21 H  N N 176 
ILE HG22 H  N N 177 
ILE HG23 H  N N 178 
ILE HD11 H  N N 179 
ILE HD12 H  N N 180 
ILE HD13 H  N N 181 
ILE HXT  H  N N 182 
LEU N    N  N N 183 
LEU CA   C  N S 184 
LEU C    C  N N 185 
LEU O    O  N N 186 
LEU CB   C  N N 187 
LEU CG   C  N N 188 
LEU CD1  C  N N 189 
LEU CD2  C  N N 190 
LEU OXT  O  N N 191 
LEU H    H  N N 192 
LEU H2   H  N N 193 
LEU HA   H  N N 194 
LEU HB2  H  N N 195 
LEU HB3  H  N N 196 
LEU HG   H  N N 197 
LEU HD11 H  N N 198 
LEU HD12 H  N N 199 
LEU HD13 H  N N 200 
LEU HD21 H  N N 201 
LEU HD22 H  N N 202 
LEU HD23 H  N N 203 
LEU HXT  H  N N 204 
LYS N    N  N N 205 
LYS CA   C  N S 206 
LYS C    C  N N 207 
LYS O    O  N N 208 
LYS CB   C  N N 209 
LYS CG   C  N N 210 
LYS CD   C  N N 211 
LYS CE   C  N N 212 
LYS NZ   N  N N 213 
LYS OXT  O  N N 214 
LYS H    H  N N 215 
LYS H2   H  N N 216 
LYS HA   H  N N 217 
LYS HB2  H  N N 218 
LYS HB3  H  N N 219 
LYS HG2  H  N N 220 
LYS HG3  H  N N 221 
LYS HD2  H  N N 222 
LYS HD3  H  N N 223 
LYS HE2  H  N N 224 
LYS HE3  H  N N 225 
LYS HZ1  H  N N 226 
LYS HZ2  H  N N 227 
LYS HZ3  H  N N 228 
LYS HXT  H  N N 229 
MSE N    N  N N 230 
MSE CA   C  N S 231 
MSE C    C  N N 232 
MSE O    O  N N 233 
MSE OXT  O  N N 234 
MSE CB   C  N N 235 
MSE CG   C  N N 236 
MSE SE   SE N N 237 
MSE CE   C  N N 238 
MSE H    H  N N 239 
MSE H2   H  N N 240 
MSE HA   H  N N 241 
MSE HXT  H  N N 242 
MSE HB2  H  N N 243 
MSE HB3  H  N N 244 
MSE HG2  H  N N 245 
MSE HG3  H  N N 246 
MSE HE1  H  N N 247 
MSE HE2  H  N N 248 
MSE HE3  H  N N 249 
PHE N    N  N N 250 
PHE CA   C  N S 251 
PHE C    C  N N 252 
PHE O    O  N N 253 
PHE CB   C  N N 254 
PHE CG   C  Y N 255 
PHE CD1  C  Y N 256 
PHE CD2  C  Y N 257 
PHE CE1  C  Y N 258 
PHE CE2  C  Y N 259 
PHE CZ   C  Y N 260 
PHE OXT  O  N N 261 
PHE H    H  N N 262 
PHE H2   H  N N 263 
PHE HA   H  N N 264 
PHE HB2  H  N N 265 
PHE HB3  H  N N 266 
PHE HD1  H  N N 267 
PHE HD2  H  N N 268 
PHE HE1  H  N N 269 
PHE HE2  H  N N 270 
PHE HZ   H  N N 271 
PHE HXT  H  N N 272 
PRO N    N  N N 273 
PRO CA   C  N S 274 
PRO C    C  N N 275 
PRO O    O  N N 276 
PRO CB   C  N N 277 
PRO CG   C  N N 278 
PRO CD   C  N N 279 
PRO OXT  O  N N 280 
PRO H    H  N N 281 
PRO HA   H  N N 282 
PRO HB2  H  N N 283 
PRO HB3  H  N N 284 
PRO HG2  H  N N 285 
PRO HG3  H  N N 286 
PRO HD2  H  N N 287 
PRO HD3  H  N N 288 
PRO HXT  H  N N 289 
SER N    N  N N 290 
SER CA   C  N S 291 
SER C    C  N N 292 
SER O    O  N N 293 
SER CB   C  N N 294 
SER OG   O  N N 295 
SER OXT  O  N N 296 
SER H    H  N N 297 
SER H2   H  N N 298 
SER HA   H  N N 299 
SER HB2  H  N N 300 
SER HB3  H  N N 301 
SER HG   H  N N 302 
SER HXT  H  N N 303 
THR N    N  N N 304 
THR CA   C  N S 305 
THR C    C  N N 306 
THR O    O  N N 307 
THR CB   C  N R 308 
THR OG1  O  N N 309 
THR CG2  C  N N 310 
THR OXT  O  N N 311 
THR H    H  N N 312 
THR H2   H  N N 313 
THR HA   H  N N 314 
THR HB   H  N N 315 
THR HG1  H  N N 316 
THR HG21 H  N N 317 
THR HG22 H  N N 318 
THR HG23 H  N N 319 
THR HXT  H  N N 320 
TRP N    N  N N 321 
TRP CA   C  N S 322 
TRP C    C  N N 323 
TRP O    O  N N 324 
TRP CB   C  N N 325 
TRP CG   C  Y N 326 
TRP CD1  C  Y N 327 
TRP CD2  C  Y N 328 
TRP NE1  N  Y N 329 
TRP CE2  C  Y N 330 
TRP CE3  C  Y N 331 
TRP CZ2  C  Y N 332 
TRP CZ3  C  Y N 333 
TRP CH2  C  Y N 334 
TRP OXT  O  N N 335 
TRP H    H  N N 336 
TRP H2   H  N N 337 
TRP HA   H  N N 338 
TRP HB2  H  N N 339 
TRP HB3  H  N N 340 
TRP HD1  H  N N 341 
TRP HE1  H  N N 342 
TRP HE3  H  N N 343 
TRP HZ2  H  N N 344 
TRP HZ3  H  N N 345 
TRP HH2  H  N N 346 
TRP HXT  H  N N 347 
TYR N    N  N N 348 
TYR CA   C  N S 349 
TYR C    C  N N 350 
TYR O    O  N N 351 
TYR CB   C  N N 352 
TYR CG   C  Y N 353 
TYR CD1  C  Y N 354 
TYR CD2  C  Y N 355 
TYR CE1  C  Y N 356 
TYR CE2  C  Y N 357 
TYR CZ   C  Y N 358 
TYR OH   O  N N 359 
TYR OXT  O  N N 360 
TYR H    H  N N 361 
TYR H2   H  N N 362 
TYR HA   H  N N 363 
TYR HB2  H  N N 364 
TYR HB3  H  N N 365 
TYR HD1  H  N N 366 
TYR HD2  H  N N 367 
TYR HE1  H  N N 368 
TYR HE2  H  N N 369 
TYR HH   H  N N 370 
TYR HXT  H  N N 371 
VAL N    N  N N 372 
VAL CA   C  N S 373 
VAL C    C  N N 374 
VAL O    O  N N 375 
VAL CB   C  N N 376 
VAL CG1  C  N N 377 
VAL CG2  C  N N 378 
VAL OXT  O  N N 379 
VAL H    H  N N 380 
VAL H2   H  N N 381 
VAL HA   H  N N 382 
VAL HB   H  N N 383 
VAL HG11 H  N N 384 
VAL HG12 H  N N 385 
VAL HG13 H  N N 386 
VAL HG21 H  N N 387 
VAL HG22 H  N N 388 
VAL HG23 H  N N 389 
VAL HXT  H  N N 390 
# 
loop_
_chem_comp_bond.comp_id 
_chem_comp_bond.atom_id_1 
_chem_comp_bond.atom_id_2 
_chem_comp_bond.value_order 
_chem_comp_bond.pdbx_aromatic_flag 
_chem_comp_bond.pdbx_stereo_config 
_chem_comp_bond.pdbx_ordinal 
ALA N   CA   sing N N 1   
ALA N   H    sing N N 2   
ALA N   H2   sing N N 3   
ALA CA  C    sing N N 4   
ALA CA  CB   sing N N 5   
ALA CA  HA   sing N N 6   
ALA C   O    doub N N 7   
ALA C   OXT  sing N N 8   
ALA CB  HB1  sing N N 9   
ALA CB  HB2  sing N N 10  
ALA CB  HB3  sing N N 11  
ALA OXT HXT  sing N N 12  
ARG N   CA   sing N N 13  
ARG N   H    sing N N 14  
ARG N   H2   sing N N 15  
ARG CA  C    sing N N 16  
ARG CA  CB   sing N N 17  
ARG CA  HA   sing N N 18  
ARG C   O    doub N N 19  
ARG C   OXT  sing N N 20  
ARG CB  CG   sing N N 21  
ARG CB  HB2  sing N N 22  
ARG CB  HB3  sing N N 23  
ARG CG  CD   sing N N 24  
ARG CG  HG2  sing N N 25  
ARG CG  HG3  sing N N 26  
ARG CD  NE   sing N N 27  
ARG CD  HD2  sing N N 28  
ARG CD  HD3  sing N N 29  
ARG NE  CZ   sing N N 30  
ARG NE  HE   sing N N 31  
ARG CZ  NH1  sing N N 32  
ARG CZ  NH2  doub N N 33  
ARG NH1 HH11 sing N N 34  
ARG NH1 HH12 sing N N 35  
ARG NH2 HH21 sing N N 36  
ARG NH2 HH22 sing N N 37  
ARG OXT HXT  sing N N 38  
ASN N   CA   sing N N 39  
ASN N   H    sing N N 40  
ASN N   H2   sing N N 41  
ASN CA  C    sing N N 42  
ASN CA  CB   sing N N 43  
ASN CA  HA   sing N N 44  
ASN C   O    doub N N 45  
ASN C   OXT  sing N N 46  
ASN CB  CG   sing N N 47  
ASN CB  HB2  sing N N 48  
ASN CB  HB3  sing N N 49  
ASN CG  OD1  doub N N 50  
ASN CG  ND2  sing N N 51  
ASN ND2 HD21 sing N N 52  
ASN ND2 HD22 sing N N 53  
ASN OXT HXT  sing N N 54  
ASP N   CA   sing N N 55  
ASP N   H    sing N N 56  
ASP N   H2   sing N N 57  
ASP CA  C    sing N N 58  
ASP CA  CB   sing N N 59  
ASP CA  HA   sing N N 60  
ASP C   O    doub N N 61  
ASP C   OXT  sing N N 62  
ASP CB  CG   sing N N 63  
ASP CB  HB2  sing N N 64  
ASP CB  HB3  sing N N 65  
ASP CG  OD1  doub N N 66  
ASP CG  OD2  sing N N 67  
ASP OD2 HD2  sing N N 68  
ASP OXT HXT  sing N N 69  
CYS N   CA   sing N N 70  
CYS N   H    sing N N 71  
CYS N   H2   sing N N 72  
CYS CA  C    sing N N 73  
CYS CA  CB   sing N N 74  
CYS CA  HA   sing N N 75  
CYS C   O    doub N N 76  
CYS C   OXT  sing N N 77  
CYS CB  SG   sing N N 78  
CYS CB  HB2  sing N N 79  
CYS CB  HB3  sing N N 80  
CYS SG  HG   sing N N 81  
CYS OXT HXT  sing N N 82  
GLN N   CA   sing N N 83  
GLN N   H    sing N N 84  
GLN N   H2   sing N N 85  
GLN CA  C    sing N N 86  
GLN CA  CB   sing N N 87  
GLN CA  HA   sing N N 88  
GLN C   O    doub N N 89  
GLN C   OXT  sing N N 90  
GLN CB  CG   sing N N 91  
GLN CB  HB2  sing N N 92  
GLN CB  HB3  sing N N 93  
GLN CG  CD   sing N N 94  
GLN CG  HG2  sing N N 95  
GLN CG  HG3  sing N N 96  
GLN CD  OE1  doub N N 97  
GLN CD  NE2  sing N N 98  
GLN NE2 HE21 sing N N 99  
GLN NE2 HE22 sing N N 100 
GLN OXT HXT  sing N N 101 
GLU N   CA   sing N N 102 
GLU N   H    sing N N 103 
GLU N   H2   sing N N 104 
GLU CA  C    sing N N 105 
GLU CA  CB   sing N N 106 
GLU CA  HA   sing N N 107 
GLU C   O    doub N N 108 
GLU C   OXT  sing N N 109 
GLU CB  CG   sing N N 110 
GLU CB  HB2  sing N N 111 
GLU CB  HB3  sing N N 112 
GLU CG  CD   sing N N 113 
GLU CG  HG2  sing N N 114 
GLU CG  HG3  sing N N 115 
GLU CD  OE1  doub N N 116 
GLU CD  OE2  sing N N 117 
GLU OE2 HE2  sing N N 118 
GLU OXT HXT  sing N N 119 
GLY N   CA   sing N N 120 
GLY N   H    sing N N 121 
GLY N   H2   sing N N 122 
GLY CA  C    sing N N 123 
GLY CA  HA2  sing N N 124 
GLY CA  HA3  sing N N 125 
GLY C   O    doub N N 126 
GLY C   OXT  sing N N 127 
GLY OXT HXT  sing N N 128 
HIS N   CA   sing N N 129 
HIS N   H    sing N N 130 
HIS N   H2   sing N N 131 
HIS CA  C    sing N N 132 
HIS CA  CB   sing N N 133 
HIS CA  HA   sing N N 134 
HIS C   O    doub N N 135 
HIS C   OXT  sing N N 136 
HIS CB  CG   sing N N 137 
HIS CB  HB2  sing N N 138 
HIS CB  HB3  sing N N 139 
HIS CG  ND1  sing Y N 140 
HIS CG  CD2  doub Y N 141 
HIS ND1 CE1  doub Y N 142 
HIS ND1 HD1  sing N N 143 
HIS CD2 NE2  sing Y N 144 
HIS CD2 HD2  sing N N 145 
HIS CE1 NE2  sing Y N 146 
HIS CE1 HE1  sing N N 147 
HIS NE2 HE2  sing N N 148 
HIS OXT HXT  sing N N 149 
HOH O   H1   sing N N 150 
HOH O   H2   sing N N 151 
ILE N   CA   sing N N 152 
ILE N   H    sing N N 153 
ILE N   H2   sing N N 154 
ILE CA  C    sing N N 155 
ILE CA  CB   sing N N 156 
ILE CA  HA   sing N N 157 
ILE C   O    doub N N 158 
ILE C   OXT  sing N N 159 
ILE CB  CG1  sing N N 160 
ILE CB  CG2  sing N N 161 
ILE CB  HB   sing N N 162 
ILE CG1 CD1  sing N N 163 
ILE CG1 HG12 sing N N 164 
ILE CG1 HG13 sing N N 165 
ILE CG2 HG21 sing N N 166 
ILE CG2 HG22 sing N N 167 
ILE CG2 HG23 sing N N 168 
ILE CD1 HD11 sing N N 169 
ILE CD1 HD12 sing N N 170 
ILE CD1 HD13 sing N N 171 
ILE OXT HXT  sing N N 172 
LEU N   CA   sing N N 173 
LEU N   H    sing N N 174 
LEU N   H2   sing N N 175 
LEU CA  C    sing N N 176 
LEU CA  CB   sing N N 177 
LEU CA  HA   sing N N 178 
LEU C   O    doub N N 179 
LEU C   OXT  sing N N 180 
LEU CB  CG   sing N N 181 
LEU CB  HB2  sing N N 182 
LEU CB  HB3  sing N N 183 
LEU CG  CD1  sing N N 184 
LEU CG  CD2  sing N N 185 
LEU CG  HG   sing N N 186 
LEU CD1 HD11 sing N N 187 
LEU CD1 HD12 sing N N 188 
LEU CD1 HD13 sing N N 189 
LEU CD2 HD21 sing N N 190 
LEU CD2 HD22 sing N N 191 
LEU CD2 HD23 sing N N 192 
LEU OXT HXT  sing N N 193 
LYS N   CA   sing N N 194 
LYS N   H    sing N N 195 
LYS N   H2   sing N N 196 
LYS CA  C    sing N N 197 
LYS CA  CB   sing N N 198 
LYS CA  HA   sing N N 199 
LYS C   O    doub N N 200 
LYS C   OXT  sing N N 201 
LYS CB  CG   sing N N 202 
LYS CB  HB2  sing N N 203 
LYS CB  HB3  sing N N 204 
LYS CG  CD   sing N N 205 
LYS CG  HG2  sing N N 206 
LYS CG  HG3  sing N N 207 
LYS CD  CE   sing N N 208 
LYS CD  HD2  sing N N 209 
LYS CD  HD3  sing N N 210 
LYS CE  NZ   sing N N 211 
LYS CE  HE2  sing N N 212 
LYS CE  HE3  sing N N 213 
LYS NZ  HZ1  sing N N 214 
LYS NZ  HZ2  sing N N 215 
LYS NZ  HZ3  sing N N 216 
LYS OXT HXT  sing N N 217 
MSE N   CA   sing N N 218 
MSE N   H    sing N N 219 
MSE N   H2   sing N N 220 
MSE CA  C    sing N N 221 
MSE CA  CB   sing N N 222 
MSE CA  HA   sing N N 223 
MSE C   O    doub N N 224 
MSE C   OXT  sing N N 225 
MSE OXT HXT  sing N N 226 
MSE CB  CG   sing N N 227 
MSE CB  HB2  sing N N 228 
MSE CB  HB3  sing N N 229 
MSE CG  SE   sing N N 230 
MSE CG  HG2  sing N N 231 
MSE CG  HG3  sing N N 232 
MSE SE  CE   sing N N 233 
MSE CE  HE1  sing N N 234 
MSE CE  HE2  sing N N 235 
MSE CE  HE3  sing N N 236 
PHE N   CA   sing N N 237 
PHE N   H    sing N N 238 
PHE N   H2   sing N N 239 
PHE CA  C    sing N N 240 
PHE CA  CB   sing N N 241 
PHE CA  HA   sing N N 242 
PHE C   O    doub N N 243 
PHE C   OXT  sing N N 244 
PHE CB  CG   sing N N 245 
PHE CB  HB2  sing N N 246 
PHE CB  HB3  sing N N 247 
PHE CG  CD1  doub Y N 248 
PHE CG  CD2  sing Y N 249 
PHE CD1 CE1  sing Y N 250 
PHE CD1 HD1  sing N N 251 
PHE CD2 CE2  doub Y N 252 
PHE CD2 HD2  sing N N 253 
PHE CE1 CZ   doub Y N 254 
PHE CE1 HE1  sing N N 255 
PHE CE2 CZ   sing Y N 256 
PHE CE2 HE2  sing N N 257 
PHE CZ  HZ   sing N N 258 
PHE OXT HXT  sing N N 259 
PRO N   CA   sing N N 260 
PRO N   CD   sing N N 261 
PRO N   H    sing N N 262 
PRO CA  C    sing N N 263 
PRO CA  CB   sing N N 264 
PRO CA  HA   sing N N 265 
PRO C   O    doub N N 266 
PRO C   OXT  sing N N 267 
PRO CB  CG   sing N N 268 
PRO CB  HB2  sing N N 269 
PRO CB  HB3  sing N N 270 
PRO CG  CD   sing N N 271 
PRO CG  HG2  sing N N 272 
PRO CG  HG3  sing N N 273 
PRO CD  HD2  sing N N 274 
PRO CD  HD3  sing N N 275 
PRO OXT HXT  sing N N 276 
SER N   CA   sing N N 277 
SER N   H    sing N N 278 
SER N   H2   sing N N 279 
SER CA  C    sing N N 280 
SER CA  CB   sing N N 281 
SER CA  HA   sing N N 282 
SER C   O    doub N N 283 
SER C   OXT  sing N N 284 
SER CB  OG   sing N N 285 
SER CB  HB2  sing N N 286 
SER CB  HB3  sing N N 287 
SER OG  HG   sing N N 288 
SER OXT HXT  sing N N 289 
THR N   CA   sing N N 290 
THR N   H    sing N N 291 
THR N   H2   sing N N 292 
THR CA  C    sing N N 293 
THR CA  CB   sing N N 294 
THR CA  HA   sing N N 295 
THR C   O    doub N N 296 
THR C   OXT  sing N N 297 
THR CB  OG1  sing N N 298 
THR CB  CG2  sing N N 299 
THR CB  HB   sing N N 300 
THR OG1 HG1  sing N N 301 
THR CG2 HG21 sing N N 302 
THR CG2 HG22 sing N N 303 
THR CG2 HG23 sing N N 304 
THR OXT HXT  sing N N 305 
TRP N   CA   sing N N 306 
TRP N   H    sing N N 307 
TRP N   H2   sing N N 308 
TRP CA  C    sing N N 309 
TRP CA  CB   sing N N 310 
TRP CA  HA   sing N N 311 
TRP C   O    doub N N 312 
TRP C   OXT  sing N N 313 
TRP CB  CG   sing N N 314 
TRP CB  HB2  sing N N 315 
TRP CB  HB3  sing N N 316 
TRP CG  CD1  doub Y N 317 
TRP CG  CD2  sing Y N 318 
TRP CD1 NE1  sing Y N 319 
TRP CD1 HD1  sing N N 320 
TRP CD2 CE2  doub Y N 321 
TRP CD2 CE3  sing Y N 322 
TRP NE1 CE2  sing Y N 323 
TRP NE1 HE1  sing N N 324 
TRP CE2 CZ2  sing Y N 325 
TRP CE3 CZ3  doub Y N 326 
TRP CE3 HE3  sing N N 327 
TRP CZ2 CH2  doub Y N 328 
TRP CZ2 HZ2  sing N N 329 
TRP CZ3 CH2  sing Y N 330 
TRP CZ3 HZ3  sing N N 331 
TRP CH2 HH2  sing N N 332 
TRP OXT HXT  sing N N 333 
TYR N   CA   sing N N 334 
TYR N   H    sing N N 335 
TYR N   H2   sing N N 336 
TYR CA  C    sing N N 337 
TYR CA  CB   sing N N 338 
TYR CA  HA   sing N N 339 
TYR C   O    doub N N 340 
TYR C   OXT  sing N N 341 
TYR CB  CG   sing N N 342 
TYR CB  HB2  sing N N 343 
TYR CB  HB3  sing N N 344 
TYR CG  CD1  doub Y N 345 
TYR CG  CD2  sing Y N 346 
TYR CD1 CE1  sing Y N 347 
TYR CD1 HD1  sing N N 348 
TYR CD2 CE2  doub Y N 349 
TYR CD2 HD2  sing N N 350 
TYR CE1 CZ   doub Y N 351 
TYR CE1 HE1  sing N N 352 
TYR CE2 CZ   sing Y N 353 
TYR CE2 HE2  sing N N 354 
TYR CZ  OH   sing N N 355 
TYR OH  HH   sing N N 356 
TYR OXT HXT  sing N N 357 
VAL N   CA   sing N N 358 
VAL N   H    sing N N 359 
VAL N   H2   sing N N 360 
VAL CA  C    sing N N 361 
VAL CA  CB   sing N N 362 
VAL CA  HA   sing N N 363 
VAL C   O    doub N N 364 
VAL C   OXT  sing N N 365 
VAL CB  CG1  sing N N 366 
VAL CB  CG2  sing N N 367 
VAL CB  HB   sing N N 368 
VAL CG1 HG11 sing N N 369 
VAL CG1 HG12 sing N N 370 
VAL CG1 HG13 sing N N 371 
VAL CG2 HG21 sing N N 372 
VAL CG2 HG22 sing N N 373 
VAL CG2 HG23 sing N N 374 
VAL OXT HXT  sing N N 375 
# 
_atom_sites.entry_id                    3KHT 
_atom_sites.fract_transf_matrix[1][1]   0.01349276 
_atom_sites.fract_transf_matrix[1][2]   -0.00773938 
_atom_sites.fract_transf_matrix[1][3]   -0.01292790 
_atom_sites.fract_transf_matrix[2][1]   -0.00515586 
_atom_sites.fract_transf_matrix[2][2]   -0.01550459 
_atom_sites.fract_transf_matrix[2][3]   -0.01192123 
_atom_sites.fract_transf_matrix[3][1]   -0.00152339 
_atom_sites.fract_transf_matrix[3][2]   0.00320375 
_atom_sites.fract_transf_matrix[3][3]   -0.00350790 
_atom_sites.fract_transf_vector[1]      1.162395 
_atom_sites.fract_transf_vector[2]      0.616288 
_atom_sites.fract_transf_vector[3]      0.036167 
# 
loop_
_atom_type.symbol 
C  
N  
O  
S  
SE 
# 
loop_
_atom_site.group_PDB 
_atom_site.id 
_atom_site.type_symbol 
_atom_site.label_atom_id 
_atom_site.label_alt_id 
_atom_site.label_comp_id 
_atom_site.label_asym_id 
_atom_site.label_entity_id 
_atom_site.label_seq_id 
_atom_site.pdbx_PDB_ins_code 
_atom_site.Cartn_x 
_atom_site.Cartn_y 
_atom_site.Cartn_z 
_atom_site.occupancy 
_atom_site.B_iso_or_equiv 
_atom_site.pdbx_formal_charge 
_atom_site.auth_seq_id 
_atom_site.auth_comp_id 
_atom_site.auth_asym_id 
_atom_site.auth_atom_id 
_atom_site.pdbx_PDB_model_num 
ATOM   1    N  N   . SER A 1 5   ? -2.072  18.210  1.197   1.00 52.27 ? 14  SER A N   1 
ATOM   2    C  CA  . SER A 1 5   ? -1.098  17.168  1.655   1.00 51.61 ? 14  SER A CA  1 
ATOM   3    C  C   . SER A 1 5   ? -1.664  15.769  1.459   1.00 50.14 ? 14  SER A C   1 
ATOM   4    O  O   . SER A 1 5   ? -2.747  15.455  1.971   1.00 50.98 ? 14  SER A O   1 
ATOM   5    C  CB  . SER A 1 5   ? -0.703  17.356  3.133   1.00 52.79 ? 14  SER A CB  1 
ATOM   6    O  OG  . SER A 1 5   ? 0.560   16.714  3.398   1.00 54.55 ? 14  SER A OG  1 
ATOM   7    N  N   . LYS A 1 6   ? -0.914  14.918  0.758   1.00 47.54 ? 15  LYS A N   1 
ATOM   8    C  CA  . LYS A 1 6   ? -1.393  13.596  0.423   1.00 44.24 ? 15  LYS A CA  1 
ATOM   9    C  C   . LYS A 1 6   ? -1.352  12.787  1.694   1.00 41.98 ? 15  LYS A C   1 
ATOM   10   O  O   . LYS A 1 6   ? -0.583  13.099  2.588   1.00 41.44 ? 15  LYS A O   1 
ATOM   11   C  CB  . LYS A 1 6   ? -0.521  12.921  -0.674  1.00 45.72 ? 15  LYS A CB  1 
ATOM   12   C  CG  . LYS A 1 6   ? -0.182  13.760  -1.923  1.00 44.52 ? 15  LYS A CG  1 
ATOM   13   C  CD  . LYS A 1 6   ? -1.321  14.717  -2.295  1.00 48.97 ? 15  LYS A CD  1 
ATOM   14   C  CE  . LYS A 1 6   ? -0.905  15.742  -3.374  1.00 51.69 ? 15  LYS A CE  1 
ATOM   15   N  NZ  . LYS A 1 6   ? -0.509  15.041  -4.641  1.00 55.68 ? 15  LYS A NZ  1 
ATOM   16   N  N   . ARG A 1 7   ? -2.182  11.756  1.777   1.00 38.91 ? 16  ARG A N   1 
ATOM   17   C  CA  . ARG A 1 7   ? -2.110  10.837  2.870   1.00 37.01 ? 16  ARG A CA  1 
ATOM   18   C  C   . ARG A 1 7   ? -2.114  9.412   2.394   1.00 33.58 ? 16  ARG A C   1 
ATOM   19   O  O   . ARG A 1 7   ? -2.871  9.020   1.488   1.00 32.75 ? 16  ARG A O   1 
ATOM   20   C  CB  . ARG A 1 7   ? -3.170  11.106  3.960   1.00 37.88 ? 16  ARG A CB  1 
ATOM   21   C  CG  . ARG A 1 7   ? -4.520  11.588  3.501   1.00 44.17 ? 16  ARG A CG  1 
ATOM   22   C  CD  . ARG A 1 7   ? -5.201  12.478  4.584   1.00 53.30 ? 16  ARG A CD  1 
ATOM   23   N  NE  . ARG A 1 7   ? -4.235  13.046  5.538   1.00 61.38 ? 16  ARG A NE  1 
ATOM   24   C  CZ  . ARG A 1 7   ? -4.285  12.910  6.870   1.00 63.13 ? 16  ARG A CZ  1 
ATOM   25   N  NH1 . ARG A 1 7   ? -5.295  12.240  7.455   1.00 63.95 ? 16  ARG A NH1 1 
ATOM   26   N  NH2 . ARG A 1 7   ? -3.316  13.456  7.617   1.00 61.28 ? 16  ARG A NH2 1 
ATOM   27   N  N   . VAL A 1 8   ? -1.262  8.621   3.016   1.00 30.27 ? 17  VAL A N   1 
ATOM   28   C  CA  . VAL A 1 8   ? -1.102  7.256   2.604   1.00 28.09 ? 17  VAL A CA  1 
ATOM   29   C  C   . VAL A 1 8   ? -1.303  6.339   3.782   1.00 27.61 ? 17  VAL A C   1 
ATOM   30   O  O   . VAL A 1 8   ? -0.903  6.676   4.890   1.00 29.67 ? 17  VAL A O   1 
ATOM   31   C  CB  . VAL A 1 8   ? 0.315   7.021   1.915   1.00 28.11 ? 17  VAL A CB  1 
ATOM   32   C  CG1 . VAL A 1 8   ? 0.468   5.542   1.504   1.00 23.49 ? 17  VAL A CG1 1 
ATOM   33   C  CG2 . VAL A 1 8   ? 0.486   8.000   0.764   1.00 26.62 ? 17  VAL A CG2 1 
ATOM   34   N  N   . LEU A 1 9   ? -1.899  5.185   3.557   1.00 27.13 ? 18  LEU A N   1 
ATOM   35   C  CA  . LEU A 1 9   ? -2.166  4.255   4.621   1.00 26.31 ? 18  LEU A CA  1 
ATOM   36   C  C   . LEU A 1 9   ? -1.423  3.014   4.234   1.00 25.53 ? 18  LEU A C   1 
ATOM   37   O  O   . LEU A 1 9   ? -1.591  2.549   3.155   1.00 23.69 ? 18  LEU A O   1 
ATOM   38   C  CB  . LEU A 1 9   ? -3.682  3.897   4.721   1.00 26.42 ? 18  LEU A CB  1 
ATOM   39   C  CG  . LEU A 1 9   ? -4.082  2.787   5.735   1.00 28.35 ? 18  LEU A CG  1 
ATOM   40   C  CD1 . LEU A 1 9   ? -3.914  3.323   7.180   1.00 25.19 ? 18  LEU A CD1 1 
ATOM   41   C  CD2 . LEU A 1 9   ? -5.539  2.331   5.506   1.00 27.19 ? 18  LEU A CD2 1 
ATOM   42   N  N   . VAL A 1 10  ? -0.581  2.480   5.106   1.00 25.27 ? 19  VAL A N   1 
ATOM   43   C  CA  . VAL A 1 10  ? 0.136   1.258   4.764   1.00 26.34 ? 19  VAL A CA  1 
ATOM   44   C  C   . VAL A 1 10  ? -0.142  0.135   5.778   1.00 26.05 ? 19  VAL A C   1 
ATOM   45   O  O   . VAL A 1 10  ? 0.109   0.335   6.954   1.00 28.33 ? 19  VAL A O   1 
ATOM   46   C  CB  . VAL A 1 10  ? 1.680   1.510   4.809   1.00 25.24 ? 19  VAL A CB  1 
ATOM   47   C  CG1 . VAL A 1 10  ? 2.410   0.242   4.471   1.00 26.00 ? 19  VAL A CG1 1 
ATOM   48   C  CG2 . VAL A 1 10  ? 2.081   2.687   3.989   1.00 30.41 ? 19  VAL A CG2 1 
ATOM   49   N  N   . VAL A 1 11  ? -0.543  -1.038  5.335   1.00 24.50 ? 20  VAL A N   1 
ATOM   50   C  CA  . VAL A 1 11  ? -0.831  -2.137  6.261   1.00 26.91 ? 20  VAL A CA  1 
ATOM   51   C  C   . VAL A 1 11  ? 0.397   -3.038  6.161   1.00 27.48 ? 20  VAL A C   1 
ATOM   52   O  O   . VAL A 1 11  ? 0.548   -3.812  5.198   1.00 26.75 ? 20  VAL A O   1 
ATOM   53   C  CB  . VAL A 1 11  ? -2.111  -2.917  5.845   1.00 26.31 ? 20  VAL A CB  1 
ATOM   54   C  CG1 . VAL A 1 11  ? -2.377  -4.072  6.755   1.00 25.99 ? 20  VAL A CG1 1 
ATOM   55   C  CG2 . VAL A 1 11  ? -3.305  -1.931  5.711   1.00 27.87 ? 20  VAL A CG2 1 
ATOM   56   N  N   . GLU A 1 12  ? 1.278   -2.875  7.159   1.00 27.95 ? 21  GLU A N   1 
ATOM   57   C  CA  . GLU A 1 12  ? 2.613   -3.509  7.185   1.00 30.43 ? 21  GLU A CA  1 
ATOM   58   C  C   . GLU A 1 12  ? 2.999   -3.544  8.664   1.00 29.40 ? 21  GLU A C   1 
ATOM   59   O  O   . GLU A 1 12  ? 2.890   -2.512  9.351   1.00 30.59 ? 21  GLU A O   1 
ATOM   60   C  CB  . GLU A 1 12  ? 3.639   -2.581  6.503   1.00 29.58 ? 21  GLU A CB  1 
ATOM   61   C  CG  . GLU A 1 12  ? 5.108   -3.060  6.487   1.00 33.81 ? 21  GLU A CG  1 
ATOM   62   C  CD  . GLU A 1 12  ? 5.214   -4.454  5.983   1.00 34.99 ? 21  GLU A CD  1 
ATOM   63   O  OE1 . GLU A 1 12  ? 4.852   -4.735  4.802   1.00 39.69 ? 21  GLU A OE1 1 
ATOM   64   O  OE2 . GLU A 1 12  ? 5.637   -5.320  6.770   1.00 39.35 ? 21  GLU A OE2 1 
ATOM   65   N  N   . ASP A 1 13  ? 3.531   -4.662  9.078   1.00 30.97 ? 22  ASP A N   1 
ATOM   66   C  CA  . ASP A 1 13  ? 4.047   -4.839  10.454  1.00 36.39 ? 22  ASP A CA  1 
ATOM   67   C  C   . ASP A 1 13  ? 5.562   -5.092  10.644  1.00 37.49 ? 22  ASP A C   1 
ATOM   68   O  O   . ASP A 1 13  ? 6.051   -5.139  11.793  1.00 39.66 ? 22  ASP A O   1 
ATOM   69   C  CB  . ASP A 1 13  ? 3.259   -5.911  11.205  1.00 34.99 ? 22  ASP A CB  1 
ATOM   70   C  CG  . ASP A 1 13  ? 3.615   -7.291  10.798  1.00 40.31 ? 22  ASP A CG  1 
ATOM   71   O  OD1 . ASP A 1 13  ? 4.299   -7.475  9.756   1.00 47.81 ? 22  ASP A OD1 1 
ATOM   72   O  OD2 . ASP A 1 13  ? 3.209   -8.227  11.536  1.00 42.39 ? 22  ASP A OD2 1 
ATOM   73   N  N   . ASN A 1 14  ? 6.291   -5.305  9.552   1.00 37.62 ? 23  ASN A N   1 
ATOM   74   C  CA  . ASN A 1 14  ? 7.750   -5.476  9.675   1.00 36.59 ? 23  ASN A CA  1 
ATOM   75   C  C   . ASN A 1 14  ? 8.362   -4.132  9.965   1.00 34.61 ? 23  ASN A C   1 
ATOM   76   O  O   . ASN A 1 14  ? 8.283   -3.240  9.141   1.00 36.88 ? 23  ASN A O   1 
ATOM   77   C  CB  . ASN A 1 14  ? 8.341   -6.156  8.422   1.00 35.73 ? 23  ASN A CB  1 
ATOM   78   C  CG  . ASN A 1 14  ? 9.832   -6.454  8.582   1.00 37.14 ? 23  ASN A CG  1 
ATOM   79   O  OD1 . ASN A 1 14  ? 10.617  -5.581  9.013   1.00 35.47 ? 23  ASN A OD1 1 
ATOM   80   N  ND2 . ASN A 1 14  ? 10.214  -7.702  8.289   1.00 36.05 ? 23  ASN A ND2 1 
ATOM   81   N  N   . PRO A 1 15  ? 8.952   -3.931  11.171  1.00 34.97 ? 24  PRO A N   1 
ATOM   82   C  CA  . PRO A 1 15  ? 9.472   -2.569  11.485  1.00 32.97 ? 24  PRO A CA  1 
ATOM   83   C  C   . PRO A 1 15  ? 10.731  -2.101  10.649  1.00 32.29 ? 24  PRO A C   1 
ATOM   84   O  O   . PRO A 1 15  ? 11.042  -0.889  10.564  1.00 29.29 ? 24  PRO A O   1 
ATOM   85   C  CB  . PRO A 1 15  ? 9.862   -2.683  12.963  1.00 34.46 ? 24  PRO A CB  1 
ATOM   86   C  CG  . PRO A 1 15  ? 10.100  -4.108  13.193  1.00 34.72 ? 24  PRO A CG  1 
ATOM   87   C  CD  . PRO A 1 15  ? 9.156   -4.863  12.299  1.00 34.73 ? 24  PRO A CD  1 
ATOM   88   N  N   . ASP A 1 16  ? 11.440  -3.028  10.033  1.00 31.33 ? 25  ASP A N   1 
ATOM   89   C  CA  . ASP A 1 16  ? 12.566  -2.509  9.183   1.00 32.22 ? 25  ASP A CA  1 
ATOM   90   C  C   . ASP A 1 16  ? 12.037  -2.029  7.815   1.00 30.70 ? 25  ASP A C   1 
ATOM   91   O  O   . ASP A 1 16  ? 12.443  -0.950  7.305   1.00 31.64 ? 25  ASP A O   1 
ATOM   92   C  CB  . ASP A 1 16  ? 13.660  -3.546  9.076   1.00 32.34 ? 25  ASP A CB  1 
ATOM   93   C  CG  . ASP A 1 16  ? 14.186  -3.973  10.457  1.00 33.52 ? 25  ASP A CG  1 
ATOM   94   O  OD1 . ASP A 1 16  ? 14.595  -3.067  11.263  1.00 37.24 ? 25  ASP A OD1 1 
ATOM   95   O  OD2 . ASP A 1 16  ? 14.132  -5.197  10.699  1.00 34.59 ? 25  ASP A OD2 1 
ATOM   96   N  N   . ASP A 1 17  ? 11.054  -2.760  7.308   1.00 31.00 ? 26  ASP A N   1 
ATOM   97   C  CA  . ASP A 1 17  ? 10.274  -2.306  6.095   1.00 30.47 ? 26  ASP A CA  1 
ATOM   98   C  C   . ASP A 1 17  ? 9.727   -0.966  6.310   1.00 29.84 ? 26  ASP A C   1 
ATOM   99   O  O   . ASP A 1 17  ? 9.902   -0.066  5.462   1.00 30.32 ? 26  ASP A O   1 
ATOM   100  C  CB  . ASP A 1 17  ? 9.201   -3.304  5.688   1.00 30.19 ? 26  ASP A CB  1 
ATOM   101  C  CG  . ASP A 1 17  ? 9.783   -4.582  5.254   1.00 33.54 ? 26  ASP A CG  1 
ATOM   102  O  OD1 . ASP A 1 17  ? 10.993  -4.729  5.492   1.00 35.13 ? 26  ASP A OD1 1 
ATOM   103  O  OD2 . ASP A 1 17  ? 9.098   -5.482  4.700   1.00 37.10 ? 26  ASP A OD2 1 
ATOM   104  N  N   . ILE A 1 18  ? 9.131   -0.749  7.490   1.00 29.98 ? 27  ILE A N   1 
ATOM   105  C  CA  . ILE A 1 18  ? 8.531   0.552   7.794   1.00 29.09 ? 27  ILE A CA  1 
ATOM   106  C  C   . ILE A 1 18  ? 9.531   1.639   7.818   1.00 28.29 ? 27  ILE A C   1 
ATOM   107  O  O   . ILE A 1 18  ? 9.328   2.709   7.284   1.00 28.16 ? 27  ILE A O   1 
ATOM   108  C  CB  . ILE A 1 18  ? 7.717   0.533   9.169   1.00 29.29 ? 27  ILE A CB  1 
ATOM   109  C  CG1 . ILE A 1 18  ? 6.486   -0.370  9.003   1.00 30.90 ? 27  ILE A CG1 1 
ATOM   110  C  CG2 . ILE A 1 18  ? 7.431   1.998   9.578   1.00 28.57 ? 27  ILE A CG2 1 
ATOM   111  C  CD1 . ILE A 1 18  ? 5.739   -1.003  10.326  1.00 33.25 ? 27  ILE A CD1 1 
ATOM   112  N  N   . ALA A 1 19  ? 10.670  1.376   8.476   1.00 29.97 ? 28  ALA A N   1 
ATOM   113  C  CA  . ALA A 1 19  ? 11.728  2.354   8.622   1.00 27.61 ? 28  ALA A CA  1 
ATOM   114  C  C   . ALA A 1 19  ? 12.303  2.610   7.237   1.00 28.08 ? 28  ALA A C   1 
ATOM   115  O  O   . ALA A 1 19  ? 12.597  3.731   6.879   1.00 27.97 ? 28  ALA A O   1 
ATOM   116  C  CB  . ALA A 1 19  ? 12.848  1.828   9.646   1.00 27.67 ? 28  ALA A CB  1 
ATOM   117  N  N   . LEU A 1 20  ? 12.458  1.587   6.433   1.00 28.71 ? 29  LEU A N   1 
ATOM   118  C  CA  . LEU A 1 20  ? 12.974  1.885   5.064   1.00 29.10 ? 29  LEU A CA  1 
ATOM   119  C  C   . LEU A 1 20  ? 12.011  2.778   4.235   1.00 29.38 ? 29  LEU A C   1 
ATOM   120  O  O   . LEU A 1 20  ? 12.399  3.783   3.579   1.00 30.04 ? 29  LEU A O   1 
ATOM   121  C  CB  . LEU A 1 20  ? 13.287  0.536   4.363   1.00 28.71 ? 29  LEU A CB  1 
ATOM   122  C  CG  . LEU A 1 20  ? 13.752  0.715   2.919   1.00 28.96 ? 29  LEU A CG  1 
ATOM   123  C  CD1 . LEU A 1 20  ? 15.112  1.374   2.989   1.00 27.27 ? 29  LEU A CD1 1 
ATOM   124  C  CD2 . LEU A 1 20  ? 13.783  -0.682  2.332   1.00 25.38 ? 29  LEU A CD2 1 
ATOM   125  N  N   . ILE A 1 21  ? 10.723  2.421   4.243   1.00 30.44 ? 30  ILE A N   1 
ATOM   126  C  CA  . ILE A 1 21  ? 9.713   3.281   3.593   1.00 30.04 ? 30  ILE A CA  1 
ATOM   127  C  C   . ILE A 1 21  ? 9.800   4.734   4.052   1.00 31.61 ? 30  ILE A C   1 
ATOM   128  O  O   . ILE A 1 21  ? 9.923   5.660   3.217   1.00 32.14 ? 30  ILE A O   1 
ATOM   129  C  CB  . ILE A 1 21  ? 8.276   2.657   3.722   1.00 29.18 ? 30  ILE A CB  1 
ATOM   130  C  CG1 . ILE A 1 21  ? 8.245   1.304   3.014   1.00 29.45 ? 30  ILE A CG1 1 
ATOM   131  C  CG2 . ILE A 1 21  ? 7.257   3.662   3.266   1.00 29.63 ? 30  ILE A CG2 1 
ATOM   132  C  CD1 . ILE A 1 21  ? 7.031   0.345   3.329   1.00 32.01 ? 30  ILE A CD1 1 
ATOM   133  N  N   . ARG A 1 22  ? 9.808   5.016   5.371   1.00 31.93 ? 31  ARG A N   1 
ATOM   134  C  CA  . ARG A 1 22  ? 9.900   6.448   5.744   1.00 31.41 ? 31  ARG A CA  1 
ATOM   135  C  C   . ARG A 1 22  ? 11.108  7.151   5.186   1.00 31.68 ? 31  ARG A C   1 
ATOM   136  O  O   . ARG A 1 22  ? 11.029  8.331   4.817   1.00 31.36 ? 31  ARG A O   1 
ATOM   137  C  CB  . ARG A 1 22  ? 9.985   6.662   7.267   1.00 33.88 ? 31  ARG A CB  1 
ATOM   138  C  CG  . ARG A 1 22  ? 9.146   5.806   8.059   1.00 35.94 ? 31  ARG A CG  1 
ATOM   139  C  CD  . ARG A 1 22  ? 9.070   6.466   9.434   1.00 40.51 ? 31  ARG A CD  1 
ATOM   140  N  NE  . ARG A 1 22  ? 8.040   5.809   10.218  1.00 43.11 ? 31  ARG A NE  1 
ATOM   141  C  CZ  . ARG A 1 22  ? 6.821   6.299   10.422  1.00 45.22 ? 31  ARG A CZ  1 
ATOM   142  N  NH1 . ARG A 1 22  ? 6.477   7.499   9.935   1.00 45.52 ? 31  ARG A NH1 1 
ATOM   143  N  NH2 . ARG A 1 22  ? 5.952   5.584   11.150  1.00 45.05 ? 31  ARG A NH2 1 
ATOM   144  N  N   . ARG A 1 23  ? 12.214  6.439   5.135   1.00 31.76 ? 32  ARG A N   1 
ATOM   145  C  CA  . ARG A 1 23  ? 13.464  6.982   4.686   1.00 34.36 ? 32  ARG A CA  1 
ATOM   146  C  C   . ARG A 1 23  ? 13.480  7.255   3.201   1.00 35.13 ? 32  ARG A C   1 
ATOM   147  O  O   . ARG A 1 23  ? 13.917  8.281   2.793   1.00 37.68 ? 32  ARG A O   1 
ATOM   148  C  CB  . ARG A 1 23  ? 14.607  6.076   5.066   1.00 33.57 ? 32  ARG A CB  1 
ATOM   149  C  CG  . ARG A 1 23  ? 15.230  6.460   6.363   1.00 36.19 ? 32  ARG A CG  1 
ATOM   150  C  CD  . ARG A 1 23  ? 16.061  5.390   6.987   1.00 37.22 ? 32  ARG A CD  1 
ATOM   151  N  NE  . ARG A 1 23  ? 16.122  5.626   8.414   1.00 40.02 ? 32  ARG A NE  1 
ATOM   152  C  CZ  . ARG A 1 23  ? 16.209  4.680   9.314   1.00 38.80 ? 32  ARG A CZ  1 
ATOM   153  N  NH1 . ARG A 1 23  ? 16.283  3.437   8.945   1.00 34.07 ? 32  ARG A NH1 1 
ATOM   154  N  NH2 . ARG A 1 23  ? 16.221  4.990   10.589  1.00 43.09 ? 32  ARG A NH2 1 
ATOM   155  N  N   . VAL A 1 24  ? 12.984  6.338   2.399   1.00 35.80 ? 33  VAL A N   1 
ATOM   156  C  CA  . VAL A 1 24  ? 12.838  6.618   0.949   1.00 34.78 ? 33  VAL A CA  1 
ATOM   157  C  C   . VAL A 1 24  ? 12.135  7.989   0.680   1.00 36.54 ? 33  VAL A C   1 
ATOM   158  O  O   . VAL A 1 24  ? 12.704  8.865   -0.012  1.00 36.77 ? 33  VAL A O   1 
ATOM   159  C  CB  . VAL A 1 24  ? 12.152  5.470   0.226   1.00 34.29 ? 33  VAL A CB  1 
ATOM   160  C  CG1 . VAL A 1 24  ? 11.943  5.828   -1.253  1.00 31.82 ? 33  VAL A CG1 1 
ATOM   161  C  CG2 . VAL A 1 24  ? 12.958  4.167   0.371   1.00 27.49 ? 33  VAL A CG2 1 
ATOM   162  N  N   . LEU A 1 25  ? 10.954  8.190   1.262   1.00 38.20 ? 34  LEU A N   1 
ATOM   163  C  CA  . LEU A 1 25  ? 10.167  9.455   1.114   1.00 40.38 ? 34  LEU A CA  1 
ATOM   164  C  C   . LEU A 1 25  ? 10.911  10.714  1.481   1.00 42.99 ? 34  LEU A C   1 
ATOM   165  O  O   . LEU A 1 25  ? 10.836  11.721  0.778   1.00 43.31 ? 34  LEU A O   1 
ATOM   166  C  CB  . LEU A 1 25  ? 8.920   9.406   1.951   1.00 40.10 ? 34  LEU A CB  1 
ATOM   167  C  CG  . LEU A 1 25  ? 7.833   8.509   1.344   1.00 40.35 ? 34  LEU A CG  1 
ATOM   168  C  CD1 . LEU A 1 25  ? 8.426   7.217   1.088   1.00 33.68 ? 34  LEU A CD1 1 
ATOM   169  C  CD2 . LEU A 1 25  ? 6.683   8.382   2.300   1.00 42.55 ? 34  LEU A CD2 1 
ATOM   170  N  N   . ASP A 1 26  ? 11.588  10.649  2.618   1.00 45.70 ? 35  ASP A N   1 
ATOM   171  C  CA  . ASP A 1 26  ? 12.531  11.647  3.023   1.00 49.08 ? 35  ASP A CA  1 
ATOM   172  C  C   . ASP A 1 26  ? 13.528  12.037  1.946   1.00 50.06 ? 35  ASP A C   1 
ATOM   173  O  O   . ASP A 1 26  ? 13.577  13.207  1.513   1.00 49.66 ? 35  ASP A O   1 
ATOM   174  C  CB  . ASP A 1 26  ? 13.327  11.094  4.196   1.00 50.41 ? 35  ASP A CB  1 
ATOM   175  C  CG  . ASP A 1 26  ? 13.120  11.881  5.401   1.00 55.90 ? 35  ASP A CG  1 
ATOM   176  O  OD1 . ASP A 1 26  ? 14.041  12.696  5.689   1.00 62.63 ? 35  ASP A OD1 1 
ATOM   177  O  OD2 . ASP A 1 26  ? 12.012  11.744  5.993   1.00 60.38 ? 35  ASP A OD2 1 
ATOM   178  N  N   . ARG A 1 27  ? 14.322  11.071  1.533   1.00 51.21 ? 36  ARG A N   1 
ATOM   179  C  CA  . ARG A 1 27  ? 15.414  11.332  0.643   1.00 53.65 ? 36  ARG A CA  1 
ATOM   180  C  C   . ARG A 1 27  ? 14.925  11.877  -0.670  1.00 54.41 ? 36  ARG A C   1 
ATOM   181  O  O   . ARG A 1 27  ? 15.549  12.729  -1.265  1.00 54.19 ? 36  ARG A O   1 
ATOM   182  C  CB  . ARG A 1 27  ? 16.244  10.085  0.433   1.00 53.53 ? 36  ARG A CB  1 
ATOM   183  C  CG  . ARG A 1 27  ? 16.950  9.637   1.674   1.00 56.81 ? 36  ARG A CG  1 
ATOM   184  C  CD  . ARG A 1 27  ? 17.708  8.364   1.470   1.00 60.15 ? 36  ARG A CD  1 
ATOM   185  N  NE  . ARG A 1 27  ? 18.565  8.047   2.607   1.00 64.63 ? 36  ARG A NE  1 
ATOM   186  C  CZ  . ARG A 1 27  ? 19.884  8.130   2.606   1.00 61.57 ? 36  ARG A CZ  1 
ATOM   187  N  NH1 . ARG A 1 27  ? 20.518  8.564   1.537   1.00 63.53 ? 36  ARG A NH1 1 
ATOM   188  N  NH2 . ARG A 1 27  ? 20.557  7.821   3.676   1.00 60.14 ? 36  ARG A NH2 1 
ATOM   189  N  N   . LYS A 1 28  ? 13.800  11.355  -1.116  1.00 55.35 ? 37  LYS A N   1 
ATOM   190  C  CA  . LYS A 1 28  ? 13.240  11.695  -2.399  1.00 56.51 ? 37  LYS A CA  1 
ATOM   191  C  C   . LYS A 1 28  ? 12.293  12.869  -2.287  1.00 57.63 ? 37  LYS A C   1 
ATOM   192  O  O   . LYS A 1 28  ? 11.611  13.216  -3.262  1.00 58.64 ? 37  LYS A O   1 
ATOM   193  C  CB  . LYS A 1 28  ? 12.548  10.475  -2.983  1.00 56.39 ? 37  LYS A CB  1 
ATOM   194  C  CG  . LYS A 1 28  ? 13.492  9.283   -3.133  1.00 55.50 ? 37  LYS A CG  1 
ATOM   195  C  CD  . LYS A 1 28  ? 14.507  9.501   -4.236  1.00 56.53 ? 37  LYS A CD  1 
ATOM   196  C  CE  . LYS A 1 28  ? 15.211  8.186   -4.528  1.00 57.46 ? 37  LYS A CE  1 
ATOM   197  N  NZ  . LYS A 1 28  ? 16.018  8.241   -5.769  1.00 59.59 ? 37  LYS A NZ  1 
ATOM   198  N  N   . ASP A 1 29  ? 12.256  13.493  -1.102  1.00 58.12 ? 38  ASP A N   1 
ATOM   199  C  CA  . ASP A 1 29  ? 11.461  14.708  -0.895  1.00 58.80 ? 38  ASP A CA  1 
ATOM   200  C  C   . ASP A 1 29  ? 9.990   14.538  -1.279  1.00 58.50 ? 38  ASP A C   1 
ATOM   201  O  O   . ASP A 1 29  ? 9.375   15.430  -1.888  1.00 57.24 ? 38  ASP A O   1 
ATOM   202  C  CB  . ASP A 1 29  ? 12.060  15.877  -1.680  1.00 59.45 ? 38  ASP A CB  1 
ATOM   203  C  CG  . ASP A 1 29  ? 12.492  16.987  -0.789  1.00 62.57 ? 38  ASP A CG  1 
ATOM   204  O  OD1 . ASP A 1 29  ? 11.624  17.537  -0.069  1.00 66.09 ? 38  ASP A OD1 1 
ATOM   205  O  OD2 . ASP A 1 29  ? 13.694  17.308  -0.800  1.00 65.75 ? 38  ASP A OD2 1 
ATOM   206  N  N   . ILE A 1 30  ? 9.448   13.372  -0.944  1.00 58.31 ? 39  ILE A N   1 
ATOM   207  C  CA  . ILE A 1 30  ? 8.049   13.098  -1.196  1.00 57.96 ? 39  ILE A CA  1 
ATOM   208  C  C   . ILE A 1 30  ? 7.333   13.439  0.095   1.00 58.35 ? 39  ILE A C   1 
ATOM   209  O  O   . ILE A 1 30  ? 7.568   12.809  1.156   1.00 58.15 ? 39  ILE A O   1 
ATOM   210  C  CB  . ILE A 1 30  ? 7.822   11.654  -1.694  1.00 57.95 ? 39  ILE A CB  1 
ATOM   211  C  CG1 . ILE A 1 30  ? 8.539   11.492  -3.052  1.00 56.50 ? 39  ILE A CG1 1 
ATOM   212  C  CG2 . ILE A 1 30  ? 6.315   11.353  -1.788  1.00 58.08 ? 39  ILE A CG2 1 
ATOM   213  C  CD1 . ILE A 1 30  ? 8.533   10.133  -3.681  1.00 54.16 ? 39  ILE A CD1 1 
ATOM   214  N  N   . HIS A 1 31  ? 6.514   14.494  0.034   1.00 58.63 ? 40  HIS A N   1 
ATOM   215  C  CA  . HIS A 1 31  ? 5.840   14.956  1.258   1.00 58.57 ? 40  HIS A CA  1 
ATOM   216  C  C   . HIS A 1 31  ? 4.321   14.622  1.343   1.00 56.65 ? 40  HIS A C   1 
ATOM   217  O  O   . HIS A 1 31  ? 3.485   15.100  0.551   1.00 57.47 ? 40  HIS A O   1 
ATOM   218  C  CB  . HIS A 1 31  ? 6.244   16.401  1.617   1.00 60.39 ? 40  HIS A CB  1 
ATOM   219  C  CG  . HIS A 1 31  ? 7.672   16.507  2.099   1.00 64.62 ? 40  HIS A CG  1 
ATOM   220  N  ND1 . HIS A 1 31  ? 8.086   16.003  3.321   1.00 68.63 ? 40  HIS A ND1 1 
ATOM   221  C  CD2 . HIS A 1 31  ? 8.786   17.011  1.509   1.00 68.06 ? 40  HIS A CD2 1 
ATOM   222  C  CE1 . HIS A 1 31  ? 9.387   16.203  3.465   1.00 69.57 ? 40  HIS A CE1 1 
ATOM   223  N  NE2 . HIS A 1 31  ? 9.838   16.812  2.379   1.00 69.88 ? 40  HIS A NE2 1 
ATOM   224  N  N   . CYS A 1 32  ? 4.012   13.751  2.305   1.00 52.65 ? 41  CYS A N   1 
ATOM   225  C  CA  . CYS A 1 32  ? 2.678   13.260  2.520   1.00 48.43 ? 41  CYS A CA  1 
ATOM   226  C  C   . CYS A 1 32  ? 2.564   12.825  3.982   1.00 47.78 ? 41  CYS A C   1 
ATOM   227  O  O   . CYS A 1 32  ? 3.559   12.708  4.675   1.00 47.95 ? 41  CYS A O   1 
ATOM   228  C  CB  . CYS A 1 32  ? 2.368   12.087  1.561   1.00 47.88 ? 41  CYS A CB  1 
ATOM   229  S  SG  . CYS A 1 32  ? 3.254   10.548  1.776   1.00 39.09 ? 41  CYS A SG  1 
ATOM   230  N  N   . GLN A 1 33  ? 1.351   12.589  4.448   1.00 46.27 ? 42  GLN A N   1 
ATOM   231  C  CA  . GLN A 1 33  ? 1.164   12.024  5.765   1.00 45.92 ? 42  GLN A CA  1 
ATOM   232  C  C   . GLN A 1 33  ? 1.123   10.545  5.560   1.00 43.21 ? 42  GLN A C   1 
ATOM   233  O  O   . GLN A 1 33  ? 0.375   10.045  4.717   1.00 43.96 ? 42  GLN A O   1 
ATOM   234  C  CB  . GLN A 1 33  ? -0.149  12.503  6.387   1.00 46.56 ? 42  GLN A CB  1 
ATOM   235  C  CG  . GLN A 1 33  ? -0.373  14.024  6.286   1.00 52.81 ? 42  GLN A CG  1 
ATOM   236  C  CD  . GLN A 1 33  ? 0.452   14.812  7.310   1.00 60.28 ? 42  GLN A CD  1 
ATOM   237  O  OE1 . GLN A 1 33  ? 1.688   14.869  7.222   1.00 65.69 ? 42  GLN A OE1 1 
ATOM   238  N  NE2 . GLN A 1 33  ? -0.230  15.415  8.293   1.00 61.31 ? 42  GLN A NE2 1 
ATOM   239  N  N   . LEU A 1 34  ? 1.905   9.853   6.355   1.00 39.54 ? 43  LEU A N   1 
ATOM   240  C  CA  . LEU A 1 34  ? 2.043   8.455   6.274   1.00 38.73 ? 43  LEU A CA  1 
ATOM   241  C  C   . LEU A 1 34  ? 1.399   7.810   7.514   1.00 38.16 ? 43  LEU A C   1 
ATOM   242  O  O   . LEU A 1 34  ? 1.651   8.258   8.583   1.00 39.00 ? 43  LEU A O   1 
ATOM   243  C  CB  . LEU A 1 34  ? 3.547   8.210   6.261   1.00 39.36 ? 43  LEU A CB  1 
ATOM   244  C  CG  . LEU A 1 34  ? 4.226   7.029   5.639   1.00 39.21 ? 43  LEU A CG  1 
ATOM   245  C  CD1 . LEU A 1 34  ? 3.779   6.895   4.189   1.00 39.58 ? 43  LEU A CD1 1 
ATOM   246  C  CD2 . LEU A 1 34  ? 5.701   7.296   5.683   1.00 36.03 ? 43  LEU A CD2 1 
ATOM   247  N  N   . GLU A 1 35  ? 0.574   6.763   7.377   1.00 36.96 ? 44  GLU A N   1 
ATOM   248  C  CA  . GLU A 1 35  ? 0.061   6.055   8.535   1.00 35.53 ? 44  GLU A CA  1 
ATOM   249  C  C   . GLU A 1 35  ? 0.240   4.587   8.375   1.00 32.96 ? 44  GLU A C   1 
ATOM   250  O  O   . GLU A 1 35  ? -0.268  4.022   7.411   1.00 32.67 ? 44  GLU A O   1 
ATOM   251  C  CB  . GLU A 1 35  ? -1.448  6.336   8.727   1.00 35.55 ? 44  GLU A CB  1 
ATOM   252  C  CG  . GLU A 1 35  ? -1.776  7.820   9.070   1.00 38.57 ? 44  GLU A CG  1 
ATOM   253  C  CD  . GLU A 1 35  ? -3.260  8.183   8.786   1.00 40.24 ? 44  GLU A CD  1 
ATOM   254  O  OE1 . GLU A 1 35  ? -4.106  7.273   8.666   1.00 44.92 ? 44  GLU A OE1 1 
ATOM   255  O  OE2 . GLU A 1 35  ? -3.590  9.377   8.666   1.00 47.21 ? 44  GLU A OE2 1 
ATOM   256  N  N   . PHE A 1 36  ? 0.876   3.936   9.353   1.00 29.55 ? 45  PHE A N   1 
ATOM   257  C  CA  . PHE A 1 36  ? 1.033   2.475   9.316   1.00 27.97 ? 45  PHE A CA  1 
ATOM   258  C  C   . PHE A 1 36  ? 0.125   1.850   10.360  1.00 27.97 ? 45  PHE A C   1 
ATOM   259  O  O   . PHE A 1 36  ? -0.003  2.365   11.435  1.00 28.42 ? 45  PHE A O   1 
ATOM   260  C  CB  . PHE A 1 36  ? 2.501   2.048   9.626   1.00 28.23 ? 45  PHE A CB  1 
ATOM   261  C  CG  . PHE A 1 36  ? 3.547   2.626   8.647   1.00 27.25 ? 45  PHE A CG  1 
ATOM   262  C  CD1 . PHE A 1 36  ? 4.013   1.848   7.576   1.00 29.56 ? 45  PHE A CD1 1 
ATOM   263  C  CD2 . PHE A 1 36  ? 4.046   3.932   8.809   1.00 29.13 ? 45  PHE A CD2 1 
ATOM   264  C  CE1 . PHE A 1 36  ? 4.968   2.402   6.633   1.00 28.92 ? 45  PHE A CE1 1 
ATOM   265  C  CE2 . PHE A 1 36  ? 5.010   4.475   7.922   1.00 29.83 ? 45  PHE A CE2 1 
ATOM   266  C  CZ  . PHE A 1 36  ? 5.449   3.700   6.826   1.00 28.70 ? 45  PHE A CZ  1 
ATOM   267  N  N   . VAL A 1 37  ? -0.407  0.692   10.066  1.00 26.94 ? 46  VAL A N   1 
ATOM   268  C  CA  . VAL A 1 37  ? -1.158  -0.052  11.020  1.00 28.67 ? 46  VAL A CA  1 
ATOM   269  C  C   . VAL A 1 37  ? -0.764  -1.435  10.697  1.00 28.86 ? 46  VAL A C   1 
ATOM   270  O  O   . VAL A 1 37  ? -0.437  -1.715  9.539   1.00 28.55 ? 46  VAL A O   1 
ATOM   271  C  CB  . VAL A 1 37  ? -2.747  0.063   10.767  1.00 27.81 ? 46  VAL A CB  1 
ATOM   272  C  CG1 . VAL A 1 37  ? -3.178  1.537   10.810  1.00 24.94 ? 46  VAL A CG1 1 
ATOM   273  C  CG2 . VAL A 1 37  ? -3.075  -0.584  9.420   1.00 24.71 ? 46  VAL A CG2 1 
ATOM   274  N  N   . ASP A 1 38  ? -0.888  -2.333  11.670  1.00 29.68 ? 47  ASP A N   1 
ATOM   275  C  CA  . ASP A 1 38  ? -0.306  -3.649  11.545  1.00 30.23 ? 47  ASP A CA  1 
ATOM   276  C  C   . ASP A 1 38  ? -1.312  -4.696  11.276  1.00 30.81 ? 47  ASP A C   1 
ATOM   277  O  O   . ASP A 1 38  ? -0.951  -5.870  11.150  1.00 30.55 ? 47  ASP A O   1 
ATOM   278  C  CB  . ASP A 1 38  ? 0.619   -3.992  12.750  1.00 33.41 ? 47  ASP A CB  1 
ATOM   279  C  CG  . ASP A 1 38  ? -0.151  -4.181  14.074  1.00 39.30 ? 47  ASP A CG  1 
ATOM   280  O  OD1 . ASP A 1 38  ? -1.397  -4.206  14.025  1.00 38.28 ? 47  ASP A OD1 1 
ATOM   281  O  OD2 . ASP A 1 38  ? 0.489   -4.281  15.165  1.00 46.47 ? 47  ASP A OD2 1 
ATOM   282  N  N   . ASN A 1 39  ? -2.594  -4.317  11.126  1.00 30.85 ? 48  ASN A N   1 
ATOM   283  C  CA  . ASN A 1 39  ? -3.543  -5.301  10.689  1.00 31.29 ? 48  ASN A CA  1 
ATOM   284  C  C   . ASN A 1 39  ? -4.821  -4.821  9.955   1.00 30.28 ? 48  ASN A C   1 
ATOM   285  O  O   . ASN A 1 39  ? -5.048  -3.654  9.789   1.00 30.49 ? 48  ASN A O   1 
ATOM   286  C  CB  . ASN A 1 39  ? -3.881  -6.305  11.830  1.00 33.35 ? 48  ASN A CB  1 
ATOM   287  C  CG  . ASN A 1 39  ? -4.786  -5.716  12.926  1.00 34.96 ? 48  ASN A CG  1 
ATOM   288  O  OD1 . ASN A 1 39  ? -5.660  -4.880  12.689  1.00 34.61 ? 48  ASN A OD1 1 
ATOM   289  N  ND2 . ASN A 1 39  ? -4.558  -6.169  14.149  1.00 37.73 ? 48  ASN A ND2 1 
ATOM   290  N  N   . GLY A 1 40  ? -5.613  -5.767  9.504   1.00 31.43 ? 49  GLY A N   1 
ATOM   291  C  CA  . GLY A 1 40  ? -6.772  -5.481  8.665   1.00 32.52 ? 49  GLY A CA  1 
ATOM   292  C  C   . GLY A 1 40  ? -7.879  -4.779  9.388   1.00 33.54 ? 49  GLY A C   1 
ATOM   293  O  O   . GLY A 1 40  ? -8.548  -3.926  8.794   1.00 35.46 ? 49  GLY A O   1 
ATOM   294  N  N   . ALA A 1 41  ? -8.051  -5.095  10.689  1.00 33.67 ? 50  ALA A N   1 
ATOM   295  C  CA  . ALA A 1 41  ? -9.116  -4.514  11.476  1.00 32.29 ? 50  ALA A CA  1 
ATOM   296  C  C   . ALA A 1 41  ? -8.853  -3.070  11.588  1.00 31.27 ? 50  ALA A C   1 
ATOM   297  O  O   . ALA A 1 41  ? -9.755  -2.234  11.422  1.00 29.78 ? 50  ALA A O   1 
ATOM   298  C  CB  . ALA A 1 41  ? -9.236  -5.165  12.891  1.00 32.73 ? 50  ALA A CB  1 
ATOM   299  N  N   . LYS A 1 42  ? -7.609  -2.735  11.877  1.00 31.41 ? 51  LYS A N   1 
ATOM   300  C  CA  . LYS A 1 42  ? -7.218  -1.358  12.036  1.00 31.50 ? 51  LYS A CA  1 
ATOM   301  C  C   . LYS A 1 42  ? -7.298  -0.610  10.729  1.00 30.83 ? 51  LYS A C   1 
ATOM   302  O  O   . LYS A 1 42  ? -7.611  0.530   10.692  1.00 30.85 ? 51  LYS A O   1 
ATOM   303  C  CB  . LYS A 1 42  ? -5.818  -1.228  12.612  1.00 20.00 ? 51  LYS A CB  1 
ATOM   304  C  CG  . LYS A 1 42  ? -5.524  -2.067  13.798  1.00 20.00 ? 51  LYS A CG  1 
ATOM   305  C  CD  . LYS A 1 42  ? -4.078  -1.994  14.176  1.00 20.00 ? 51  LYS A CD  1 
ATOM   306  C  CE  . LYS A 1 42  ? -3.851  -2.119  15.653  1.00 20.00 ? 51  LYS A CE  1 
ATOM   307  N  NZ  . LYS A 1 42  ? -2.494  -2.511  15.955  1.00 20.00 ? 51  LYS A NZ  1 
ATOM   308  N  N   . ALA A 1 43  ? -6.975  -1.292  9.660   1.00 31.76 ? 52  ALA A N   1 
ATOM   309  C  CA  . ALA A 1 43  ? -7.064  -0.756  8.277   1.00 32.26 ? 52  ALA A CA  1 
ATOM   310  C  C   . ALA A 1 43  ? -8.542  -0.357  7.978   1.00 31.14 ? 52  ALA A C   1 
ATOM   311  O  O   . ALA A 1 43  ? -8.847  0.763   7.598   1.00 33.38 ? 52  ALA A O   1 
ATOM   312  C  CB  . ALA A 1 43  ? -6.598  -1.864  7.336   1.00 27.45 ? 52  ALA A CB  1 
ATOM   313  N  N   . LEU A 1 44  ? -9.432  -1.306  8.169   1.00 32.54 ? 53  LEU A N   1 
ATOM   314  C  CA  . LEU A 1 44  ? -10.857 -1.097  7.866   1.00 33.25 ? 53  LEU A CA  1 
ATOM   315  C  C   . LEU A 1 44  ? -11.433 0.060   8.678   1.00 33.56 ? 53  LEU A C   1 
ATOM   316  O  O   . LEU A 1 44  ? -12.317 0.760   8.208   1.00 33.68 ? 53  LEU A O   1 
ATOM   317  C  CB  . LEU A 1 44  ? -11.598 -2.404  8.090   1.00 33.59 ? 53  LEU A CB  1 
ATOM   318  C  CG  . LEU A 1 44  ? -11.309 -3.484  7.063   1.00 35.32 ? 53  LEU A CG  1 
ATOM   319  C  CD1 . LEU A 1 44  ? -11.493 -4.877  7.616   1.00 35.14 ? 53  LEU A CD1 1 
ATOM   320  C  CD2 . LEU A 1 44  ? -12.184 -3.277  5.843   1.00 35.21 ? 53  LEU A CD2 1 
ATOM   321  N  N   . TYR A 1 45  ? -10.882 0.324   9.879   1.00 33.08 ? 54  TYR A N   1 
ATOM   322  C  CA  . TYR A 1 45  ? -11.303 1.461   10.686  1.00 31.93 ? 54  TYR A CA  1 
ATOM   323  C  C   . TYR A 1 45  ? -10.791 2.765   10.107  1.00 32.39 ? 54  TYR A C   1 
ATOM   324  O  O   . TYR A 1 45  ? -11.503 3.769   10.034  1.00 31.63 ? 54  TYR A O   1 
ATOM   325  C  CB  . TYR A 1 45  ? -10.793 1.291   12.158  1.00 31.49 ? 54  TYR A CB  1 
ATOM   326  C  CG  . TYR A 1 45  ? -11.146 2.443   13.057  1.00 32.21 ? 54  TYR A CG  1 
ATOM   327  C  CD1 . TYR A 1 45  ? -12.420 2.522   13.683  1.00 33.22 ? 54  TYR A CD1 1 
ATOM   328  C  CD2 . TYR A 1 45  ? -10.231 3.449   13.301  1.00 30.86 ? 54  TYR A CD2 1 
ATOM   329  C  CE1 . TYR A 1 45  ? -12.748 3.578   14.535  1.00 31.63 ? 54  TYR A CE1 1 
ATOM   330  C  CE2 . TYR A 1 45  ? -10.538 4.510   14.136  1.00 32.63 ? 54  TYR A CE2 1 
ATOM   331  C  CZ  . TYR A 1 45  ? -11.807 4.562   14.760  1.00 34.50 ? 54  TYR A CZ  1 
ATOM   332  O  OH  . TYR A 1 45  ? -12.088 5.634   15.586  1.00 34.57 ? 54  TYR A OH  1 
ATOM   333  N  N   . GLN A 1 46  ? -9.506  2.800   9.756   1.00 33.60 ? 55  GLN A N   1 
ATOM   334  C  CA  . GLN A 1 46  ? -8.923  4.034   9.205   1.00 33.35 ? 55  GLN A CA  1 
ATOM   335  C  C   . GLN A 1 46  ? -9.506  4.423   7.858   1.00 32.10 ? 55  GLN A C   1 
ATOM   336  O  O   . GLN A 1 46  ? -9.568  5.589   7.560   1.00 31.66 ? 55  GLN A O   1 
ATOM   337  C  CB  . GLN A 1 46  ? -7.391  3.909   9.021   1.00 35.54 ? 55  GLN A CB  1 
ATOM   338  C  CG  . GLN A 1 46  ? -6.559  4.181   10.257  1.00 35.31 ? 55  GLN A CG  1 
ATOM   339  C  CD  . GLN A 1 46  ? -6.978  5.397   11.031  1.00 41.64 ? 55  GLN A CD  1 
ATOM   340  O  OE1 . GLN A 1 46  ? -7.422  5.275   12.173  1.00 45.09 ? 55  GLN A OE1 1 
ATOM   341  N  NE2 . GLN A 1 46  ? -6.813  6.590   10.443  1.00 40.42 ? 55  GLN A NE2 1 
ATOM   342  N  N   . VAL A 1 47  ? -9.898  3.468   7.031   1.00 33.76 ? 56  VAL A N   1 
ATOM   343  C  CA  . VAL A 1 47  ? -10.476 3.857   5.740   1.00 35.93 ? 56  VAL A CA  1 
ATOM   344  C  C   . VAL A 1 47  ? -11.811 4.552   5.942   1.00 38.27 ? 56  VAL A C   1 
ATOM   345  O  O   . VAL A 1 47  ? -12.232 5.370   5.086   1.00 39.40 ? 56  VAL A O   1 
ATOM   346  C  CB  . VAL A 1 47  ? -10.592 2.702   4.730   1.00 37.14 ? 56  VAL A CB  1 
ATOM   347  C  CG1 . VAL A 1 47  ? -9.229  2.099   4.441   1.00 36.16 ? 56  VAL A CG1 1 
ATOM   348  C  CG2 . VAL A 1 47  ? -11.499 1.625   5.204   1.00 37.64 ? 56  VAL A CG2 1 
ATOM   349  N  N   . GLN A 1 48  ? -12.463 4.331   7.106   1.00 37.49 ? 57  GLN A N   1 
ATOM   350  C  CA  . GLN A 1 48  ? -13.700 5.050   7.368   1.00 37.70 ? 57  GLN A CA  1 
ATOM   351  C  C   . GLN A 1 48  ? -13.447 6.424   7.876   1.00 37.49 ? 57  GLN A C   1 
ATOM   352  O  O   . GLN A 1 48  ? -14.361 7.224   7.902   1.00 38.62 ? 57  GLN A O   1 
ATOM   353  C  CB  . GLN A 1 48  ? -14.677 4.281   8.269   1.00 37.22 ? 57  GLN A CB  1 
ATOM   354  C  CG  . GLN A 1 48  ? -15.146 2.984   7.645   1.00 37.28 ? 57  GLN A CG  1 
ATOM   355  C  CD  . GLN A 1 48  ? -15.741 3.197   6.256   1.00 40.51 ? 57  GLN A CD  1 
ATOM   356  O  OE1 . GLN A 1 48  ? -16.392 4.206   6.004   1.00 42.58 ? 57  GLN A OE1 1 
ATOM   357  N  NE2 . GLN A 1 48  ? -15.540 2.236   5.358   1.00 38.59 ? 57  GLN A NE2 1 
ATOM   358  N  N   . GLN A 1 49  ? -12.208 6.728   8.237   1.00 36.53 ? 58  GLN A N   1 
ATOM   359  C  CA  . GLN A 1 49  ? -11.911 7.954   8.960   1.00 36.29 ? 58  GLN A CA  1 
ATOM   360  C  C   . GLN A 1 49  ? -11.386 9.060   8.092   1.00 37.19 ? 58  GLN A C   1 
ATOM   361  O  O   . GLN A 1 49  ? -11.452 10.265  8.488   1.00 38.54 ? 58  GLN A O   1 
ATOM   362  C  CB  . GLN A 1 49  ? -10.793 7.669   10.005  1.00 37.22 ? 58  GLN A CB  1 
ATOM   363  C  CG  . GLN A 1 49  ? -11.054 6.479   10.976  1.00 38.03 ? 58  GLN A CG  1 
ATOM   364  C  CD  . GLN A 1 49  ? -12.374 6.679   11.712  1.00 38.25 ? 58  GLN A CD  1 
ATOM   365  O  OE1 . GLN A 1 49  ? -12.695 7.792   12.084  1.00 38.00 ? 58  GLN A OE1 1 
ATOM   366  N  NE2 . GLN A 1 49  ? -13.150 5.644   11.834  1.00 34.18 ? 58  GLN A NE2 1 
ATOM   367  N  N   . ALA A 1 50  ? -10.730 8.675   6.978   1.00 34.68 ? 59  ALA A N   1 
ATOM   368  C  CA  . ALA A 1 50  ? -10.041 9.657   6.116   1.00 33.82 ? 59  ALA A CA  1 
ATOM   369  C  C   . ALA A 1 50  ? -10.081 9.196   4.682   1.00 32.87 ? 59  ALA A C   1 
ATOM   370  O  O   . ALA A 1 50  ? -10.243 8.000   4.402   1.00 32.10 ? 59  ALA A O   1 
ATOM   371  C  CB  . ALA A 1 50  ? -8.570  9.897   6.554   1.00 33.63 ? 59  ALA A CB  1 
ATOM   372  N  N   . LYS A 1 51  ? -9.960  10.156  3.773   1.00 33.81 ? 60  LYS A N   1 
ATOM   373  C  CA  . LYS A 1 51  ? -9.843  9.821   2.343   1.00 34.91 ? 60  LYS A CA  1 
ATOM   374  C  C   . LYS A 1 51  ? -8.305  9.698   2.087   1.00 33.06 ? 60  LYS A C   1 
ATOM   375  O  O   . LYS A 1 51  ? -7.562  10.631  2.359   1.00 33.90 ? 60  LYS A O   1 
ATOM   376  C  CB  . LYS A 1 51  ? -10.563 10.901  1.487   1.00 34.66 ? 60  LYS A CB  1 
ATOM   377  C  CG  . LYS A 1 51  ? -10.142 10.991  0.031   1.00 37.75 ? 60  LYS A CG  1 
ATOM   378  C  CD  . LYS A 1 51  ? -10.569 9.774   -0.785  1.00 41.18 ? 60  LYS A CD  1 
ATOM   379  C  CE  . LYS A 1 51  ? -10.144 9.965   -2.265  1.00 43.82 ? 60  LYS A CE  1 
ATOM   380  N  NZ  . LYS A 1 51  ? -9.049  9.053   -2.722  1.00 38.86 ? 60  LYS A NZ  1 
ATOM   381  N  N   . TYR A 1 52  ? -7.840  8.552   1.606   1.00 32.97 ? 61  TYR A N   1 
ATOM   382  C  CA  . TYR A 1 52  ? -6.408  8.375   1.286   1.00 31.30 ? 61  TYR A CA  1 
ATOM   383  C  C   . TYR A 1 52  ? -6.117  8.561   -0.207  1.00 31.25 ? 61  TYR A C   1 
ATOM   384  O  O   . TYR A 1 52  ? -6.934  8.242   -1.062  1.00 29.80 ? 61  TYR A O   1 
ATOM   385  C  CB  . TYR A 1 52  ? -5.944  6.965   1.736   1.00 32.74 ? 61  TYR A CB  1 
ATOM   386  C  CG  . TYR A 1 52  ? -5.929  6.882   3.259   1.00 33.54 ? 61  TYR A CG  1 
ATOM   387  C  CD1 . TYR A 1 52  ? -4.863  7.385   4.000   1.00 35.63 ? 61  TYR A CD1 1 
ATOM   388  C  CD2 . TYR A 1 52  ? -7.030  6.389   3.942   1.00 35.93 ? 61  TYR A CD2 1 
ATOM   389  C  CE1 . TYR A 1 52  ? -4.882  7.357   5.417   1.00 35.30 ? 61  TYR A CE1 1 
ATOM   390  C  CE2 . TYR A 1 52  ? -7.071  6.367   5.328   1.00 34.91 ? 61  TYR A CE2 1 
ATOM   391  C  CZ  . TYR A 1 52  ? -6.005  6.854   6.044   1.00 34.86 ? 61  TYR A CZ  1 
ATOM   392  O  OH  . TYR A 1 52  ? -6.097  6.788   7.377   1.00 35.66 ? 61  TYR A OH  1 
ATOM   393  N  N   . ASP A 1 53  ? -4.906  8.988   -0.523  1.00 30.79 ? 62  ASP A N   1 
ATOM   394  C  CA  . ASP A 1 53  ? -4.482  9.097   -1.919  1.00 30.25 ? 62  ASP A CA  1 
ATOM   395  C  C   . ASP A 1 53  ? -3.939  7.760   -2.385  1.00 27.91 ? 62  ASP A C   1 
ATOM   396  O  O   . ASP A 1 53  ? -3.817  7.497   -3.559  1.00 27.48 ? 62  ASP A O   1 
ATOM   397  C  CB  . ASP A 1 53  ? -3.477  10.231  -2.045  1.00 30.13 ? 62  ASP A CB  1 
ATOM   398  C  CG  . ASP A 1 53  ? -4.059  11.557  -1.629  1.00 35.54 ? 62  ASP A CG  1 
ATOM   399  O  OD1 . ASP A 1 53  ? -4.721  12.181  -2.466  1.00 38.93 ? 62  ASP A OD1 1 
ATOM   400  O  OD2 . ASP A 1 53  ? -3.859  12.007  -0.483  1.00 37.12 ? 62  ASP A OD2 1 
ATOM   401  N  N   . LEU A 1 54  ? -3.661  6.890   -1.426  1.00 26.50 ? 63  LEU A N   1 
ATOM   402  C  CA  . LEU A 1 54  ? -3.037  5.610   -1.670  1.00 24.33 ? 63  LEU A CA  1 
ATOM   403  C  C   . LEU A 1 54  ? -3.118  4.754   -0.440  1.00 25.03 ? 63  LEU A C   1 
ATOM   404  O  O   . LEU A 1 54  ? -2.900  5.239   0.704   1.00 25.08 ? 63  LEU A O   1 
ATOM   405  C  CB  . LEU A 1 54  ? -1.535  5.824   -2.034  1.00 23.49 ? 63  LEU A CB  1 
ATOM   406  C  CG  . LEU A 1 54  ? -0.612  4.595   -2.199  1.00 24.64 ? 63  LEU A CG  1 
ATOM   407  C  CD1 . LEU A 1 54  ? -1.097  3.649   -3.333  1.00 17.07 ? 63  LEU A CD1 1 
ATOM   408  C  CD2 . LEU A 1 54  ? 0.896   5.094   -2.385  1.00 23.84 ? 63  LEU A CD2 1 
ATOM   409  N  N   . ILE A 1 55  ? -3.334  3.459   -0.681  1.00 25.24 ? 64  ILE A N   1 
ATOM   410  C  CA  . ILE A 1 55  ? -3.362  2.450   0.346   1.00 23.55 ? 64  ILE A CA  1 
ATOM   411  C  C   . ILE A 1 55  ? -2.448  1.342   -0.103  1.00 24.66 ? 64  ILE A C   1 
ATOM   412  O  O   . ILE A 1 55  ? -2.580  0.776   -1.198  1.00 25.44 ? 64  ILE A O   1 
ATOM   413  C  CB  . ILE A 1 55  ? -4.821  1.904   0.581   1.00 23.95 ? 64  ILE A CB  1 
ATOM   414  C  CG1 . ILE A 1 55  ? -5.688  3.064   1.130   1.00 22.22 ? 64  ILE A CG1 1 
ATOM   415  C  CG2 . ILE A 1 55  ? -4.778  0.583   1.435   1.00 20.67 ? 64  ILE A CG2 1 
ATOM   416  C  CD1 . ILE A 1 55  ? -7.283  2.865   0.943   1.00 23.07 ? 64  ILE A CD1 1 
ATOM   417  N  N   . ILE A 1 56  ? -1.477  1.004   0.747   1.00 24.77 ? 65  ILE A N   1 
ATOM   418  C  CA  . ILE A 1 56  ? -0.585  -0.112  0.445   1.00 24.01 ? 65  ILE A CA  1 
ATOM   419  C  C   . ILE A 1 56  ? -0.837  -1.252  1.374   1.00 25.92 ? 65  ILE A C   1 
ATOM   420  O  O   . ILE A 1 56  ? -1.020  -1.037  2.562   1.00 27.21 ? 65  ILE A O   1 
ATOM   421  C  CB  . ILE A 1 56  ? 0.891   0.355   0.546   1.00 23.47 ? 65  ILE A CB  1 
ATOM   422  C  CG1 . ILE A 1 56  ? 1.126   1.492   -0.466  1.00 21.98 ? 65  ILE A CG1 1 
ATOM   423  C  CG2 . ILE A 1 56  ? 1.846   -0.819  0.405   1.00 21.79 ? 65  ILE A CG2 1 
ATOM   424  C  CD1 . ILE A 1 56  ? 2.339   2.366   -0.198  1.00 25.08 ? 65  ILE A CD1 1 
ATOM   425  N  N   . LEU A 1 57  ? -0.832  -2.466  0.879   1.00 28.15 ? 66  LEU A N   1 
ATOM   426  C  CA  . LEU A 1 57  ? -0.949  -3.534  1.810   1.00 31.55 ? 66  LEU A CA  1 
ATOM   427  C  C   . LEU A 1 57  ? -0.153  -4.732  1.485   1.00 32.89 ? 66  LEU A C   1 
ATOM   428  O  O   . LEU A 1 57  ? -0.003  -5.158  0.330   1.00 31.43 ? 66  LEU A O   1 
ATOM   429  C  CB  . LEU A 1 57  ? -2.420  -3.883  2.105   1.00 34.06 ? 66  LEU A CB  1 
ATOM   430  C  CG  . LEU A 1 57  ? -3.119  -4.592  0.987   1.00 38.58 ? 66  LEU A CG  1 
ATOM   431  C  CD1 . LEU A 1 57  ? -3.097  -6.086  1.369   1.00 44.85 ? 66  LEU A CD1 1 
ATOM   432  C  CD2 . LEU A 1 57  ? -4.562  -4.006  0.902   1.00 42.27 ? 66  LEU A CD2 1 
ATOM   433  N  N   . ASP A 1 58  ? 0.390   -5.287  2.541   1.00 34.72 ? 67  ASP A N   1 
ATOM   434  C  CA  . ASP A 1 58  ? 1.077   -6.555  2.421   1.00 39.60 ? 67  ASP A CA  1 
ATOM   435  C  C   . ASP A 1 58  ? 0.105   -7.775  2.484   1.00 41.31 ? 67  ASP A C   1 
ATOM   436  O  O   . ASP A 1 58  ? -0.421  -8.118  3.540   1.00 43.18 ? 67  ASP A O   1 
ATOM   437  C  CB  . ASP A 1 58  ? 2.187   -6.559  3.471   1.00 39.19 ? 67  ASP A CB  1 
ATOM   438  C  CG  . ASP A 1 58  ? 2.901   -7.868  3.567   1.00 42.63 ? 67  ASP A CG  1 
ATOM   439  O  OD1 . ASP A 1 58  ? 2.937   -8.658  2.547   1.00 39.20 ? 67  ASP A OD1 1 
ATOM   440  O  OD2 . ASP A 1 58  ? 3.410   -8.082  4.709   1.00 43.65 ? 67  ASP A OD2 1 
ATOM   441  N  N   . ILE A 1 59  ? -0.167  -8.404  1.348   1.00 44.51 ? 68  ILE A N   1 
ATOM   442  C  CA  . ILE A 1 59  ? -1.098  -9.536  1.276   1.00 46.60 ? 68  ILE A CA  1 
ATOM   443  C  C   . ILE A 1 59  ? -0.496  -10.780 1.922   1.00 49.48 ? 68  ILE A C   1 
ATOM   444  O  O   . ILE A 1 59  ? -1.189  -11.803 2.107   1.00 50.21 ? 68  ILE A O   1 
ATOM   445  C  CB  . ILE A 1 59  ? -1.575  -9.852  -0.190  1.00 46.09 ? 68  ILE A CB  1 
ATOM   446  C  CG1 . ILE A 1 59  ? -2.941  -10.566 -0.237  1.00 45.06 ? 68  ILE A CG1 1 
ATOM   447  C  CG2 . ILE A 1 59  ? -0.600  -10.734 -0.934  1.00 46.19 ? 68  ILE A CG2 1 
ATOM   448  C  CD1 . ILE A 1 59  ? -4.089  -9.869  0.413   1.00 46.41 ? 68  ILE A CD1 1 
ATOM   449  N  N   . GLY A 1 60  ? 0.794   -10.691 2.250   1.00 51.88 ? 69  GLY A N   1 
ATOM   450  C  CA  . GLY A 1 60  ? 1.513   -11.784 2.911   1.00 54.58 ? 69  GLY A CA  1 
ATOM   451  C  C   . GLY A 1 60  ? 1.138   -11.933 4.383   1.00 55.81 ? 69  GLY A C   1 
ATOM   452  O  O   . GLY A 1 60  ? 1.209   -13.028 4.924   1.00 56.12 ? 69  GLY A O   1 
ATOM   453  N  N   . LEU A 1 61  ? 0.753   -10.832 5.030   1.00 56.98 ? 70  LEU A N   1 
ATOM   454  C  CA  . LEU A 1 61  ? 0.215   -10.883 6.384   1.00 58.91 ? 70  LEU A CA  1 
ATOM   455  C  C   . LEU A 1 61  ? -1.153  -11.601 6.417   1.00 60.06 ? 70  LEU A C   1 
ATOM   456  O  O   . LEU A 1 61  ? -2.174  -11.002 6.004   1.00 60.38 ? 70  LEU A O   1 
ATOM   457  C  CB  . LEU A 1 61  ? 0.002   -9.477  6.915   1.00 58.50 ? 70  LEU A CB  1 
ATOM   458  C  CG  . LEU A 1 61  ? 1.028   -8.765  7.750   1.00 60.91 ? 70  LEU A CG  1 
ATOM   459  C  CD1 . LEU A 1 61  ? 0.389   -7.475  8.265   1.00 60.16 ? 70  LEU A CD1 1 
ATOM   460  C  CD2 . LEU A 1 61  ? 1.519   -9.685  8.895   1.00 64.18 ? 70  LEU A CD2 1 
ATOM   461  N  N   . PRO A 1 62  ? -1.201  -12.867 6.898   1.00 60.75 ? 71  PRO A N   1 
ATOM   462  C  CA  . PRO A 1 62  ? -2.568  -13.443 6.998   1.00 61.14 ? 71  PRO A CA  1 
ATOM   463  C  C   . PRO A 1 62  ? -3.505  -12.454 7.741   1.00 60.93 ? 71  PRO A C   1 
ATOM   464  O  O   . PRO A 1 62  ? -4.593  -12.084 7.223   1.00 60.96 ? 71  PRO A O   1 
ATOM   465  C  CB  . PRO A 1 62  ? -2.350  -14.758 7.791   1.00 61.39 ? 71  PRO A CB  1 
ATOM   466  C  CG  . PRO A 1 62  ? -0.898  -15.141 7.470   1.00 61.69 ? 71  PRO A CG  1 
ATOM   467  C  CD  . PRO A 1 62  ? -0.152  -13.814 7.353   1.00 60.55 ? 71  PRO A CD  1 
ATOM   468  N  N   . ILE A 1 63  ? -3.025  -12.004 8.909   1.00 60.06 ? 72  ILE A N   1 
ATOM   469  C  CA  . ILE A 1 63  ? -3.668  -11.020 9.799   1.00 59.12 ? 72  ILE A CA  1 
ATOM   470  C  C   . ILE A 1 63  ? -4.089  -9.671  9.121   1.00 57.84 ? 72  ILE A C   1 
ATOM   471  O  O   . ILE A 1 63  ? -4.864  -8.890  9.691   1.00 57.25 ? 72  ILE A O   1 
ATOM   472  C  CB  . ILE A 1 63  ? -2.723  -10.750 11.045  1.00 59.76 ? 72  ILE A CB  1 
ATOM   473  C  CG1 . ILE A 1 63  ? -1.896  -12.013 11.434  1.00 60.67 ? 72  ILE A CG1 1 
ATOM   474  C  CG2 . ILE A 1 63  ? -3.533  -10.225 12.273  1.00 60.36 ? 72  ILE A CG2 1 
ATOM   475  C  CD1 . ILE A 1 63  ? -0.452  -12.143 10.818  1.00 60.13 ? 72  ILE A CD1 1 
ATOM   476  N  N   . ALA A 1 64  ? -3.571  -9.396  7.915   1.00 56.67 ? 73  ALA A N   1 
ATOM   477  C  CA  . ALA A 1 64  ? -3.948  -8.178  7.157   1.00 54.93 ? 73  ALA A CA  1 
ATOM   478  C  C   . ALA A 1 64  ? -5.351  -8.285  6.582   1.00 54.13 ? 73  ALA A C   1 
ATOM   479  O  O   . ALA A 1 64  ? -5.961  -7.254  6.241   1.00 53.86 ? 73  ALA A O   1 
ATOM   480  C  CB  . ALA A 1 64  ? -2.926  -7.853  6.033   1.00 54.85 ? 73  ALA A CB  1 
ATOM   481  N  N   . ASN A 1 65  ? -5.853  -9.508  6.461   1.00 52.43 ? 74  ASN A N   1 
ATOM   482  C  CA  . ASN A 1 65  ? -7.155  -9.798  5.877   1.00 51.21 ? 74  ASN A CA  1 
ATOM   483  C  C   . ASN A 1 65  ? -7.341  -9.077  4.560   1.00 49.20 ? 74  ASN A C   1 
ATOM   484  O  O   . ASN A 1 65  ? -8.297  -8.373  4.348   1.00 47.58 ? 74  ASN A O   1 
ATOM   485  C  CB  . ASN A 1 65  ? -8.268  -9.473  6.860   1.00 51.94 ? 74  ASN A CB  1 
ATOM   486  C  CG  . ASN A 1 65  ? -8.058  -10.128 8.179   1.00 53.82 ? 74  ASN A CG  1 
ATOM   487  O  OD1 . ASN A 1 65  ? -8.541  -9.662  9.191   1.00 59.59 ? 74  ASN A OD1 1 
ATOM   488  N  ND2 . ASN A 1 65  ? -7.296  -11.177 8.187   1.00 53.58 ? 74  ASN A ND2 1 
ATOM   489  N  N   . GLY A 1 66  ? -6.373  -9.303  3.688   1.00 46.89 ? 75  GLY A N   1 
ATOM   490  C  CA  . GLY A 1 66  ? -6.142  -8.489  2.515   1.00 44.20 ? 75  GLY A CA  1 
ATOM   491  C  C   . GLY A 1 66  ? -7.381  -8.379  1.672   1.00 41.96 ? 75  GLY A C   1 
ATOM   492  O  O   . GLY A 1 66  ? -7.840  -7.295  1.418   1.00 41.38 ? 75  GLY A O   1 
ATOM   493  N  N   . PHE A 1 67  ? -7.925  -9.515  1.271   1.00 41.43 ? 76  PHE A N   1 
ATOM   494  C  CA  . PHE A 1 67  ? -9.111  -9.559  0.377   1.00 41.37 ? 76  PHE A CA  1 
ATOM   495  C  C   . PHE A 1 67  ? -10.336 -8.878  0.949   1.00 40.21 ? 76  PHE A C   1 
ATOM   496  O  O   . PHE A 1 67  ? -11.035 -8.132  0.287   1.00 39.62 ? 76  PHE A O   1 
ATOM   497  C  CB  . PHE A 1 67  ? -9.393  -10.996 -0.021  1.00 41.78 ? 76  PHE A CB  1 
ATOM   498  C  CG  . PHE A 1 67  ? -8.276  -11.605 -0.764  1.00 43.17 ? 76  PHE A CG  1 
ATOM   499  C  CD1 . PHE A 1 67  ? -8.016  -11.217 -2.058  1.00 42.40 ? 76  PHE A CD1 1 
ATOM   500  C  CD2 . PHE A 1 67  ? -7.422  -12.518 -0.151  1.00 46.38 ? 76  PHE A CD2 1 
ATOM   501  C  CE1 . PHE A 1 67  ? -6.960  -11.743 -2.741  1.00 41.92 ? 76  PHE A CE1 1 
ATOM   502  C  CE2 . PHE A 1 67  ? -6.347  -13.061 -0.850  1.00 44.29 ? 76  PHE A CE2 1 
ATOM   503  C  CZ  . PHE A 1 67  ? -6.124  -12.667 -2.142  1.00 44.26 ? 76  PHE A CZ  1 
ATOM   504  N  N   . GLU A 1 68  ? -10.523 -9.099  2.232   1.00 39.51 ? 77  GLU A N   1 
ATOM   505  C  CA  . GLU A 1 68  ? -11.509 -8.432  3.009   1.00 38.42 ? 77  GLU A CA  1 
ATOM   506  C  C   . GLU A 1 68  ? -11.287 -6.925  3.011   1.00 36.28 ? 77  GLU A C   1 
ATOM   507  O  O   . GLU A 1 68  ? -12.224 -6.158  2.810   1.00 34.09 ? 77  GLU A O   1 
ATOM   508  C  CB  . GLU A 1 68  ? -11.461 -9.041  4.441   1.00 40.72 ? 77  GLU A CB  1 
ATOM   509  C  CG  . GLU A 1 68  ? -11.393 -10.657 4.501   1.00 48.50 ? 77  GLU A CG  1 
ATOM   510  C  CD  . GLU A 1 68  ? -10.072 -11.361 3.915   1.00 58.90 ? 77  GLU A CD  1 
ATOM   511  O  OE1 . GLU A 1 68  ? -8.925  -11.114 4.362   1.00 60.42 ? 77  GLU A OE1 1 
ATOM   512  O  OE2 . GLU A 1 68  ? -10.183 -12.239 3.021   1.00 63.25 ? 77  GLU A OE2 1 
ATOM   513  N  N   . VAL A 1 69  ? -10.054 -6.471  3.253   1.00 34.20 ? 78  VAL A N   1 
ATOM   514  C  CA  . VAL A 1 69  ? -9.773  -5.035  3.174   1.00 33.33 ? 78  VAL A CA  1 
ATOM   515  C  C   . VAL A 1 69  ? -10.116 -4.467  1.794   1.00 32.91 ? 78  VAL A C   1 
ATOM   516  O  O   . VAL A 1 69  ? -10.789 -3.437  1.675   1.00 32.73 ? 78  VAL A O   1 
ATOM   517  C  CB  . VAL A 1 69  ? -8.296  -4.669  3.540   1.00 32.72 ? 78  VAL A CB  1 
ATOM   518  C  CG1 . VAL A 1 69  ? -8.070  -3.236  3.232   1.00 31.10 ? 78  VAL A CG1 1 
ATOM   519  C  CG2 . VAL A 1 69  ? -8.063  -4.840  5.005   1.00 35.04 ? 78  VAL A CG2 1 
HETATM 520  N  N   . MSE A 1 70  ? -9.677  -5.162  0.762   1.00 33.70 ? 79  MSE A N   1 
HETATM 521  C  CA  . MSE A 1 70  ? -9.925  -4.698  -0.606  1.00 37.52 ? 79  MSE A CA  1 
HETATM 522  C  C   . MSE A 1 70  ? -11.407 -4.637  -0.896  1.00 35.33 ? 79  MSE A C   1 
HETATM 523  O  O   . MSE A 1 70  ? -11.839 -3.623  -1.406  1.00 34.99 ? 79  MSE A O   1 
HETATM 524  C  CB  . MSE A 1 70  ? -9.233  -5.603  -1.625  1.00 35.16 ? 79  MSE A CB  1 
HETATM 525  C  CG  . MSE A 1 70  ? -7.730  -5.390  -1.642  1.00 38.65 ? 79  MSE A CG  1 
HETATM 526  SE SE  . MSE A 1 70  ? -6.894  -6.550  -2.939  1.00 49.67 ? 79  MSE A SE  1 
HETATM 527  C  CE  . MSE A 1 70  ? -6.082  -7.823  -1.707  1.00 38.04 ? 79  MSE A CE  1 
ATOM   528  N  N   . SER A 1 71  ? -12.189 -5.683  -0.572  1.00 35.48 ? 80  SER A N   1 
ATOM   529  C  CA  . SER A 1 71  ? -13.668 -5.600  -0.841  1.00 35.96 ? 80  SER A CA  1 
ATOM   530  C  C   . SER A 1 71  ? -14.271 -4.397  -0.162  1.00 35.32 ? 80  SER A C   1 
ATOM   531  O  O   . SER A 1 71  ? -15.013 -3.595  -0.764  1.00 35.32 ? 80  SER A O   1 
ATOM   532  C  CB  . SER A 1 71  ? -14.432 -6.803  -0.332  1.00 37.89 ? 80  SER A CB  1 
ATOM   533  O  OG  . SER A 1 71  ? -13.709 -7.977  -0.548  1.00 42.47 ? 80  SER A OG  1 
ATOM   534  N  N   . ALA A 1 72  ? -13.905 -4.223  1.096   1.00 33.67 ? 81  ALA A N   1 
ATOM   535  C  CA  . ALA A 1 72  ? -14.496 -3.149  1.864   1.00 32.78 ? 81  ALA A CA  1 
ATOM   536  C  C   . ALA A 1 72  ? -14.122 -1.812  1.293   1.00 31.62 ? 81  ALA A C   1 
ATOM   537  O  O   . ALA A 1 72  ? -14.936 -0.880  1.261   1.00 32.04 ? 81  ALA A O   1 
ATOM   538  C  CB  . ALA A 1 72  ? -14.054 -3.254  3.334   1.00 32.93 ? 81  ALA A CB  1 
ATOM   539  N  N   . VAL A 1 73  ? -12.873 -1.674  0.827   1.00 32.37 ? 82  VAL A N   1 
ATOM   540  C  CA  . VAL A 1 73  ? -12.439 -0.350  0.302   1.00 30.28 ? 82  VAL A CA  1 
ATOM   541  C  C   . VAL A 1 73  ? -13.187 -0.106  -1.008  1.00 29.90 ? 82  VAL A C   1 
ATOM   542  O  O   . VAL A 1 73  ? -13.581 1.023   -1.317  1.00 29.70 ? 82  VAL A O   1 
ATOM   543  C  CB  . VAL A 1 73  ? -10.883 -0.267  0.054   1.00 30.83 ? 82  VAL A CB  1 
ATOM   544  C  CG1 . VAL A 1 73  ? -10.512 1.110   -0.566  1.00 29.45 ? 82  VAL A CG1 1 
ATOM   545  C  CG2 . VAL A 1 73  ? -10.118 -0.425  1.341   1.00 28.96 ? 82  VAL A CG2 1 
ATOM   546  N  N   . ARG A 1 74  ? -13.395 -1.168  -1.768  1.00 31.02 ? 83  ARG A N   1 
ATOM   547  C  CA  . ARG A 1 74  ? -13.992 -1.008  -3.110  1.00 33.03 ? 83  ARG A CA  1 
ATOM   548  C  C   . ARG A 1 74  ? -15.508 -0.697  -3.153  1.00 35.19 ? 83  ARG A C   1 
ATOM   549  O  O   . ARG A 1 74  ? -16.075 -0.414  -4.226  1.00 33.84 ? 83  ARG A O   1 
ATOM   550  C  CB  . ARG A 1 74  ? -13.626 -2.202  -3.966  1.00 32.64 ? 83  ARG A CB  1 
ATOM   551  C  CG  . ARG A 1 74  ? -12.109 -2.146  -4.322  1.00 31.34 ? 83  ARG A CG  1 
ATOM   552  C  CD  . ARG A 1 74  ? -11.896 -1.115  -5.437  1.00 33.30 ? 83  ARG A CD  1 
ATOM   553  N  NE  . ARG A 1 74  ? -10.474 -1.024  -5.818  1.00 30.24 ? 83  ARG A NE  1 
ATOM   554  C  CZ  . ARG A 1 74  ? -9.657  0.000   -5.542  1.00 29.55 ? 83  ARG A CZ  1 
ATOM   555  N  NH1 . ARG A 1 74  ? -10.098 1.085   -4.945  1.00 23.19 ? 83  ARG A NH1 1 
ATOM   556  N  NH2 . ARG A 1 74  ? -8.371  -0.075  -5.902  1.00 27.74 ? 83  ARG A NH2 1 
ATOM   557  N  N   . LYS A 1 75  ? -16.125 -0.734  -1.971  1.00 36.84 ? 84  LYS A N   1 
ATOM   558  C  CA  . LYS A 1 75  ? -17.530 -0.415  -1.802  1.00 39.46 ? 84  LYS A CA  1 
ATOM   559  C  C   . LYS A 1 75  ? -17.728 1.064   -1.918  1.00 40.39 ? 84  LYS A C   1 
ATOM   560  O  O   . LYS A 1 75  ? -16.789 1.840   -1.656  1.00 40.25 ? 84  LYS A O   1 
ATOM   561  C  CB  . LYS A 1 75  ? -18.058 -0.951  -0.450  1.00 39.19 ? 84  LYS A CB  1 
ATOM   562  C  CG  . LYS A 1 75  ? -18.342 -2.442  -0.617  1.00 42.70 ? 84  LYS A CG  1 
ATOM   563  C  CD  . LYS A 1 75  ? -18.818 -3.138  0.631   1.00 49.69 ? 84  LYS A CD  1 
ATOM   564  C  CE  . LYS A 1 75  ? -19.503 -4.457  0.250   1.00 53.60 ? 84  LYS A CE  1 
ATOM   565  N  NZ  . LYS A 1 75  ? -18.815 -5.224  -0.845  1.00 54.72 ? 84  LYS A NZ  1 
ATOM   566  N  N   . PRO A 1 76  ? -18.964 1.472   -2.329  1.00 41.12 ? 85  PRO A N   1 
ATOM   567  C  CA  . PRO A 1 76  ? -19.359 2.874   -2.378  1.00 40.35 ? 85  PRO A CA  1 
ATOM   568  C  C   . PRO A 1 76  ? -18.874 3.609   -1.088  1.00 40.59 ? 85  PRO A C   1 
ATOM   569  O  O   . PRO A 1 76  ? -18.814 3.001   -0.001  1.00 40.74 ? 85  PRO A O   1 
ATOM   570  C  CB  . PRO A 1 76  ? -20.896 2.790   -2.486  1.00 41.04 ? 85  PRO A CB  1 
ATOM   571  C  CG  . PRO A 1 76  ? -21.124 1.475   -3.220  1.00 40.61 ? 85  PRO A CG  1 
ATOM   572  C  CD  . PRO A 1 76  ? -20.036 0.555   -2.795  1.00 40.68 ? 85  PRO A CD  1 
ATOM   573  N  N   . GLY A 1 77  ? -18.491 4.878   -1.201  1.00 39.00 ? 86  GLY A N   1 
ATOM   574  C  CA  . GLY A 1 77  ? -17.754 5.496   -0.102  1.00 38.35 ? 86  GLY A CA  1 
ATOM   575  C  C   . GLY A 1 77  ? -16.561 6.322   -0.562  1.00 38.17 ? 86  GLY A C   1 
ATOM   576  O  O   . GLY A 1 77  ? -16.238 6.367   -1.763  1.00 36.57 ? 86  GLY A O   1 
ATOM   577  N  N   . ALA A 1 78  ? -15.919 7.014   0.383   1.00 37.94 ? 87  ALA A N   1 
ATOM   578  C  CA  . ALA A 1 78  ? -14.883 7.992   0.021   1.00 38.07 ? 87  ALA A CA  1 
ATOM   579  C  C   . ALA A 1 78  ? -13.686 7.336   -0.731  1.00 37.19 ? 87  ALA A C   1 
ATOM   580  O  O   . ALA A 1 78  ? -13.229 7.837   -1.780  1.00 38.04 ? 87  ALA A O   1 
ATOM   581  C  CB  . ALA A 1 78  ? -14.424 8.778   1.235   1.00 38.22 ? 87  ALA A CB  1 
ATOM   582  N  N   . ASN A 1 79  ? -13.217 6.207   -0.220  1.00 35.34 ? 88  ASN A N   1 
ATOM   583  C  CA  . ASN A 1 79  ? -12.085 5.516   -0.829  1.00 33.87 ? 88  ASN A CA  1 
ATOM   584  C  C   . ASN A 1 79  ? -12.465 4.466   -1.866  1.00 32.93 ? 88  ASN A C   1 
ATOM   585  O  O   . ASN A 1 79  ? -11.664 3.609   -2.204  1.00 31.50 ? 88  ASN A O   1 
ATOM   586  C  CB  . ASN A 1 79  ? -11.203 4.882   0.246   1.00 33.83 ? 88  ASN A CB  1 
ATOM   587  C  CG  . ASN A 1 79  ? -10.579 5.909   1.169   1.00 33.95 ? 88  ASN A CG  1 
ATOM   588  O  OD1 . ASN A 1 79  ? -9.537  6.550   0.857   1.00 30.77 ? 88  ASN A OD1 1 
ATOM   589  N  ND2 . ASN A 1 79  ? -11.178 6.041   2.355   1.00 31.81 ? 88  ASN A ND2 1 
ATOM   590  N  N   . GLN A 1 80  ? -13.689 4.524   -2.397  1.00 31.84 ? 89  GLN A N   1 
ATOM   591  C  CA  . GLN A 1 80  ? -14.125 3.486   -3.322  1.00 31.60 ? 89  GLN A CA  1 
ATOM   592  C  C   . GLN A 1 80  ? -13.071 3.274   -4.467  1.00 29.48 ? 89  GLN A C   1 
ATOM   593  O  O   . GLN A 1 80  ? -12.832 2.145   -4.939  1.00 30.04 ? 89  GLN A O   1 
ATOM   594  C  CB  . GLN A 1 80  ? -15.477 3.919   -3.937  1.00 31.14 ? 89  GLN A CB  1 
ATOM   595  C  CG  . GLN A 1 80  ? -16.049 2.856   -4.844  1.00 34.27 ? 89  GLN A CG  1 
ATOM   596  C  CD  . GLN A 1 80  ? -17.460 3.204   -5.400  1.00 36.59 ? 89  GLN A CD  1 
ATOM   597  O  OE1 . GLN A 1 80  ? -17.948 4.362   -5.325  1.00 40.45 ? 89  GLN A OE1 1 
ATOM   598  N  NE2 . GLN A 1 80  ? -18.081 2.200   -5.998  1.00 43.30 ? 89  GLN A NE2 1 
ATOM   599  N  N   . HIS A 1 81  ? -12.515 4.380   -4.960  1.00 27.30 ? 90  HIS A N   1 
ATOM   600  C  CA  . HIS A 1 81  ? -11.584 4.310   -6.091  1.00 26.62 ? 90  HIS A CA  1 
ATOM   601  C  C   . HIS A 1 81  ? -10.144 4.756   -5.685  1.00 25.91 ? 90  HIS A C   1 
ATOM   602  O  O   . HIS A 1 81  ? -9.359  5.123   -6.560  1.00 24.86 ? 90  HIS A O   1 
ATOM   603  C  CB  . HIS A 1 81  ? -12.093 5.165   -7.255  1.00 28.07 ? 90  HIS A CB  1 
ATOM   604  C  CG  . HIS A 1 81  ? -13.492 4.816   -7.716  1.00 27.66 ? 90  HIS A CG  1 
ATOM   605  N  ND1 . HIS A 1 81  ? -14.453 5.774   -7.932  1.00 34.78 ? 90  HIS A ND1 1 
ATOM   606  C  CD2 . HIS A 1 81  ? -14.068 3.631   -8.034  1.00 33.06 ? 90  HIS A CD2 1 
ATOM   607  C  CE1 . HIS A 1 81  ? -15.569 5.201   -8.334  1.00 31.73 ? 90  HIS A CE1 1 
ATOM   608  N  NE2 . HIS A 1 81  ? -15.363 3.899   -8.413  1.00 32.88 ? 90  HIS A NE2 1 
ATOM   609  N  N   . THR A 1 82  ? -9.831  4.736   -4.388  1.00 23.52 ? 91  THR A N   1 
ATOM   610  C  CA  . THR A 1 82  ? -8.466  5.009   -3.890  1.00 23.01 ? 91  THR A CA  1 
ATOM   611  C  C   . THR A 1 82  ? -7.559  3.896   -4.426  1.00 21.51 ? 91  THR A C   1 
ATOM   612  O  O   . THR A 1 82  ? -7.866  2.754   -4.289  1.00 22.11 ? 91  THR A O   1 
ATOM   613  C  CB  . THR A 1 82  ? -8.471  5.063   -2.335  1.00 23.51 ? 91  THR A CB  1 
ATOM   614  O  OG1 . THR A 1 82  ? -9.183  6.222   -1.931  1.00 25.43 ? 91  THR A OG1 1 
ATOM   615  C  CG2 . THR A 1 82  ? -7.040  5.262   -1.762  1.00 22.72 ? 91  THR A CG2 1 
ATOM   616  N  N   . PRO A 1 83  ? -6.466  4.241   -5.142  1.00 21.13 ? 92  PRO A N   1 
ATOM   617  C  CA  . PRO A 1 83  ? -5.535  3.187   -5.544  1.00 20.44 ? 92  PRO A CA  1 
ATOM   618  C  C   . PRO A 1 83  ? -5.089  2.272   -4.396  1.00 21.45 ? 92  PRO A C   1 
ATOM   619  O  O   . PRO A 1 83  ? -4.762  2.735   -3.276  1.00 20.49 ? 92  PRO A O   1 
ATOM   620  C  CB  . PRO A 1 83  ? -4.309  3.961   -6.094  1.00 22.49 ? 92  PRO A CB  1 
ATOM   621  C  CG  . PRO A 1 83  ? -4.884  5.303   -6.511  1.00 21.69 ? 92  PRO A CG  1 
ATOM   622  C  CD  . PRO A 1 83  ? -6.025  5.607   -5.518  1.00 18.77 ? 92  PRO A CD  1 
ATOM   623  N  N   . ILE A 1 84  ? -5.095  0.976   -4.682  1.00 21.51 ? 93  ILE A N   1 
ATOM   624  C  CA  . ILE A 1 84  ? -4.620  -0.013  -3.749  1.00 23.01 ? 93  ILE A CA  1 
ATOM   625  C  C   . ILE A 1 84  ? -3.441  -0.740  -4.320  1.00 23.24 ? 93  ILE A C   1 
ATOM   626  O  O   . ILE A 1 84  ? -3.576  -1.480  -5.317  1.00 22.77 ? 93  ILE A O   1 
ATOM   627  C  CB  . ILE A 1 84  ? -5.758  -1.062  -3.329  1.00 23.25 ? 93  ILE A CB  1 
ATOM   628  C  CG1 . ILE A 1 84  ? -6.890  -0.337  -2.538  1.00 23.51 ? 93  ILE A CG1 1 
ATOM   629  C  CG2 . ILE A 1 84  ? -5.120  -2.251  -2.487  1.00 21.45 ? 93  ILE A CG2 1 
ATOM   630  C  CD1 . ILE A 1 84  ? -8.215  -1.229  -2.464  1.00 25.73 ? 93  ILE A CD1 1 
ATOM   631  N  N   . VAL A 1 85  ? -2.250  -0.559  -3.687  1.00 22.98 ? 94  VAL A N   1 
ATOM   632  C  CA  . VAL A 1 85  ? -1.080  -1.316  -4.175  1.00 21.08 ? 94  VAL A CA  1 
ATOM   633  C  C   . VAL A 1 85  ? -0.767  -2.439  -3.233  1.00 22.40 ? 94  VAL A C   1 
ATOM   634  O  O   . VAL A 1 85  ? -0.629  -2.212  -1.997  1.00 22.94 ? 94  VAL A O   1 
ATOM   635  C  CB  . VAL A 1 85  ? 0.111   -0.353  -4.387  1.00 21.96 ? 94  VAL A CB  1 
ATOM   636  C  CG1 . VAL A 1 85  ? 1.395   -1.114  -4.723  1.00 20.69 ? 94  VAL A CG1 1 
ATOM   637  C  CG2 . VAL A 1 85  ? -0.255  0.640   -5.493  1.00 21.51 ? 94  VAL A CG2 1 
ATOM   638  N  N   . ILE A 1 86  ? -0.671  -3.649  -3.762  1.00 22.29 ? 95  ILE A N   1 
ATOM   639  C  CA  . ILE A 1 86  ? -0.210  -4.747  -2.951  1.00 24.47 ? 95  ILE A CA  1 
ATOM   640  C  C   . ILE A 1 86  ? 1.344   -4.740  -3.023  1.00 27.56 ? 95  ILE A C   1 
ATOM   641  O  O   . ILE A 1 86  ? 1.919   -4.732  -4.134  1.00 27.90 ? 95  ILE A O   1 
ATOM   642  C  CB  . ILE A 1 86  ? -0.685  -6.075  -3.515  1.00 23.22 ? 95  ILE A CB  1 
ATOM   643  C  CG1 . ILE A 1 86  ? -2.223  -6.101  -3.630  1.00 24.71 ? 95  ILE A CG1 1 
ATOM   644  C  CG2 . ILE A 1 86  ? -0.236  -7.240  -2.621  1.00 24.55 ? 95  ILE A CG2 1 
ATOM   645  C  CD1 . ILE A 1 86  ? -2.945  -5.606  -2.269  1.00 23.83 ? 95  ILE A CD1 1 
ATOM   646  N  N   . LEU A 1 87  ? 1.989   -4.695  -1.862  1.00 27.08 ? 96  LEU A N   1 
ATOM   647  C  CA  . LEU A 1 87  ? 3.453   -4.692  -1.767  1.00 28.61 ? 96  LEU A CA  1 
ATOM   648  C  C   . LEU A 1 87  ? 3.864   -5.755  -0.812  1.00 29.77 ? 96  LEU A C   1 
ATOM   649  O  O   . LEU A 1 87  ? 3.761   -5.602  0.413   1.00 31.62 ? 96  LEU A O   1 
ATOM   650  C  CB  . LEU A 1 87  ? 3.978   -3.333  -1.347  1.00 27.81 ? 96  LEU A CB  1 
ATOM   651  C  CG  . LEU A 1 87  ? 5.500   -3.178  -1.095  1.00 24.53 ? 96  LEU A CG  1 
ATOM   652  C  CD1 . LEU A 1 87  ? 6.336   -3.318  -2.395  1.00 19.38 ? 96  LEU A CD1 1 
ATOM   653  C  CD2 . LEU A 1 87  ? 5.727   -1.856  -0.396  1.00 22.38 ? 96  LEU A CD2 1 
ATOM   654  N  N   . THR A 1 88  ? 4.291   -6.848  -1.392  1.00 32.27 ? 97  THR A N   1 
ATOM   655  C  CA  . THR A 1 88  ? 4.498   -8.065  -0.673  1.00 36.28 ? 97  THR A CA  1 
ATOM   656  C  C   . THR A 1 88  ? 5.695   -8.835  -1.289  1.00 38.34 ? 97  THR A C   1 
ATOM   657  O  O   . THR A 1 88  ? 5.908   -8.857  -2.537  1.00 36.69 ? 97  THR A O   1 
ATOM   658  C  CB  . THR A 1 88  ? 3.172   -8.933  -0.676  1.00 36.20 ? 97  THR A CB  1 
ATOM   659  O  OG1 . THR A 1 88  ? 3.206   -9.925  0.364   1.00 39.62 ? 97  THR A OG1 1 
ATOM   660  C  CG2 . THR A 1 88  ? 2.991   -9.656  -1.993  1.00 37.13 ? 97  THR A CG2 1 
ATOM   661  N  N   . ASP A 1 89  ? 6.488   -9.443  -0.401  1.00 40.70 ? 98  ASP A N   1 
ATOM   662  C  CA  . ASP A 1 89  ? 7.568   -10.343 -0.814  1.00 43.90 ? 98  ASP A CA  1 
ATOM   663  C  C   . ASP A 1 89  ? 7.094   -11.567 -1.518  1.00 45.02 ? 98  ASP A C   1 
ATOM   664  O  O   . ASP A 1 89  ? 6.082   -12.091 -1.148  1.00 47.42 ? 98  ASP A O   1 
ATOM   665  C  CB  . ASP A 1 89  ? 8.386   -10.795 0.367   1.00 43.88 ? 98  ASP A CB  1 
ATOM   666  C  CG  . ASP A 1 89  ? 9.720   -10.194 0.347   1.00 46.99 ? 98  ASP A CG  1 
ATOM   667  O  OD1 . ASP A 1 89  ? 10.467  -10.404 -0.663  1.00 46.25 ? 98  ASP A OD1 1 
ATOM   668  O  OD2 . ASP A 1 89  ? 9.988   -9.473  1.338   1.00 51.37 ? 98  ASP A OD2 1 
ATOM   669  N  N   . ASN A 1 90  ? 7.819   -12.001 -2.544  1.00 46.90 ? 99  ASN A N   1 
ATOM   670  C  CA  . ASN A 1 90  ? 7.547   -13.270 -3.238  1.00 49.17 ? 99  ASN A CA  1 
ATOM   671  C  C   . ASN A 1 90  ? 6.221   -13.449 -3.918  1.00 49.29 ? 99  ASN A C   1 
ATOM   672  O  O   . ASN A 1 90  ? 5.745   -14.593 -4.039  1.00 49.86 ? 99  ASN A O   1 
ATOM   673  C  CB  . ASN A 1 90  ? 7.692   -14.477 -2.301  1.00 51.09 ? 99  ASN A CB  1 
ATOM   674  C  CG  . ASN A 1 90  ? 9.036   -15.119 -2.402  1.00 54.60 ? 99  ASN A CG  1 
ATOM   675  O  OD1 . ASN A 1 90  ? 9.603   -15.264 -3.521  1.00 57.46 ? 99  ASN A OD1 1 
ATOM   676  N  ND2 . ASN A 1 90  ? 9.577   -15.531 -1.234  1.00 57.71 ? 99  ASN A ND2 1 
ATOM   677  N  N   . VAL A 1 91  ? 5.637   -12.364 -4.414  1.00 49.24 ? 100 VAL A N   1 
ATOM   678  C  CA  . VAL A 1 91  ? 4.372   -12.492 -5.148  1.00 48.73 ? 100 VAL A CA  1 
ATOM   679  C  C   . VAL A 1 91  ? 4.514   -13.505 -6.259  1.00 47.97 ? 100 VAL A C   1 
ATOM   680  O  O   . VAL A 1 91  ? 5.444   -13.460 -7.036  1.00 46.91 ? 100 VAL A O   1 
ATOM   681  C  CB  . VAL A 1 91  ? 3.794   -11.134 -5.699  1.00 49.19 ? 100 VAL A CB  1 
ATOM   682  C  CG1 . VAL A 1 91  ? 4.326   -9.939  -4.931  1.00 48.42 ? 100 VAL A CG1 1 
ATOM   683  C  CG2 . VAL A 1 91  ? 4.034   -10.973 -7.189  1.00 49.71 ? 100 VAL A CG2 1 
ATOM   684  N  N   . SER A 1 92  ? 3.579   -14.450 -6.283  1.00 48.55 ? 101 SER A N   1 
ATOM   685  C  CA  . SER A 1 92  ? 3.415   -15.398 -7.397  1.00 47.79 ? 101 SER A CA  1 
ATOM   686  C  C   . SER A 1 92  ? 2.417   -14.813 -8.376  1.00 47.65 ? 101 SER A C   1 
ATOM   687  O  O   . SER A 1 92  ? 1.692   -13.859 -8.030  1.00 48.09 ? 101 SER A O   1 
ATOM   688  C  CB  . SER A 1 92  ? 2.799   -16.665 -6.849  1.00 48.00 ? 101 SER A CB  1 
ATOM   689  O  OG  . SER A 1 92  ? 1.540   -16.357 -6.266  1.00 49.00 ? 101 SER A OG  1 
ATOM   690  N  N   . ASP A 1 93  ? 2.346   -15.391 -9.571  1.00 46.54 ? 102 ASP A N   1 
ATOM   691  C  CA  . ASP A 1 93  ? 1.431   -14.926 -10.567 1.00 47.17 ? 102 ASP A CA  1 
ATOM   692  C  C   . ASP A 1 93  ? 0.007   -15.158 -10.099 1.00 45.99 ? 102 ASP A C   1 
ATOM   693  O  O   . ASP A 1 93  ? -0.862  -14.353 -10.410 1.00 45.96 ? 102 ASP A O   1 
ATOM   694  C  CB  . ASP A 1 93  ? 1.627   -15.663 -11.881 1.00 47.79 ? 102 ASP A CB  1 
ATOM   695  C  CG  . ASP A 1 93  ? 2.945   -15.311 -12.567 1.00 54.04 ? 102 ASP A CG  1 
ATOM   696  O  OD1 . ASP A 1 93  ? 3.616   -14.345 -12.124 1.00 57.38 ? 102 ASP A OD1 1 
ATOM   697  O  OD2 . ASP A 1 93  ? 3.310   -15.999 -13.564 1.00 57.26 ? 102 ASP A OD2 1 
ATOM   698  N  N   . ASP A 1 94  ? -0.219  -16.268 -9.375  1.00 44.58 ? 103 ASP A N   1 
ATOM   699  C  CA  . ASP A 1 94  ? -1.553  -16.667 -8.956  1.00 43.20 ? 103 ASP A CA  1 
ATOM   700  C  C   . ASP A 1 94  ? -2.029  -15.660 -7.989  1.00 41.15 ? 103 ASP A C   1 
ATOM   701  O  O   . ASP A 1 94  ? -3.142  -15.204 -8.109  1.00 40.03 ? 103 ASP A O   1 
ATOM   702  C  CB  . ASP A 1 94  ? -1.590  -18.066 -8.305  1.00 44.17 ? 103 ASP A CB  1 
ATOM   703  C  CG  . ASP A 1 94  ? -1.424  -19.198 -9.325  1.00 48.35 ? 103 ASP A CG  1 
ATOM   704  O  OD1 . ASP A 1 94  ? -1.303  -18.925 -10.533 1.00 53.50 ? 103 ASP A OD1 1 
ATOM   705  O  OD2 . ASP A 1 94  ? -1.407  -20.380 -8.929  1.00 54.39 ? 103 ASP A OD2 1 
ATOM   706  N  N   . ARG A 1 95  ? -1.167  -15.294 -7.038  1.00 39.53 ? 104 ARG A N   1 
ATOM   707  C  CA  . ARG A 1 95  ? -1.567  -14.397 -5.979  1.00 39.86 ? 104 ARG A CA  1 
ATOM   708  C  C   . ARG A 1 95  ? -1.828  -12.992 -6.524  1.00 38.00 ? 104 ARG A C   1 
ATOM   709  O  O   . ARG A 1 95  ? -2.776  -12.356 -6.116  1.00 37.49 ? 104 ARG A O   1 
ATOM   710  C  CB  . ARG A 1 95  ? -0.528  -14.378 -4.848  1.00 40.47 ? 104 ARG A CB  1 
ATOM   711  C  CG  . ARG A 1 95  ? -0.987  -13.714 -3.585  1.00 44.08 ? 104 ARG A CG  1 
ATOM   712  C  CD  . ARG A 1 95  ? -1.893  -14.632 -2.759  1.00 52.60 ? 104 ARG A CD  1 
ATOM   713  N  NE  . ARG A 1 95  ? -2.190  -14.064 -1.443  1.00 57.23 ? 104 ARG A NE  1 
ATOM   714  C  CZ  . ARG A 1 95  ? -3.036  -14.592 -0.556  1.00 61.82 ? 104 ARG A CZ  1 
ATOM   715  N  NH1 . ARG A 1 95  ? -3.712  -15.711 -0.841  1.00 63.38 ? 104 ARG A NH1 1 
ATOM   716  N  NH2 . ARG A 1 95  ? -3.206  -13.999 0.625   1.00 61.57 ? 104 ARG A NH2 1 
ATOM   717  N  N   . ALA A 1 96  ? -0.944  -12.521 -7.413  1.00 37.10 ? 105 ALA A N   1 
ATOM   718  C  CA  . ALA A 1 96  ? -1.141  -11.258 -8.164  1.00 35.58 ? 105 ALA A CA  1 
ATOM   719  C  C   . ALA A 1 96  ? -2.503  -11.253 -8.870  1.00 35.00 ? 105 ALA A C   1 
ATOM   720  O  O   . ALA A 1 96  ? -3.270  -10.312 -8.751  1.00 34.44 ? 105 ALA A O   1 
ATOM   721  C  CB  . ALA A 1 96  ? 0.004   -11.084 -9.204  1.00 33.22 ? 105 ALA A CB  1 
ATOM   722  N  N   . LYS A 1 97  ? -2.765  -12.294 -9.645  1.00 36.06 ? 106 LYS A N   1 
ATOM   723  C  CA  . LYS A 1 97  ? -4.044  -12.473 -10.326 1.00 38.18 ? 106 LYS A CA  1 
ATOM   724  C  C   . LYS A 1 97  ? -5.216  -12.451 -9.323  1.00 37.03 ? 106 LYS A C   1 
ATOM   725  O  O   . LYS A 1 97  ? -6.183  -11.722 -9.536  1.00 36.46 ? 106 LYS A O   1 
ATOM   726  C  CB  . LYS A 1 97  ? -3.966  -13.762 -11.120 1.00 38.58 ? 106 LYS A CB  1 
ATOM   727  C  CG  . LYS A 1 97  ? -4.958  -13.948 -12.246 1.00 47.50 ? 106 LYS A CG  1 
ATOM   728  C  CD  . LYS A 1 97  ? -4.351  -14.932 -13.305 1.00 54.30 ? 106 LYS A CD  1 
ATOM   729  C  CE  . LYS A 1 97  ? -5.454  -15.716 -14.120 1.00 57.74 ? 106 LYS A CE  1 
ATOM   730  N  NZ  . LYS A 1 97  ? -5.025  -16.305 -15.489 1.00 55.91 ? 106 LYS A NZ  1 
ATOM   731  N  N   . GLN A 1 98  ? -5.108  -13.186 -8.196  1.00 37.29 ? 107 GLN A N   1 
ATOM   732  C  CA  . GLN A 1 98  ? -6.125  -13.120 -7.111  1.00 37.65 ? 107 GLN A CA  1 
ATOM   733  C  C   . GLN A 1 98  ? -6.256  -11.711 -6.561  1.00 35.51 ? 107 GLN A C   1 
ATOM   734  O  O   . GLN A 1 98  ? -7.375  -11.247 -6.300  1.00 34.46 ? 107 GLN A O   1 
ATOM   735  C  CB  . GLN A 1 98  ? -5.782  -13.998 -5.901  1.00 38.09 ? 107 GLN A CB  1 
ATOM   736  C  CG  . GLN A 1 98  ? -5.800  -15.497 -6.040  1.00 42.46 ? 107 GLN A CG  1 
ATOM   737  C  CD  . GLN A 1 98  ? -5.684  -16.176 -4.652  1.00 44.24 ? 107 GLN A CD  1 
ATOM   738  O  OE1 . GLN A 1 98  ? -4.658  -16.046 -3.947  1.00 48.13 ? 107 GLN A OE1 1 
ATOM   739  N  NE2 . GLN A 1 98  ? -6.766  -16.866 -4.243  1.00 48.44 ? 107 GLN A NE2 1 
ATOM   740  N  N   . CYS A 1 99  ? -5.124  -11.002 -6.336  1.00 32.94 ? 108 CYS A N   1 
ATOM   741  C  CA  . CYS A 1 99  ? -5.292  -9.589  -5.854  1.00 30.85 ? 108 CYS A CA  1 
ATOM   742  C  C   . CYS A 1 99  ? -6.015  -8.693  -6.850  1.00 28.07 ? 108 CYS A C   1 
ATOM   743  O  O   . CYS A 1 99  ? -6.801  -7.827  -6.453  1.00 24.62 ? 108 CYS A O   1 
ATOM   744  C  CB  . CYS A 1 99  ? -3.967  -8.921  -5.463  1.00 31.51 ? 108 CYS A CB  1 
ATOM   745  S  SG  . CYS A 1 99  ? -3.181  -9.857  -4.087  1.00 34.01 ? 108 CYS A SG  1 
HETATM 746  N  N   . MSE A 1 100 ? -5.678  -8.873  -8.119  1.00 26.96 ? 109 MSE A N   1 
HETATM 747  C  CA  . MSE A 1 100 ? -6.269  -8.056  -9.174  1.00 29.43 ? 109 MSE A CA  1 
HETATM 748  C  C   . MSE A 1 100 ? -7.827  -8.313  -9.210  1.00 29.56 ? 109 MSE A C   1 
HETATM 749  O  O   . MSE A 1 100 ? -8.588  -7.371  -9.249  1.00 28.14 ? 109 MSE A O   1 
HETATM 750  C  CB  . MSE A 1 100 ? -5.578  -8.284  -10.532 1.00 27.31 ? 109 MSE A CB  1 
HETATM 751  C  CG  . MSE A 1 100 ? -4.042  -7.844  -10.582 1.00 29.17 ? 109 MSE A CG  1 
HETATM 752  SE SE  . MSE A 1 100 ? -3.758  -5.977  -10.003 1.00 40.28 ? 109 MSE A SE  1 
HETATM 753  C  CE  . MSE A 1 100 ? -4.721  -5.053  -11.488 1.00 31.73 ? 109 MSE A CE  1 
ATOM   754  N  N   . ALA A 1 101 ? -8.237  -9.582  -9.111  1.00 31.39 ? 110 ALA A N   1 
ATOM   755  C  CA  . ALA A 1 101 ? -9.677  -9.980  -9.023  1.00 32.04 ? 110 ALA A CA  1 
ATOM   756  C  C   . ALA A 1 101 ? -10.371 -9.308  -7.858  1.00 33.65 ? 110 ALA A C   1 
ATOM   757  O  O   . ALA A 1 101 ? -11.496 -8.844  -8.010  1.00 35.04 ? 110 ALA A O   1 
ATOM   758  C  CB  . ALA A 1 101 ? -9.793  -11.455 -8.900  1.00 33.09 ? 110 ALA A CB  1 
ATOM   759  N  N   . ALA A 1 102 ? -9.684  -9.181  -6.713  1.00 33.68 ? 111 ALA A N   1 
ATOM   760  C  CA  . ALA A 1 102 ? -10.283 -8.587  -5.523  1.00 33.01 ? 111 ALA A CA  1 
ATOM   761  C  C   . ALA A 1 102 ? -10.279 -7.053  -5.527  1.00 33.45 ? 111 ALA A C   1 
ATOM   762  O  O   . ALA A 1 102 ? -10.828 -6.399  -4.620  1.00 33.07 ? 111 ALA A O   1 
ATOM   763  C  CB  . ALA A 1 102 ? -9.628  -9.142  -4.259  1.00 33.50 ? 111 ALA A CB  1 
ATOM   764  N  N   . GLY A 1 103 ? -9.662  -6.447  -6.543  1.00 31.80 ? 112 GLY A N   1 
ATOM   765  C  CA  . GLY A 1 103 ? -9.793  -5.007  -6.644  1.00 29.07 ? 112 GLY A CA  1 
ATOM   766  C  C   . GLY A 1 103 ? -8.482  -4.203  -6.517  1.00 27.96 ? 112 GLY A C   1 
ATOM   767  O  O   . GLY A 1 103 ? -8.539  -2.971  -6.534  1.00 26.86 ? 112 GLY A O   1 
ATOM   768  N  N   . ALA A 1 104 ? -7.326  -4.881  -6.369  1.00 25.79 ? 113 ALA A N   1 
ATOM   769  C  CA  . ALA A 1 104 ? -6.054  -4.162  -6.300  1.00 25.03 ? 113 ALA A CA  1 
ATOM   770  C  C   . ALA A 1 104 ? -5.846  -3.302  -7.545  1.00 22.99 ? 113 ALA A C   1 
ATOM   771  O  O   . ALA A 1 104 ? -6.148  -3.713  -8.638  1.00 22.35 ? 113 ALA A O   1 
ATOM   772  C  CB  . ALA A 1 104 ? -4.894  -5.147  -6.183  1.00 22.92 ? 113 ALA A CB  1 
ATOM   773  N  N   . SER A 1 105 ? -5.234  -2.144  -7.376  1.00 23.78 ? 114 SER A N   1 
ATOM   774  C  CA  . SER A 1 105 ? -4.723  -1.376  -8.534  1.00 21.79 ? 114 SER A CA  1 
ATOM   775  C  C   . SER A 1 105 ? -3.494  -1.948  -9.149  1.00 21.77 ? 114 SER A C   1 
ATOM   776  O  O   . SER A 1 105 ? -3.323  -1.898  -10.370 1.00 21.00 ? 114 SER A O   1 
ATOM   777  C  CB  . SER A 1 105 ? -4.442  0.038   -8.143  1.00 21.56 ? 114 SER A CB  1 
ATOM   778  O  OG  . SER A 1 105 ? -5.582  0.630   -7.518  1.00 18.28 ? 114 SER A OG  1 
ATOM   779  N  N   . SER A 1 106 ? -2.607  -2.493  -8.314  1.00 20.29 ? 115 SER A N   1 
ATOM   780  C  CA  . SER A 1 106 ? -1.244  -2.820  -8.736  1.00 21.36 ? 115 SER A CA  1 
ATOM   781  C  C   . SER A 1 106 ? -0.718  -3.800  -7.743  1.00 20.44 ? 115 SER A C   1 
ATOM   782  O  O   . SER A 1 106 ? -1.068  -3.712  -6.533  1.00 19.97 ? 115 SER A O   1 
ATOM   783  C  CB  . SER A 1 106 ? -0.342  -1.489  -8.807  1.00 20.54 ? 115 SER A CB  1 
ATOM   784  O  OG  . SER A 1 106 ? 1.035   -1.894  -9.053  1.00 23.57 ? 115 SER A OG  1 
ATOM   785  N  N   . VAL A 1 107 ? 0.033   -4.793  -8.231  1.00 21.66 ? 116 VAL A N   1 
ATOM   786  C  CA  . VAL A 1 107 ? 0.727   -5.751  -7.373  1.00 22.25 ? 116 VAL A CA  1 
ATOM   787  C  C   . VAL A 1 107 ? 2.265   -5.568  -7.600  1.00 23.96 ? 116 VAL A C   1 
ATOM   788  O  O   . VAL A 1 107 ? 2.713   -5.679  -8.744  1.00 22.87 ? 116 VAL A O   1 
ATOM   789  C  CB  . VAL A 1 107 ? 0.319   -7.200  -7.628  1.00 22.42 ? 116 VAL A CB  1 
ATOM   790  C  CG1 . VAL A 1 107 ? 1.143   -8.128  -6.772  1.00 21.12 ? 116 VAL A CG1 1 
ATOM   791  C  CG2 . VAL A 1 107 ? -1.275  -7.404  -7.391  1.00 20.88 ? 116 VAL A CG2 1 
ATOM   792  N  N   . VAL A 1 108 ? 3.030   -5.336  -6.506  1.00 23.14 ? 117 VAL A N   1 
ATOM   793  C  CA  . VAL A 1 108 ? 4.497   -5.123  -6.574  1.00 23.79 ? 117 VAL A CA  1 
ATOM   794  C  C   . VAL A 1 108 ? 5.255   -6.085  -5.630  1.00 25.65 ? 117 VAL A C   1 
ATOM   795  O  O   . VAL A 1 108 ? 4.967   -6.165  -4.423  1.00 24.77 ? 117 VAL A O   1 
ATOM   796  C  CB  . VAL A 1 108 ? 4.827   -3.639  -6.238  1.00 24.16 ? 117 VAL A CB  1 
ATOM   797  C  CG1 . VAL A 1 108 ? 6.346   -3.295  -6.324  1.00 24.02 ? 117 VAL A CG1 1 
ATOM   798  C  CG2 . VAL A 1 108 ? 4.039   -2.654  -7.150  1.00 20.42 ? 117 VAL A CG2 1 
ATOM   799  N  N   . ASP A 1 109 ? 6.177   -6.846  -6.187  1.00 26.61 ? 118 ASP A N   1 
ATOM   800  C  CA  . ASP A 1 109 ? 7.146   -7.642  -5.365  1.00 28.76 ? 118 ASP A CA  1 
ATOM   801  C  C   . ASP A 1 109 ? 8.098   -6.733  -4.618  1.00 29.70 ? 118 ASP A C   1 
ATOM   802  O  O   . ASP A 1 109 ? 8.805   -5.907  -5.239  1.00 30.69 ? 118 ASP A O   1 
ATOM   803  C  CB  . ASP A 1 109 ? 7.928   -8.606  -6.254  1.00 29.93 ? 118 ASP A CB  1 
ATOM   804  C  CG  . ASP A 1 109 ? 8.432   -9.823  -5.511  1.00 33.60 ? 118 ASP A CG  1 
ATOM   805  O  OD1 . ASP A 1 109 ? 9.005   -9.679  -4.402  1.00 34.99 ? 118 ASP A OD1 1 
ATOM   806  O  OD2 . ASP A 1 109 ? 8.280   -10.922 -6.088  1.00 41.17 ? 118 ASP A OD2 1 
ATOM   807  N  N   . LYS A 1 110 ? 8.080   -6.806  -3.285  1.00 27.87 ? 119 LYS A N   1 
ATOM   808  C  CA  . LYS A 1 110 ? 9.046   -6.089  -2.436  1.00 29.71 ? 119 LYS A CA  1 
ATOM   809  C  C   . LYS A 1 110 ? 10.517  -6.373  -2.853  1.00 30.52 ? 119 LYS A C   1 
ATOM   810  O  O   . LYS A 1 110 ? 11.357  -5.455  -2.851  1.00 30.81 ? 119 LYS A O   1 
ATOM   811  C  CB  . LYS A 1 110 ? 8.901   -6.580  -0.973  1.00 28.90 ? 119 LYS A CB  1 
ATOM   812  C  CG  . LYS A 1 110 ? 7.999   -5.767  -0.174  1.00 29.44 ? 119 LYS A CG  1 
ATOM   813  C  CD  . LYS A 1 110 ? 7.807   -6.376  1.231   1.00 35.00 ? 119 LYS A CD  1 
ATOM   814  C  CE  . LYS A 1 110 ? 7.040   -5.414  2.117   1.00 36.94 ? 119 LYS A CE  1 
ATOM   815  N  NZ  . LYS A 1 110 ? 6.666   -6.094  3.437   1.00 37.76 ? 119 LYS A NZ  1 
ATOM   816  N  N   . SER A 1 111 ? 10.780  -7.610  -3.250  1.00 31.79 ? 120 SER A N   1 
ATOM   817  C  CA  . SER A 1 111 ? 12.170  -8.106  -3.413  1.00 36.48 ? 120 SER A CA  1 
ATOM   818  C  C   . SER A 1 111 ? 13.080  -7.696  -2.273  1.00 36.65 ? 120 SER A C   1 
ATOM   819  O  O   . SER A 1 111 ? 14.092  -7.056  -2.490  1.00 37.47 ? 120 SER A O   1 
ATOM   820  C  CB  . SER A 1 111 ? 12.769  -7.598  -4.702  1.00 35.92 ? 120 SER A CB  1 
ATOM   821  O  OG  . SER A 1 111 ? 12.465  -8.632  -5.627  1.00 42.70 ? 120 SER A OG  1 
ATOM   822  N  N   . SER A 1 112 ? 12.700  -8.023  -1.056  1.00 37.07 ? 121 SER A N   1 
ATOM   823  C  CA  . SER A 1 112 ? 13.336  -7.351  0.047   1.00 38.46 ? 121 SER A CA  1 
ATOM   824  C  C   . SER A 1 112 ? 14.692  -8.011  0.368   1.00 39.73 ? 121 SER A C   1 
ATOM   825  O  O   . SER A 1 112 ? 15.413  -7.492  1.202   1.00 38.75 ? 121 SER A O   1 
ATOM   826  C  CB  . SER A 1 112 ? 12.469  -7.388  1.257   1.00 36.71 ? 121 SER A CB  1 
ATOM   827  O  OG  . SER A 1 112 ? 12.155  -8.714  1.494   1.00 37.92 ? 121 SER A OG  1 
ATOM   828  N  N   . ASN A 1 113 ? 14.967  -9.163  -0.256  1.00 40.54 ? 122 ASN A N   1 
ATOM   829  C  CA  . ASN A 1 113 ? 16.300  -9.783  -0.186  1.00 43.19 ? 122 ASN A CA  1 
ATOM   830  C  C   . ASN A 1 113 ? 17.296  -8.992  -1.047  1.00 42.31 ? 122 ASN A C   1 
ATOM   831  O  O   . ASN A 1 113 ? 18.483  -9.325  -1.089  1.00 42.78 ? 122 ASN A O   1 
ATOM   832  C  CB  . ASN A 1 113 ? 16.281  -11.283 -0.570  1.00 43.42 ? 122 ASN A CB  1 
ATOM   833  C  CG  . ASN A 1 113 ? 15.820  -11.543 -2.043  1.00 50.93 ? 122 ASN A CG  1 
ATOM   834  O  OD1 . ASN A 1 113 ? 15.087  -10.734 -2.673  1.00 57.44 ? 122 ASN A OD1 1 
ATOM   835  N  ND2 . ASN A 1 113 ? 16.242  -12.693 -2.591  1.00 53.06 ? 122 ASN A ND2 1 
ATOM   836  N  N   . ASN A 1 114 ? 16.814  -7.921  -1.687  1.00 40.70 ? 123 ASN A N   1 
ATOM   837  C  CA  . ASN A 1 114 ? 17.637  -7.050  -2.490  1.00 39.05 ? 123 ASN A CA  1 
ATOM   838  C  C   . ASN A 1 114 ? 17.230  -5.629  -2.171  1.00 37.61 ? 123 ASN A C   1 
ATOM   839  O  O   . ASN A 1 114 ? 16.372  -5.048  -2.830  1.00 37.13 ? 123 ASN A O   1 
ATOM   840  C  CB  . ASN A 1 114 ? 17.528  -7.415  -3.994  1.00 39.42 ? 123 ASN A CB  1 
ATOM   841  C  CG  . ASN A 1 114 ? 18.378  -6.497  -4.930  1.00 41.93 ? 123 ASN A CG  1 
ATOM   842  O  OD1 . ASN A 1 114 ? 18.786  -5.408  -4.578  1.00 46.36 ? 123 ASN A OD1 1 
ATOM   843  N  ND2 . ASN A 1 114 ? 18.597  -6.953  -6.140  1.00 47.04 ? 123 ASN A ND2 1 
ATOM   844  N  N   . VAL A 1 115 ? 17.902  -5.033  -1.185  1.00 35.05 ? 124 VAL A N   1 
ATOM   845  C  CA  . VAL A 1 115 ? 17.511  -3.742  -0.671  1.00 33.22 ? 124 VAL A CA  1 
ATOM   846  C  C   . VAL A 1 115 ? 17.534  -2.675  -1.753  1.00 33.00 ? 124 VAL A C   1 
ATOM   847  O  O   . VAL A 1 115 ? 16.814  -1.646  -1.702  1.00 31.34 ? 124 VAL A O   1 
ATOM   848  C  CB  . VAL A 1 115 ? 18.328  -3.375  0.616   1.00 33.58 ? 124 VAL A CB  1 
ATOM   849  C  CG1 . VAL A 1 115 ? 19.836  -3.122  0.273   1.00 33.33 ? 124 VAL A CG1 1 
ATOM   850  C  CG2 . VAL A 1 115 ? 17.733  -2.180  1.295   1.00 32.47 ? 124 VAL A CG2 1 
ATOM   851  N  N   . THR A 1 116 ? 18.387  -2.889  -2.755  1.00 32.99 ? 125 THR A N   1 
ATOM   852  C  CA  . THR A 1 116 ? 18.497  -1.897  -3.817  1.00 32.43 ? 125 THR A CA  1 
ATOM   853  C  C   . THR A 1 116 ? 17.226  -1.842  -4.631  1.00 30.23 ? 125 THR A C   1 
ATOM   854  O  O   . THR A 1 116 ? 16.712  -0.763  -4.917  1.00 30.62 ? 125 THR A O   1 
ATOM   855  C  CB  . THR A 1 116 ? 19.743  -2.166  -4.751  1.00 34.64 ? 125 THR A CB  1 
ATOM   856  O  OG1 . THR A 1 116 ? 20.947  -2.111  -3.947  1.00 35.02 ? 125 THR A OG1 1 
ATOM   857  C  CG2 . THR A 1 116 ? 19.802  -1.122  -5.802  1.00 33.81 ? 125 THR A CG2 1 
ATOM   858  N  N   . ASP A 1 117 ? 16.747  -3.009  -5.009  1.00 29.46 ? 126 ASP A N   1 
ATOM   859  C  CA  . ASP A 1 117 ? 15.488  -3.164  -5.749  1.00 30.40 ? 126 ASP A CA  1 
ATOM   860  C  C   . ASP A 1 117 ? 14.244  -2.741  -4.906  1.00 28.57 ? 126 ASP A C   1 
ATOM   861  O  O   . ASP A 1 117 ? 13.366  -2.035  -5.372  1.00 27.14 ? 126 ASP A O   1 
ATOM   862  C  CB  . ASP A 1 117 ? 15.322  -4.654  -6.063  1.00 32.05 ? 126 ASP A CB  1 
ATOM   863  C  CG  . ASP A 1 117 ? 16.144  -5.133  -7.325  1.00 40.03 ? 126 ASP A CG  1 
ATOM   864  O  OD1 . ASP A 1 117 ? 16.813  -4.304  -8.017  1.00 44.76 ? 126 ASP A OD1 1 
ATOM   865  O  OD2 . ASP A 1 117 ? 16.126  -6.379  -7.592  1.00 44.73 ? 126 ASP A OD2 1 
ATOM   866  N  N   . PHE A 1 118 ? 14.184  -3.255  -3.678  1.00 27.52 ? 127 PHE A N   1 
ATOM   867  C  CA  . PHE A 1 118 ? 13.168  -2.887  -2.666  1.00 27.12 ? 127 PHE A CA  1 
ATOM   868  C  C   . PHE A 1 118 ? 13.059  -1.401  -2.512  1.00 26.23 ? 127 PHE A C   1 
ATOM   869  O  O   . PHE A 1 118 ? 12.023  -0.837  -2.666  1.00 24.18 ? 127 PHE A O   1 
ATOM   870  C  CB  . PHE A 1 118 ? 13.460  -3.630  -1.346  1.00 28.18 ? 127 PHE A CB  1 
ATOM   871  C  CG  . PHE A 1 118 ? 12.345  -3.502  -0.264  1.00 29.80 ? 127 PHE A CG  1 
ATOM   872  C  CD1 . PHE A 1 118 ? 11.058  -2.998  -0.576  1.00 31.39 ? 127 PHE A CD1 1 
ATOM   873  C  CD2 . PHE A 1 118 ? 12.591  -3.919  1.057   1.00 28.80 ? 127 PHE A CD2 1 
ATOM   874  C  CE1 . PHE A 1 118 ? 10.050  -2.874  0.432   1.00 29.85 ? 127 PHE A CE1 1 
ATOM   875  C  CE2 . PHE A 1 118 ? 11.579  -3.793  2.063   1.00 31.53 ? 127 PHE A CE2 1 
ATOM   876  C  CZ  . PHE A 1 118 ? 10.319  -3.258  1.731   1.00 30.24 ? 127 PHE A CZ  1 
ATOM   877  N  N   . TYR A 1 119 ? 14.181  -0.722  -2.329  1.00 26.13 ? 128 TYR A N   1 
ATOM   878  C  CA  . TYR A 1 119 ? 14.219  0.718   -2.215  1.00 24.93 ? 128 TYR A CA  1 
ATOM   879  C  C   . TYR A 1 119 ? 13.629  1.453   -3.446  1.00 24.86 ? 128 TYR A C   1 
ATOM   880  O  O   . TYR A 1 119 ? 12.834  2.431   -3.325  1.00 23.61 ? 128 TYR A O   1 
ATOM   881  C  CB  . TYR A 1 119 ? 15.693  1.107   -2.029  1.00 24.50 ? 128 TYR A CB  1 
ATOM   882  C  CG  . TYR A 1 119 ? 15.935  2.549   -1.786  1.00 23.33 ? 128 TYR A CG  1 
ATOM   883  C  CD1 . TYR A 1 119 ? 16.231  3.006   -0.474  1.00 26.15 ? 128 TYR A CD1 1 
ATOM   884  C  CD2 . TYR A 1 119 ? 15.917  3.487   -2.813  1.00 25.77 ? 128 TYR A CD2 1 
ATOM   885  C  CE1 . TYR A 1 119 ? 16.456  4.348   -0.208  1.00 21.92 ? 128 TYR A CE1 1 
ATOM   886  C  CE2 . TYR A 1 119 ? 16.149  4.898   -2.530  1.00 26.25 ? 128 TYR A CE2 1 
ATOM   887  C  CZ  . TYR A 1 119 ? 16.453  5.278   -1.212  1.00 26.00 ? 128 TYR A CZ  1 
ATOM   888  O  OH  . TYR A 1 119 ? 16.650  6.608   -0.870  1.00 26.88 ? 128 TYR A OH  1 
ATOM   889  N  N   . GLY A 1 120 ? 14.093  1.059   -4.631  1.00 24.63 ? 129 GLY A N   1 
ATOM   890  C  CA  . GLY A 1 120 ? 13.611  1.724   -5.881  1.00 24.22 ? 129 GLY A CA  1 
ATOM   891  C  C   . GLY A 1 120 ? 12.118  1.406   -6.136  1.00 21.67 ? 129 GLY A C   1 
ATOM   892  O  O   . GLY A 1 120 ? 11.398  2.249   -6.573  1.00 21.56 ? 129 GLY A O   1 
ATOM   893  N  N   . ARG A 1 121 ? 11.656  0.197   -5.812  1.00 23.32 ? 130 ARG A N   1 
ATOM   894  C  CA  . ARG A 1 121 ? 10.209  -0.065  -5.861  1.00 23.28 ? 130 ARG A CA  1 
ATOM   895  C  C   . ARG A 1 121 ? 9.327   0.785   -4.905  1.00 24.16 ? 130 ARG A C   1 
ATOM   896  O  O   . ARG A 1 121 ? 8.281   1.323   -5.300  1.00 23.65 ? 130 ARG A O   1 
ATOM   897  C  CB  . ARG A 1 121 ? 10.021  -1.470  -5.599  1.00 23.84 ? 130 ARG A CB  1 
ATOM   898  C  CG  . ARG A 1 121 ? 10.340  -2.218  -6.831  1.00 28.65 ? 130 ARG A CG  1 
ATOM   899  C  CD  . ARG A 1 121 ? 10.454  -3.539  -6.382  1.00 32.47 ? 130 ARG A CD  1 
ATOM   900  N  NE  . ARG A 1 121 ? 11.227  -4.332  -7.273  1.00 39.06 ? 130 ARG A NE  1 
ATOM   901  C  CZ  . ARG A 1 121 ? 10.722  -5.096  -8.185  1.00 43.81 ? 130 ARG A CZ  1 
ATOM   902  N  NH1 . ARG A 1 121 ? 9.418   -5.097  -8.383  1.00 47.85 ? 130 ARG A NH1 1 
ATOM   903  N  NH2 . ARG A 1 121 ? 11.546  -5.826  -8.907  1.00 50.23 ? 130 ARG A NH2 1 
ATOM   904  N  N   . ILE A 1 122 ? 9.804   0.995   -3.667  1.00 23.59 ? 131 ILE A N   1 
ATOM   905  C  CA  . ILE A 1 122 ? 9.126   1.949   -2.776  1.00 21.23 ? 131 ILE A CA  1 
ATOM   906  C  C   . ILE A 1 122 ? 9.093   3.299   -3.422  1.00 22.17 ? 131 ILE A C   1 
ATOM   907  O  O   . ILE A 1 122 ? 8.038   3.984   -3.466  1.00 19.25 ? 131 ILE A O   1 
ATOM   908  C  CB  . ILE A 1 122 ? 9.826   2.076   -1.366  1.00 20.50 ? 131 ILE A CB  1 
ATOM   909  C  CG1 . ILE A 1 122 ? 9.775   0.752   -0.609  1.00 21.61 ? 131 ILE A CG1 1 
ATOM   910  C  CG2 . ILE A 1 122 ? 9.239   3.234   -0.656  1.00 17.69 ? 131 ILE A CG2 1 
ATOM   911  C  CD1 . ILE A 1 122 ? 10.881  0.671   0.579   1.00 21.23 ? 131 ILE A CD1 1 
ATOM   912  N  N   . TYR A 1 123 ? 10.252  3.772   -3.895  1.00 21.50 ? 132 TYR A N   1 
ATOM   913  C  CA  . TYR A 1 123 ? 10.210  5.119   -4.492  1.00 23.43 ? 132 TYR A CA  1 
ATOM   914  C  C   . TYR A 1 123 ? 9.253   5.196   -5.735  1.00 22.49 ? 132 TYR A C   1 
ATOM   915  O  O   . TYR A 1 123 ? 8.561   6.182   -5.954  1.00 23.73 ? 132 TYR A O   1 
ATOM   916  C  CB  . TYR A 1 123 ? 11.632  5.503   -4.902  1.00 27.17 ? 132 TYR A CB  1 
ATOM   917  C  CG  . TYR A 1 123 ? 11.727  6.715   -5.769  1.00 30.61 ? 132 TYR A CG  1 
ATOM   918  C  CD1 . TYR A 1 123 ? 11.239  7.923   -5.333  1.00 36.88 ? 132 TYR A CD1 1 
ATOM   919  C  CD2 . TYR A 1 123 ? 12.385  6.679   -6.987  1.00 37.91 ? 132 TYR A CD2 1 
ATOM   920  C  CE1 . TYR A 1 123 ? 11.325  9.059   -6.076  1.00 38.13 ? 132 TYR A CE1 1 
ATOM   921  C  CE2 . TYR A 1 123 ? 12.484  7.855   -7.782  1.00 39.29 ? 132 TYR A CE2 1 
ATOM   922  C  CZ  . TYR A 1 123 ? 11.953  9.033   -7.301  1.00 37.73 ? 132 TYR A CZ  1 
ATOM   923  O  OH  . TYR A 1 123 ? 12.032  10.240  -8.008  1.00 40.31 ? 132 TYR A OH  1 
ATOM   924  N  N   . ALA A 1 124 ? 9.261   4.166   -6.558  1.00 22.68 ? 133 ALA A N   1 
ATOM   925  C  CA  . ALA A 1 124 ? 8.372   4.123   -7.766  1.00 22.17 ? 133 ALA A CA  1 
ATOM   926  C  C   . ALA A 1 124 ? 6.885   4.181   -7.353  1.00 21.10 ? 133 ALA A C   1 
ATOM   927  O  O   . ALA A 1 124 ? 6.082   4.920   -7.939  1.00 20.58 ? 133 ALA A O   1 
ATOM   928  C  CB  . ALA A 1 124 ? 8.605   2.871   -8.433  1.00 21.53 ? 133 ALA A CB  1 
ATOM   929  N  N   . ILE A 1 125 ? 6.512   3.408   -6.317  1.00 21.50 ? 134 ILE A N   1 
ATOM   930  C  CA  . ILE A 1 125 ? 5.088   3.368   -5.866  1.00 20.02 ? 134 ILE A CA  1 
ATOM   931  C  C   . ILE A 1 125 ? 4.684   4.723   -5.471  1.00 18.96 ? 134 ILE A C   1 
ATOM   932  O  O   . ILE A 1 125 ? 3.662   5.245   -5.947  1.00 20.30 ? 134 ILE A O   1 
ATOM   933  C  CB  . ILE A 1 125 ? 4.843   2.339   -4.710  1.00 20.00 ? 134 ILE A CB  1 
ATOM   934  C  CG1 . ILE A 1 125 ? 4.951   0.925   -5.277  1.00 19.77 ? 134 ILE A CG1 1 
ATOM   935  C  CG2 . ILE A 1 125 ? 3.487   2.585   -4.067  1.00 17.82 ? 134 ILE A CG2 1 
ATOM   936  C  CD1 . ILE A 1 125 ? 5.187   -0.203  -4.228  1.00 21.14 ? 134 ILE A CD1 1 
ATOM   937  N  N   . PHE A 1 126 ? 5.444   5.361   -4.589  1.00 18.82 ? 135 PHE A N   1 
ATOM   938  C  CA  . PHE A 1 126 ? 4.960   6.679   -4.061  1.00 19.86 ? 135 PHE A CA  1 
ATOM   939  C  C   . PHE A 1 126 ? 5.038   7.767   -5.107  1.00 20.72 ? 135 PHE A C   1 
ATOM   940  O  O   . PHE A 1 126 ? 4.196   8.692   -5.234  1.00 21.82 ? 135 PHE A O   1 
ATOM   941  C  CB  . PHE A 1 126 ? 5.826   7.089   -2.837  1.00 20.61 ? 135 PHE A CB  1 
ATOM   942  C  CG  . PHE A 1 126 ? 5.368   6.446   -1.575  1.00 20.87 ? 135 PHE A CG  1 
ATOM   943  C  CD1 . PHE A 1 126 ? 4.491   7.101   -0.750  1.00 26.50 ? 135 PHE A CD1 1 
ATOM   944  C  CD2 . PHE A 1 126 ? 5.728   5.152   -1.279  1.00 24.51 ? 135 PHE A CD2 1 
ATOM   945  C  CE1 . PHE A 1 126 ? 3.993   6.489   0.404   1.00 28.18 ? 135 PHE A CE1 1 
ATOM   946  C  CE2 . PHE A 1 126 ? 5.241   4.526   -0.136  1.00 29.24 ? 135 PHE A CE2 1 
ATOM   947  C  CZ  . PHE A 1 126 ? 4.364   5.198   0.695   1.00 25.40 ? 135 PHE A CZ  1 
ATOM   948  N  N   . SER A 1 127 ? 6.101   7.646   -5.889  1.00 21.66 ? 136 SER A N   1 
ATOM   949  C  CA  . SER A 1 127 ? 6.348   8.612   -6.933  1.00 22.98 ? 136 SER A CA  1 
ATOM   950  C  C   . SER A 1 127 ? 5.174   8.555   -7.957  1.00 21.15 ? 136 SER A C   1 
ATOM   951  O  O   . SER A 1 127 ? 4.566   9.564   -8.305  1.00 20.17 ? 136 SER A O   1 
ATOM   952  C  CB  . SER A 1 127 ? 7.631   8.084   -7.606  1.00 22.87 ? 136 SER A CB  1 
ATOM   953  O  OG  . SER A 1 127 ? 7.965   8.992   -8.520  1.00 29.41 ? 136 SER A OG  1 
ATOM   954  N  N   . TYR A 1 128 ? 4.892   7.355   -8.443  1.00 21.41 ? 137 TYR A N   1 
ATOM   955  C  CA  . TYR A 1 128 ? 3.818   7.193   -9.454  1.00 22.12 ? 137 TYR A CA  1 
ATOM   956  C  C   . TYR A 1 128 ? 2.439   7.645   -8.940  1.00 21.26 ? 137 TYR A C   1 
ATOM   957  O  O   . TYR A 1 128 ? 1.793   8.536   -9.472  1.00 21.53 ? 137 TYR A O   1 
ATOM   958  C  CB  . TYR A 1 128 ? 3.765   5.739   -9.939  1.00 22.44 ? 137 TYR A CB  1 
ATOM   959  C  CG  . TYR A 1 128 ? 2.717   5.606   -11.014 1.00 23.91 ? 137 TYR A CG  1 
ATOM   960  C  CD1 . TYR A 1 128 ? 3.014   6.008   -12.329 1.00 24.71 ? 137 TYR A CD1 1 
ATOM   961  C  CD2 . TYR A 1 128 ? 1.419   5.133   -10.732 1.00 18.84 ? 137 TYR A CD2 1 
ATOM   962  C  CE1 . TYR A 1 128 ? 2.107   5.895   -13.311 1.00 24.45 ? 137 TYR A CE1 1 
ATOM   963  C  CE2 . TYR A 1 128 ? 0.452   5.066   -11.745 1.00 21.24 ? 137 TYR A CE2 1 
ATOM   964  C  CZ  . TYR A 1 128 ? 0.815   5.433   -13.032 1.00 26.75 ? 137 TYR A CZ  1 
ATOM   965  O  OH  . TYR A 1 128 ? -0.064  5.336   -14.103 1.00 26.68 ? 137 TYR A OH  1 
ATOM   966  N  N   . TRP A 1 129 ? 2.005   7.033   -7.849  1.00 22.85 ? 138 TRP A N   1 
ATOM   967  C  CA  . TRP A 1 129 ? 0.630   7.200   -7.363  1.00 22.23 ? 138 TRP A CA  1 
ATOM   968  C  C   . TRP A 1 129 ? 0.458   8.571   -6.752  1.00 23.78 ? 138 TRP A C   1 
ATOM   969  O  O   . TRP A 1 129 ? -0.637  9.129   -6.760  1.00 25.33 ? 138 TRP A O   1 
ATOM   970  C  CB  . TRP A 1 129 ? 0.300   6.059   -6.385  1.00 21.85 ? 138 TRP A CB  1 
ATOM   971  C  CG  . TRP A 1 129 ? 0.177   4.770   -7.082  1.00 16.50 ? 138 TRP A CG  1 
ATOM   972  C  CD1 . TRP A 1 129 ? 1.055   3.771   -7.079  1.00 15.27 ? 138 TRP A CD1 1 
ATOM   973  C  CD2 . TRP A 1 129 ? -0.850  4.420   -8.042  1.00 18.99 ? 138 TRP A CD2 1 
ATOM   974  N  NE1 . TRP A 1 129 ? 0.617   2.735   -7.906  1.00 16.57 ? 138 TRP A NE1 1 
ATOM   975  C  CE2 . TRP A 1 129 ? -0.558  3.137   -8.513  1.00 20.62 ? 138 TRP A CE2 1 
ATOM   976  C  CE3 . TRP A 1 129 ? -2.032  5.062   -8.483  1.00 17.15 ? 138 TRP A CE3 1 
ATOM   977  C  CZ2 . TRP A 1 129 ? -1.415  2.439   -9.435  1.00 20.64 ? 138 TRP A CZ2 1 
ATOM   978  C  CZ3 . TRP A 1 129 ? -2.898  4.370   -9.400  1.00 15.75 ? 138 TRP A CZ3 1 
ATOM   979  C  CH2 . TRP A 1 129 ? -2.558  3.088   -9.874  1.00 18.34 ? 138 TRP A CH2 1 
ATOM   980  N  N   . LEU A 1 130 ? 1.525   9.198   -6.273  1.00 24.83 ? 139 LEU A N   1 
ATOM   981  C  CA  . LEU A 1 130 ? 1.312   10.529  -5.712  1.00 24.69 ? 139 LEU A CA  1 
ATOM   982  C  C   . LEU A 1 130 ? 1.673   11.658  -6.635  1.00 26.61 ? 139 LEU A C   1 
ATOM   983  O  O   . LEU A 1 130 ? 1.192   12.772  -6.420  1.00 27.28 ? 139 LEU A O   1 
ATOM   984  C  CB  . LEU A 1 130 ? 2.079   10.739  -4.367  1.00 26.86 ? 139 LEU A CB  1 
ATOM   985  C  CG  . LEU A 1 130 ? 1.787   9.752   -3.209  1.00 25.80 ? 139 LEU A CG  1 
ATOM   986  C  CD1 . LEU A 1 130 ? 2.524   10.169  -1.942  1.00 23.68 ? 139 LEU A CD1 1 
ATOM   987  C  CD2 . LEU A 1 130 ? 0.254   9.655   -2.959  1.00 24.17 ? 139 LEU A CD2 1 
ATOM   988  N  N   . THR A 1 131 ? 2.559   11.458  -7.620  1.00 24.78 ? 140 THR A N   1 
ATOM   989  C  CA  . THR A 1 131 ? 2.958   12.704  -8.370  1.00 26.91 ? 140 THR A CA  1 
ATOM   990  C  C   . THR A 1 131 ? 2.687   12.579  -9.865  1.00 26.75 ? 140 THR A C   1 
ATOM   991  O  O   . THR A 1 131 ? 2.834   13.571  -10.614 1.00 27.71 ? 140 THR A O   1 
ATOM   992  C  CB  . THR A 1 131 ? 4.475   13.038  -8.215  1.00 26.74 ? 140 THR A CB  1 
ATOM   993  O  OG1 . THR A 1 131 ? 5.254   11.985  -8.825  1.00 28.72 ? 140 THR A OG1 1 
ATOM   994  C  CG2 . THR A 1 131 ? 4.870   13.099  -6.734  1.00 28.38 ? 140 THR A CG2 1 
ATOM   995  N  N   . VAL A 1 132 ? 2.286   11.374  -10.281 1.00 24.90 ? 141 VAL A N   1 
ATOM   996  C  CA  . VAL A 1 132 ? 1.902   11.120  -11.678 1.00 24.67 ? 141 VAL A CA  1 
ATOM   997  C  C   . VAL A 1 132 ? 0.383   10.900  -11.834 1.00 24.45 ? 141 VAL A C   1 
ATOM   998  O  O   . VAL A 1 132 ? -0.299  11.628  -12.560 1.00 23.50 ? 141 VAL A O   1 
ATOM   999  C  CB  . VAL A 1 132 ? 2.778   9.999   -12.253 1.00 23.87 ? 141 VAL A CB  1 
ATOM   1000 C  CG1 . VAL A 1 132 ? 2.383   9.640   -13.737 1.00 25.11 ? 141 VAL A CG1 1 
ATOM   1001 C  CG2 . VAL A 1 132 ? 4.237   10.538  -12.270 1.00 21.36 ? 141 VAL A CG2 1 
ATOM   1002 N  N   . ASN A 1 133 ? -0.122  9.912   -11.128 1.00 25.56 ? 142 ASN A N   1 
ATOM   1003 C  CA  . ASN A 1 133 ? -1.547  9.613   -11.126 1.00 26.29 ? 142 ASN A CA  1 
ATOM   1004 C  C   . ASN A 1 133 ? -2.279  10.803  -10.611 1.00 27.58 ? 142 ASN A C   1 
ATOM   1005 O  O   . ASN A 1 133 ? -1.824  11.427  -9.661  1.00 27.15 ? 142 ASN A O   1 
ATOM   1006 C  CB  . ASN A 1 133 ? -1.861  8.431   -10.230 1.00 24.39 ? 142 ASN A CB  1 
ATOM   1007 C  CG  . ASN A 1 133 ? -3.307  8.003   -10.368 1.00 26.62 ? 142 ASN A CG  1 
ATOM   1008 O  OD1 . ASN A 1 133 ? -3.697  7.486   -11.413 1.00 28.08 ? 142 ASN A OD1 1 
ATOM   1009 N  ND2 . ASN A 1 133 ? -4.098  8.238   -9.357  1.00 24.51 ? 142 ASN A ND2 1 
ATOM   1010 N  N   . HIS A 1 134 ? -3.368  11.176  -11.275 1.00 28.76 ? 143 HIS A N   1 
ATOM   1011 C  CA  . HIS A 1 134 ? -4.086  12.380  -10.934 1.00 32.99 ? 143 HIS A CA  1 
ATOM   1012 C  C   . HIS A 1 134 ? -4.617  12.322  -9.481  1.00 35.58 ? 143 HIS A C   1 
ATOM   1013 O  O   . HIS A 1 134 ? -5.206  11.332  -9.081  1.00 33.41 ? 143 HIS A O   1 
ATOM   1014 C  CB  . HIS A 1 134 ? -5.240  12.594  -11.957 1.00 33.48 ? 143 HIS A CB  1 
ATOM   1015 C  CG  . HIS A 1 134 ? -6.104  13.773  -11.643 1.00 37.01 ? 143 HIS A CG  1 
ATOM   1016 N  ND1 . HIS A 1 134 ? -7.205  13.685  -10.818 1.00 43.40 ? 143 HIS A ND1 1 
ATOM   1017 C  CD2 . HIS A 1 134 ? -5.985  15.084  -11.968 1.00 42.24 ? 143 HIS A CD2 1 
ATOM   1018 C  CE1 . HIS A 1 134 ? -7.739  14.886  -10.660 1.00 42.05 ? 143 HIS A CE1 1 
ATOM   1019 N  NE2 . HIS A 1 134 ? -7.032  15.749  -11.364 1.00 42.86 ? 143 HIS A NE2 1 
ATOM   1020 N  N   . CYS A 1 135 ? -4.414  13.363  -8.677  1.00 40.50 ? 144 CYS A N   1 
ATOM   1021 C  CA  . CYS A 1 135 ? -5.001  13.370  -7.310  1.00 46.30 ? 144 CYS A CA  1 
ATOM   1022 C  C   . CYS A 1 135 ? -5.992  14.504  -7.134  1.00 48.47 ? 144 CYS A C   1 
ATOM   1023 O  O   . CYS A 1 135 ? -5.689  15.641  -7.504  1.00 49.36 ? 144 CYS A O   1 
ATOM   1024 C  CB  . CYS A 1 135 ? -3.926  13.534  -6.246  1.00 47.25 ? 144 CYS A CB  1 
ATOM   1025 S  SG  . CYS A 1 135 ? -2.683  12.183  -6.135  1.00 55.21 ? 144 CYS A SG  1 
ATOM   1026 N  N   . GLN A 1 136 ? -7.162  14.211  -6.554  1.00 51.66 ? 145 GLN A N   1 
ATOM   1027 C  CA  . GLN A 1 136 ? -8.181  15.251  -6.252  1.00 54.70 ? 145 GLN A CA  1 
ATOM   1028 C  C   . GLN A 1 136 ? -7.711  16.329  -5.259  1.00 54.75 ? 145 GLN A C   1 
ATOM   1029 O  O   . GLN A 1 136 ? -8.284  17.432  -5.219  1.00 55.79 ? 145 GLN A O   1 
ATOM   1030 C  CB  . GLN A 1 136 ? -9.469  14.624  -5.732  1.00 54.34 ? 145 GLN A CB  1 
ATOM   1031 C  CG  . GLN A 1 136 ? -9.462  14.314  -4.234  1.00 57.78 ? 145 GLN A CG  1 
ATOM   1032 C  CD  . GLN A 1 136 ? -10.860 14.071  -3.648  1.00 58.81 ? 145 GLN A CD  1 
ATOM   1033 O  OE1 . GLN A 1 136 ? -10.993 13.394  -2.613  1.00 63.60 ? 145 GLN A OE1 1 
ATOM   1034 N  NE2 . GLN A 1 136 ? -11.913 14.632  -4.303  1.00 62.73 ? 145 GLN A NE2 1 
HETATM 1035 O  O   . HOH B 2 .   ? -2.146  13.594  -13.551 1.00 31.27 ? 1   HOH A O   1 
HETATM 1036 O  O   . HOH B 2 .   ? -6.673  1.627   -9.575  1.00 20.87 ? 2   HOH A O   1 
HETATM 1037 O  O   . HOH B 2 .   ? -8.485  2.418   -7.809  1.00 26.55 ? 4   HOH A O   1 
HETATM 1038 O  O   . HOH B 2 .   ? 16.132  1.983   6.518   1.00 29.69 ? 5   HOH A O   1 
HETATM 1039 O  O   . HOH B 2 .   ? -1.001  15.824  -12.232 1.00 52.33 ? 6   HOH A O   1 
HETATM 1040 O  O   . HOH B 2 .   ? -11.002 1.475   -8.701  1.00 31.46 ? 7   HOH A O   1 
HETATM 1041 O  O   . HOH B 2 .   ? 9.595   -8.191  3.819   1.00 39.36 ? 8   HOH A O   1 
HETATM 1042 O  O   . HOH B 2 .   ? 2.402   -1.192  11.576  1.00 38.72 ? 9   HOH A O   1 
HETATM 1043 O  O   . HOH B 2 .   ? -12.959 7.183   -4.165  1.00 33.62 ? 154 HOH A O   1 
HETATM 1044 O  O   . HOH B 2 .   ? -16.458 -4.602  -2.909  1.00 33.59 ? 155 HOH A O   1 
HETATM 1045 O  O   . HOH B 2 .   ? 7.025   8.002   -11.166 1.00 36.78 ? 156 HOH A O   1 
HETATM 1046 O  O   . HOH B 2 .   ? -11.221 1.747   -11.266 1.00 27.23 ? 157 HOH A O   1 
HETATM 1047 O  O   . HOH B 2 .   ? 1.820   5.793   11.728  1.00 34.11 ? 159 HOH A O   1 
HETATM 1048 O  O   . HOH B 2 .   ? 8.231   10.751  -12.233 1.00 42.15 ? 160 HOH A O   1 
HETATM 1049 O  O   . HOH B 2 .   ? 10.054  0.946   12.315  1.00 38.98 ? 161 HOH A O   1 
HETATM 1050 O  O   . HOH B 2 .   ? 19.863  -6.735  -0.152  1.00 43.52 ? 162 HOH A O   1 
HETATM 1051 O  O   . HOH B 2 .   ? -13.179 0.783   -8.094  1.00 36.71 ? 163 HOH A O   1 
HETATM 1052 O  O   . HOH B 2 .   ? -14.048 5.266   2.230   1.00 45.23 ? 164 HOH A O   1 
HETATM 1053 O  O   . HOH B 2 .   ? 12.877  6.065   9.553   1.00 38.80 ? 165 HOH A O   1 
HETATM 1054 O  O   . HOH B 2 .   ? 6.238   -8.786  2.791   1.00 41.48 ? 166 HOH A O   1 
HETATM 1055 O  O   . HOH B 2 .   ? -8.767  7.383   -7.652  1.00 31.34 ? 167 HOH A O   1 
HETATM 1056 O  O   . HOH B 2 .   ? 2.041   -18.990 -10.588 1.00 59.59 ? 168 HOH A O   1 
HETATM 1057 O  O   . HOH B 2 .   ? -7.089  9.993   -10.698 1.00 37.48 ? 169 HOH A O   1 
HETATM 1058 O  O   . HOH B 2 .   ? -2.793  -2.221  19.088  1.00 44.56 ? 170 HOH A O   1 
HETATM 1059 O  O   . HOH B 2 .   ? -15.282 0.022   -6.591  1.00 33.58 ? 171 HOH A O   1 
HETATM 1060 O  O   . HOH B 2 .   ? -7.933  8.460   -5.246  1.00 43.81 ? 172 HOH A O   1 
HETATM 1061 O  O   . HOH B 2 .   ? -14.067 -0.128  6.092   1.00 49.05 ? 173 HOH A O   1 
HETATM 1062 O  O   . HOH B 2 .   ? -4.690  -13.260 2.811   1.00 59.42 ? 174 HOH A O   1 
HETATM 1063 O  O   . HOH B 2 .   ? -0.433  13.919  -9.195  1.00 36.87 ? 175 HOH A O   1 
HETATM 1064 O  O   . HOH B 2 .   ? 3.246   -6.847  7.322   1.00 57.24 ? 176 HOH A O   1 
HETATM 1065 O  O   . HOH B 2 .   ? -15.699 5.620   12.493  1.00 62.71 ? 177 HOH A O   1 
HETATM 1066 O  O   . HOH B 2 .   ? -7.513  11.564  -2.699  1.00 49.18 ? 178 HOH A O   1 
HETATM 1067 O  O   . HOH B 2 .   ? -7.009  7.564   -9.495  1.00 34.34 ? 179 HOH A O   1 
HETATM 1068 O  O   . HOH B 2 .   ? -15.188 2.833   0.516   1.00 48.46 ? 180 HOH A O   1 
HETATM 1069 O  O   . HOH B 2 .   ? 3.860   -3.404  2.386   1.00 43.48 ? 181 HOH A O   1 
HETATM 1070 O  O   . HOH B 2 .   ? -11.390 -8.621  7.724   1.00 52.14 ? 182 HOH A O   1 
HETATM 1071 O  O   . HOH B 2 .   ? -9.204  18.178  -2.749  1.00 62.42 ? 183 HOH A O   1 
HETATM 1072 O  O   . HOH B 2 .   ? -17.840 -3.120  3.855   1.00 55.75 ? 184 HOH A O   1 
HETATM 1073 O  O   . HOH B 2 .   ? -3.742  15.759  -4.619  1.00 80.98 ? 185 HOH A O   1 
HETATM 1074 O  O   . HOH B 2 .   ? 21.144  -4.104  -2.894  1.00 45.77 ? 186 HOH A O   1 
HETATM 1075 O  O   . HOH B 2 .   ? 12.473  4.850   11.949  1.00 37.91 ? 187 HOH A O   1 
HETATM 1076 O  O   . HOH B 2 .   ? -7.603  -12.496 3.095   1.00 66.14 ? 188 HOH A O   1 
HETATM 1077 O  O   . HOH B 2 .   ? 22.146  -0.050  -3.435  1.00 42.53 ? 190 HOH A O   1 
HETATM 1078 O  O   . HOH B 2 .   ? -3.420  15.929  -12.223 1.00 53.22 ? 191 HOH A O   1 
HETATM 1079 O  O   . HOH B 2 .   ? 18.469  9.074   -3.311  1.00 45.06 ? 192 HOH A O   1 
HETATM 1080 O  O   . HOH B 2 .   ? -11.157 8.693   -8.369  1.00 41.52 ? 193 HOH A O   1 
HETATM 1081 O  O   . HOH B 2 .   ? -13.692 10.057  4.608   1.00 48.51 ? 194 HOH A O   1 
HETATM 1082 O  O   . HOH B 2 .   ? -15.300 -0.278  9.571   1.00 41.64 ? 195 HOH A O   1 
HETATM 1083 O  O   . HOH B 2 .   ? 15.112  -0.055  7.617   1.00 36.27 ? 196 HOH A O   1 
HETATM 1084 O  O   . HOH B 2 .   ? -2.361  10.145  6.475   1.00 66.87 ? 197 HOH A O   1 
HETATM 1085 O  O   . HOH B 2 .   ? -4.156  -11.229 4.120   1.00 50.80 ? 198 HOH A O   1 
HETATM 1086 O  O   . HOH B 2 .   ? 4.326   -4.102  13.754  1.00 54.63 ? 199 HOH A O   1 
HETATM 1087 O  O   . HOH B 2 .   ? -3.165  8.377   -6.370  1.00 32.19 ? 200 HOH A O   1 
HETATM 1088 O  O   . HOH B 2 .   ? 16.831  9.190   4.855   1.00 54.61 ? 201 HOH A O   1 
HETATM 1089 O  O   . HOH B 2 .   ? -13.695 7.390   4.685   1.00 44.33 ? 202 HOH A O   1 
HETATM 1090 O  O   . HOH B 2 .   ? 7.823   18.207  -0.432  1.00 59.59 ? 203 HOH A O   1 
HETATM 1091 O  O   . HOH B 2 .   ? 2.400   -14.936 -3.262  1.00 46.06 ? 204 HOH A O   1 
HETATM 1092 O  O   . HOH B 2 .   ? -17.057 -5.669  1.951   1.00 46.16 ? 205 HOH A O   1 
HETATM 1093 O  O   . HOH B 2 .   ? -8.132  12.027  -6.597  1.00 56.92 ? 206 HOH A O   1 
HETATM 1094 O  O   . HOH B 2 .   ? -10.038 -2.474  -9.629  1.00 42.77 ? 207 HOH A O   1 
HETATM 1095 O  O   . HOH B 2 .   ? -7.813  -0.799  -10.785 0.50 26.89 ? 208 HOH A O   1 
HETATM 1096 O  O   . HOH B 2 .   ? -5.187  15.058  -2.232  1.00 47.88 ? 209 HOH A O   1 
HETATM 1097 O  O   . HOH B 2 .   ? -7.514  13.971  5.466   1.00 68.61 ? 210 HOH A O   1 
HETATM 1098 O  O   . HOH B 2 .   ? 18.293  4.128   13.119  1.00 51.83 ? 211 HOH A O   1 
HETATM 1099 O  O   . HOH B 2 .   ? 1.554   -1.267  16.343  1.00 50.47 ? 212 HOH A O   1 
HETATM 1100 O  O   . HOH B 2 .   ? -13.113 -11.031 1.594   1.00 55.80 ? 213 HOH A O   1 
HETATM 1101 O  O   . HOH B 2 .   ? -11.951 -9.465  -1.637  1.00 47.44 ? 214 HOH A O   1 
HETATM 1102 O  O   . HOH B 2 .   ? -9.787  11.012  -8.676  1.00 43.28 ? 215 HOH A O   1 
HETATM 1103 O  O   . HOH B 2 .   ? -18.507 9.035   -1.012  1.00 52.73 ? 216 HOH A O   1 
HETATM 1104 O  O   . HOH B 2 .   ? -18.457 4.932   -8.990  1.00 53.68 ? 217 HOH A O   1 
HETATM 1105 O  O   . HOH B 2 .   ? -19.329 -7.764  0.010   1.00 67.13 ? 218 HOH A O   1 
HETATM 1106 O  O   . HOH B 2 .   ? -5.536  9.486   -5.528  1.00 48.13 ? 219 HOH A O   1 
HETATM 1107 O  O   . HOH B 2 .   ? -13.383 11.991  -0.837  1.00 55.02 ? 220 HOH A O   1 
HETATM 1108 O  O   . HOH B 2 .   ? -10.639 12.769  4.757   1.00 49.61 ? 221 HOH A O   1 
# 
